data_1NCP
# 
_entry.id   1NCP 
# 
_audit_conform.dict_name       mmcif_pdbx.dic 
_audit_conform.dict_version    5.391 
_audit_conform.dict_location   http://mmcif.pdb.org/dictionaries/ascii/mmcif_pdbx.dic 
# 
loop_
_database_2.database_id 
_database_2.database_code 
_database_2.pdbx_database_accession 
_database_2.pdbx_DOI 
PDB   1NCP         pdb_00001ncp 10.2210/pdb1ncp/pdb 
WWPDB D_1000175235 ?            ?                   
# 
loop_
_pdbx_audit_revision_history.ordinal 
_pdbx_audit_revision_history.data_content_type 
_pdbx_audit_revision_history.major_revision 
_pdbx_audit_revision_history.minor_revision 
_pdbx_audit_revision_history.revision_date 
1 'Structure model' 1 0 1993-10-31 
2 'Structure model' 1 1 2008-03-24 
3 'Structure model' 1 2 2011-07-13 
4 'Structure model' 1 3 2018-07-04 
5 'Structure model' 1 4 2024-05-01 
# 
_pdbx_audit_revision_details.ordinal             1 
_pdbx_audit_revision_details.revision_ordinal    1 
_pdbx_audit_revision_details.data_content_type   'Structure model' 
_pdbx_audit_revision_details.provider            repository 
_pdbx_audit_revision_details.type                'Initial release' 
_pdbx_audit_revision_details.description         ? 
_pdbx_audit_revision_details.details             ? 
# 
loop_
_pdbx_audit_revision_group.ordinal 
_pdbx_audit_revision_group.revision_ordinal 
_pdbx_audit_revision_group.data_content_type 
_pdbx_audit_revision_group.group 
1 2 'Structure model' 'Version format compliance' 
2 3 'Structure model' 'Version format compliance' 
3 4 'Structure model' Advisory                    
4 4 'Structure model' 'Data collection'           
5 4 'Structure model' 'Derived calculations'      
6 4 'Structure model' Other                       
7 5 'Structure model' 'Data collection'           
8 5 'Structure model' 'Database references'       
9 5 'Structure model' 'Derived calculations'      
# 
loop_
_pdbx_audit_revision_category.ordinal 
_pdbx_audit_revision_category.revision_ordinal 
_pdbx_audit_revision_category.data_content_type 
_pdbx_audit_revision_category.category 
1  4 'Structure model' pdbx_database_status        
2  4 'Structure model' pdbx_struct_assembly        
3  4 'Structure model' pdbx_struct_oper_list       
4  4 'Structure model' pdbx_validate_close_contact 
5  4 'Structure model' struct_conn                 
6  4 'Structure model' struct_conn_type            
7  5 'Structure model' chem_comp_atom              
8  5 'Structure model' chem_comp_bond              
9  5 'Structure model' database_2                  
10 5 'Structure model' pdbx_struct_conn_angle      
11 5 'Structure model' struct_conn                 
12 5 'Structure model' struct_site                 
# 
loop_
_pdbx_audit_revision_item.ordinal 
_pdbx_audit_revision_item.revision_ordinal 
_pdbx_audit_revision_item.data_content_type 
_pdbx_audit_revision_item.item 
1  4 'Structure model' '_pdbx_database_status.process_site'          
2  5 'Structure model' '_database_2.pdbx_DOI'                        
3  5 'Structure model' '_database_2.pdbx_database_accession'         
4  5 'Structure model' '_pdbx_struct_conn_angle.ptnr1_auth_asym_id'  
5  5 'Structure model' '_pdbx_struct_conn_angle.ptnr1_auth_comp_id'  
6  5 'Structure model' '_pdbx_struct_conn_angle.ptnr1_auth_seq_id'   
7  5 'Structure model' '_pdbx_struct_conn_angle.ptnr1_label_asym_id' 
8  5 'Structure model' '_pdbx_struct_conn_angle.ptnr1_label_atom_id' 
9  5 'Structure model' '_pdbx_struct_conn_angle.ptnr1_label_comp_id' 
10 5 'Structure model' '_pdbx_struct_conn_angle.ptnr1_label_seq_id'  
11 5 'Structure model' '_pdbx_struct_conn_angle.ptnr2_auth_asym_id'  
12 5 'Structure model' '_pdbx_struct_conn_angle.ptnr2_auth_seq_id'   
13 5 'Structure model' '_pdbx_struct_conn_angle.ptnr2_label_asym_id' 
14 5 'Structure model' '_pdbx_struct_conn_angle.ptnr3_auth_asym_id'  
15 5 'Structure model' '_pdbx_struct_conn_angle.ptnr3_auth_comp_id'  
16 5 'Structure model' '_pdbx_struct_conn_angle.ptnr3_auth_seq_id'   
17 5 'Structure model' '_pdbx_struct_conn_angle.ptnr3_label_asym_id' 
18 5 'Structure model' '_pdbx_struct_conn_angle.ptnr3_label_atom_id' 
19 5 'Structure model' '_pdbx_struct_conn_angle.ptnr3_label_comp_id' 
20 5 'Structure model' '_pdbx_struct_conn_angle.ptnr3_label_seq_id'  
21 5 'Structure model' '_pdbx_struct_conn_angle.value'               
22 5 'Structure model' '_struct_conn.pdbx_dist_value'                
23 5 'Structure model' '_struct_conn.ptnr1_auth_asym_id'             
24 5 'Structure model' '_struct_conn.ptnr1_auth_comp_id'             
25 5 'Structure model' '_struct_conn.ptnr1_auth_seq_id'              
26 5 'Structure model' '_struct_conn.ptnr1_label_asym_id'            
27 5 'Structure model' '_struct_conn.ptnr1_label_atom_id'            
28 5 'Structure model' '_struct_conn.ptnr1_label_comp_id'            
29 5 'Structure model' '_struct_conn.ptnr1_label_seq_id'             
30 5 'Structure model' '_struct_conn.ptnr2_auth_asym_id'             
31 5 'Structure model' '_struct_conn.ptnr2_auth_comp_id'             
32 5 'Structure model' '_struct_conn.ptnr2_auth_seq_id'              
33 5 'Structure model' '_struct_conn.ptnr2_label_asym_id'            
34 5 'Structure model' '_struct_conn.ptnr2_label_atom_id'            
35 5 'Structure model' '_struct_conn.ptnr2_label_comp_id'            
36 5 'Structure model' '_struct_conn.ptnr2_label_seq_id'             
37 5 'Structure model' '_struct_site.pdbx_auth_asym_id'              
38 5 'Structure model' '_struct_site.pdbx_auth_comp_id'              
39 5 'Structure model' '_struct_site.pdbx_auth_seq_id'               
# 
_pdbx_database_status.status_code                     REL 
_pdbx_database_status.entry_id                        1NCP 
_pdbx_database_status.recvd_initial_deposition_date   1991-11-27 
_pdbx_database_status.deposit_site                    ? 
_pdbx_database_status.process_site                    BNL 
_pdbx_database_status.SG_entry                        . 
_pdbx_database_status.pdb_format_compatible           Y 
_pdbx_database_status.status_code_mr                  ? 
_pdbx_database_status.status_code_sf                  ? 
_pdbx_database_status.status_code_cs                  ? 
_pdbx_database_status.methods_development_category    ? 
_pdbx_database_status.status_code_nmr_data            ? 
# 
loop_
_audit_author.name 
_audit_author.pdbx_ordinal 
'Clore, G.M.'      1 
'Omichinski, J.G.' 2 
'Gronenborn, A.M.' 3 
# 
_citation.id                        primary 
_citation.title                     
;Structural characterization of a 39-residue synthetic peptide containing the two zinc binding domains from the HIV-1 p7 nucleocapsid protein by CD and NMR spectroscopy.
;
_citation.journal_abbrev            'FEBS Lett.' 
_citation.journal_volume            292 
_citation.page_first                25 
_citation.page_last                 30 
_citation.year                      1991 
_citation.journal_id_ASTM           FEBLAL 
_citation.country                   NE 
_citation.journal_id_ISSN           0014-5793 
_citation.journal_id_CSD            0165 
_citation.book_publisher            ? 
_citation.pdbx_database_id_PubMed   1959614 
_citation.pdbx_database_id_DOI      '10.1016/0014-5793(91)80825-N' 
# 
loop_
_citation_author.citation_id 
_citation_author.name 
_citation_author.ordinal 
_citation_author.identifier_ORCID 
primary 'Omichinski, J.G.' 1 ? 
primary 'Clore, G.M.'      2 ? 
primary 'Sakaguchi, K.'    3 ? 
primary 'Appella, E.'      4 ? 
primary 'Gronenborn, A.M.' 5 ? 
# 
loop_
_entity.id 
_entity.type 
_entity.src_method 
_entity.pdbx_description 
_entity.formula_weight 
_entity.pdbx_number_of_molecules 
_entity.pdbx_ec 
_entity.pdbx_mutation 
_entity.pdbx_fragment 
_entity.details 
1 polymer     man 'HIV-1 P7 NUCLEOCAPSID PROTEIN' 1928.247 1 ? ? ? ? 
2 polymer     man 'HIV-1 P7 NUCLEOCAPSID PROTEIN' 2073.419 1 ? ? ? ? 
3 non-polymer syn 'ZINC ION'                      65.409   2 ? ? ? ? 
# 
loop_
_entity_poly.entity_id 
_entity_poly.type 
_entity_poly.nstd_linkage 
_entity_poly.nstd_monomer 
_entity_poly.pdbx_seq_one_letter_code 
_entity_poly.pdbx_seq_one_letter_code_can 
_entity_poly.pdbx_strand_id 
_entity_poly.pdbx_target_identifier 
1 'polypeptide(L)' no no VKCFNCGKEGHTARNCR  VKCFNCGKEGHTARNCR  N ? 
2 'polypeptide(L)' no no KGCWKCGKEGHQMKDCTE KGCWKCGKEGHQMKDCTE C ? 
# 
_pdbx_entity_nonpoly.entity_id   3 
_pdbx_entity_nonpoly.name        'ZINC ION' 
_pdbx_entity_nonpoly.comp_id     ZN 
# 
loop_
_entity_poly_seq.entity_id 
_entity_poly_seq.num 
_entity_poly_seq.mon_id 
_entity_poly_seq.hetero 
1 1  VAL n 
1 2  LYS n 
1 3  CYS n 
1 4  PHE n 
1 5  ASN n 
1 6  CYS n 
1 7  GLY n 
1 8  LYS n 
1 9  GLU n 
1 10 GLY n 
1 11 HIS n 
1 12 THR n 
1 13 ALA n 
1 14 ARG n 
1 15 ASN n 
1 16 CYS n 
1 17 ARG n 
2 1  LYS n 
2 2  GLY n 
2 3  CYS n 
2 4  TRP n 
2 5  LYS n 
2 6  CYS n 
2 7  GLY n 
2 8  LYS n 
2 9  GLU n 
2 10 GLY n 
2 11 HIS n 
2 12 GLN n 
2 13 MET n 
2 14 LYS n 
2 15 ASP n 
2 16 CYS n 
2 17 THR n 
2 18 GLU n 
# 
loop_
_entity_src_gen.entity_id 
_entity_src_gen.pdbx_src_id 
_entity_src_gen.pdbx_alt_source_flag 
_entity_src_gen.pdbx_seq_type 
_entity_src_gen.pdbx_beg_seq_num 
_entity_src_gen.pdbx_end_seq_num 
_entity_src_gen.gene_src_common_name 
_entity_src_gen.gene_src_genus 
_entity_src_gen.pdbx_gene_src_gene 
_entity_src_gen.gene_src_species 
_entity_src_gen.gene_src_strain 
_entity_src_gen.gene_src_tissue 
_entity_src_gen.gene_src_tissue_fraction 
_entity_src_gen.gene_src_details 
_entity_src_gen.pdbx_gene_src_fragment 
_entity_src_gen.pdbx_gene_src_scientific_name 
_entity_src_gen.pdbx_gene_src_ncbi_taxonomy_id 
_entity_src_gen.pdbx_gene_src_variant 
_entity_src_gen.pdbx_gene_src_cell_line 
_entity_src_gen.pdbx_gene_src_atcc 
_entity_src_gen.pdbx_gene_src_organ 
_entity_src_gen.pdbx_gene_src_organelle 
_entity_src_gen.pdbx_gene_src_cell 
_entity_src_gen.pdbx_gene_src_cellular_location 
_entity_src_gen.host_org_common_name 
_entity_src_gen.pdbx_host_org_scientific_name 
_entity_src_gen.pdbx_host_org_ncbi_taxonomy_id 
_entity_src_gen.host_org_genus 
_entity_src_gen.pdbx_host_org_gene 
_entity_src_gen.pdbx_host_org_organ 
_entity_src_gen.host_org_species 
_entity_src_gen.pdbx_host_org_tissue 
_entity_src_gen.pdbx_host_org_tissue_fraction 
_entity_src_gen.pdbx_host_org_strain 
_entity_src_gen.pdbx_host_org_variant 
_entity_src_gen.pdbx_host_org_cell_line 
_entity_src_gen.pdbx_host_org_atcc 
_entity_src_gen.pdbx_host_org_culture_collection 
_entity_src_gen.pdbx_host_org_cell 
_entity_src_gen.pdbx_host_org_organelle 
_entity_src_gen.pdbx_host_org_cellular_location 
_entity_src_gen.pdbx_host_org_vector_type 
_entity_src_gen.pdbx_host_org_vector 
_entity_src_gen.host_org_details 
_entity_src_gen.expression_system_id 
_entity_src_gen.plasmid_name 
_entity_src_gen.plasmid_details 
_entity_src_gen.pdbx_description 
1 1 sample ? ? ? ? Lentivirus ? ? ? ? ? ? ? 'Human immunodeficiency virus 1' 11676 ? ? ? ? ? ? ? ? ? ? ? ? ? ? ? ? ? ? ? ? ? ? ? ? 
? ? ? ? ? ? ? 
2 1 sample ? ? ? ? Lentivirus ? ? ? ? ? ? ? 'Human immunodeficiency virus 1' 11676 ? ? ? ? ? ? ? ? ? ? ? ? ? ? ? ? ? ? ? ? ? ? ? ? 
? ? ? ? ? ? ? 
# 
loop_
_chem_comp.id 
_chem_comp.type 
_chem_comp.mon_nstd_flag 
_chem_comp.name 
_chem_comp.pdbx_synonyms 
_chem_comp.formula 
_chem_comp.formula_weight 
ALA 'L-peptide linking' y ALANINE         ? 'C3 H7 N O2'     89.093  
ARG 'L-peptide linking' y ARGININE        ? 'C6 H15 N4 O2 1' 175.209 
ASN 'L-peptide linking' y ASPARAGINE      ? 'C4 H8 N2 O3'    132.118 
ASP 'L-peptide linking' y 'ASPARTIC ACID' ? 'C4 H7 N O4'     133.103 
CYS 'L-peptide linking' y CYSTEINE        ? 'C3 H7 N O2 S'   121.158 
GLN 'L-peptide linking' y GLUTAMINE       ? 'C5 H10 N2 O3'   146.144 
GLU 'L-peptide linking' y 'GLUTAMIC ACID' ? 'C5 H9 N O4'     147.129 
GLY 'peptide linking'   y GLYCINE         ? 'C2 H5 N O2'     75.067  
HIS 'L-peptide linking' y HISTIDINE       ? 'C6 H10 N3 O2 1' 156.162 
LYS 'L-peptide linking' y LYSINE          ? 'C6 H15 N2 O2 1' 147.195 
MET 'L-peptide linking' y METHIONINE      ? 'C5 H11 N O2 S'  149.211 
PHE 'L-peptide linking' y PHENYLALANINE   ? 'C9 H11 N O2'    165.189 
THR 'L-peptide linking' y THREONINE       ? 'C4 H9 N O3'     119.119 
TRP 'L-peptide linking' y TRYPTOPHAN      ? 'C11 H12 N2 O2'  204.225 
VAL 'L-peptide linking' y VALINE          ? 'C5 H11 N O2'    117.146 
ZN  non-polymer         . 'ZINC ION'      ? 'Zn 2'           65.409  
# 
loop_
_pdbx_poly_seq_scheme.asym_id 
_pdbx_poly_seq_scheme.entity_id 
_pdbx_poly_seq_scheme.seq_id 
_pdbx_poly_seq_scheme.mon_id 
_pdbx_poly_seq_scheme.ndb_seq_num 
_pdbx_poly_seq_scheme.pdb_seq_num 
_pdbx_poly_seq_scheme.auth_seq_num 
_pdbx_poly_seq_scheme.pdb_mon_id 
_pdbx_poly_seq_scheme.auth_mon_id 
_pdbx_poly_seq_scheme.pdb_strand_id 
_pdbx_poly_seq_scheme.pdb_ins_code 
_pdbx_poly_seq_scheme.hetero 
A 1 1  VAL 1  1  1  VAL VAL N . n 
A 1 2  LYS 2  2  2  LYS LYS N . n 
A 1 3  CYS 3  3  3  CYS CYS N . n 
A 1 4  PHE 4  4  4  PHE PHE N . n 
A 1 5  ASN 5  5  5  ASN ASN N . n 
A 1 6  CYS 6  6  6  CYS CYS N . n 
A 1 7  GLY 7  7  7  GLY GLY N . n 
A 1 8  LYS 8  8  8  LYS LYS N . n 
A 1 9  GLU 9  9  9  GLU GLU N . n 
A 1 10 GLY 10 10 10 GLY GLY N . n 
A 1 11 HIS 11 11 11 HIS HIS N . n 
A 1 12 THR 12 12 12 THR THR N . n 
A 1 13 ALA 13 13 13 ALA ALA N . n 
A 1 14 ARG 14 14 14 ARG ARG N . n 
A 1 15 ASN 15 15 15 ASN ASN N . n 
A 1 16 CYS 16 16 16 CYS CYS N . n 
A 1 17 ARG 17 17 17 ARG ARG N . n 
B 2 1  LYS 1  22 22 LYS LYS C . n 
B 2 2  GLY 2  23 23 GLY GLY C . n 
B 2 3  CYS 3  24 24 CYS CYS C . n 
B 2 4  TRP 4  25 25 TRP TRP C . n 
B 2 5  LYS 5  26 26 LYS LYS C . n 
B 2 6  CYS 6  27 27 CYS CYS C . n 
B 2 7  GLY 7  28 28 GLY GLY C . n 
B 2 8  LYS 8  29 29 LYS LYS C . n 
B 2 9  GLU 9  30 30 GLU GLU C . n 
B 2 10 GLY 10 31 31 GLY GLY C . n 
B 2 11 HIS 11 32 32 HIS HIS C . n 
B 2 12 GLN 12 33 33 GLN GLN C . n 
B 2 13 MET 13 34 34 MET MET C . n 
B 2 14 LYS 14 35 35 LYS LYS C . n 
B 2 15 ASP 15 36 36 ASP ASP C . n 
B 2 16 CYS 16 37 37 CYS CYS C . n 
B 2 17 THR 17 38 38 THR THR C . n 
B 2 18 GLU 18 39 39 GLU GLU C . n 
# 
loop_
_pdbx_nonpoly_scheme.asym_id 
_pdbx_nonpoly_scheme.entity_id 
_pdbx_nonpoly_scheme.mon_id 
_pdbx_nonpoly_scheme.ndb_seq_num 
_pdbx_nonpoly_scheme.pdb_seq_num 
_pdbx_nonpoly_scheme.auth_seq_num 
_pdbx_nonpoly_scheme.pdb_mon_id 
_pdbx_nonpoly_scheme.auth_mon_id 
_pdbx_nonpoly_scheme.pdb_strand_id 
_pdbx_nonpoly_scheme.pdb_ins_code 
C 3 ZN 1 60 60 ZN ZN N . 
D 3 ZN 1 61 61 ZN ZN C . 
# 
_cell.entry_id           1NCP 
_cell.length_a           1.000 
_cell.length_b           1.000 
_cell.length_c           1.000 
_cell.angle_alpha        90.00 
_cell.angle_beta         90.00 
_cell.angle_gamma        90.00 
_cell.Z_PDB              1 
_cell.pdbx_unique_axis   ? 
# 
_symmetry.entry_id                         1NCP 
_symmetry.space_group_name_H-M             'P 1' 
_symmetry.pdbx_full_space_group_name_H-M   ? 
_symmetry.cell_setting                     ? 
_symmetry.Int_Tables_number                1 
# 
_exptl.entry_id          1NCP 
_exptl.method            'SOLUTION NMR' 
_exptl.crystals_number   ? 
# 
_struct.entry_id                  1NCP 
_struct.title                     
;STRUCTURAL CHARACTERIZATION OF A 39 RESIDUE SYNTHETIC PEPTIDE CONTAINING THE TWO ZINC BINDING DOMAINS FROM THE HIV-1 P7 NUCLEOCAPSID PROTEIN BY CD AND NMR SPECTROSCOPY
;
_struct.pdbx_model_details        ? 
_struct.pdbx_CASP_flag            ? 
_struct.pdbx_model_type_details   ? 
# 
_struct_keywords.entry_id        1NCP 
_struct_keywords.pdbx_keywords   'VIRAL PROTEIN' 
_struct_keywords.text            'NUCLEOCAPSID PROTEIN, Viral protein' 
# 
loop_
_struct_asym.id 
_struct_asym.pdbx_blank_PDB_chainid_flag 
_struct_asym.pdbx_modified 
_struct_asym.entity_id 
_struct_asym.details 
A N N 1 ? 
B N N 2 ? 
C N N 3 ? 
D N N 3 ? 
# 
loop_
_struct_ref.id 
_struct_ref.db_name 
_struct_ref.db_code 
_struct_ref.entity_id 
_struct_ref.pdbx_db_accession 
_struct_ref.pdbx_align_begin 
_struct_ref.pdbx_seq_one_letter_code 
_struct_ref.pdbx_db_isoform 
1 UNP POL_HV1H2 1 P04585 1 
;GARASVLSGGELDRWEKIRLRPGGKKKYKLKHIVWASRELERFAVNPGLLETSEGCRQILGQLQPSLQTGSEELRSLYNT
VATLYCVHQRIEIKDTKEALDKIEEEQNKSKKKAQQAAADTGHSSQVSQNYPIVQNIQGQMVHQAISPRTLNAWVKVVEE
KAFSPEVIPMFSALSEGATPQDLNTMLNTVGGHQAAMQMLKETINEEAAEWDRVHPVHAGPIAPGQMREPRGSDIAGTTS
TLQEQIGWMTNNPPIPVGEIYKRWIILGLNKIVRMYSPTSILDIRQGPKEPFRDYLDRFYKTLRAEQASQEVKNWMTETL
LVQNANPDCKTILKALGPAATLEEMMTACQGVGGPGHKARVLAEAMSQVTNTATIMMQRGNFRNQRKMVKCFNCGKEGHT
ARNCRAPRKKGCWKCGKEGHQMKDCTERQANFLGKIWPSYKGRPGNFLQSRPEPTAPPFLQSRPEPTAPPEESFRSGVET
TTPPQKQEPIDKELYPLTSLRSLFGNDPSSQ
;
? 
2 UNP POL_HV1U4 2 P24740 1 
;GARASVLSAGELDKWEKIRLRPGGKKQYRLKHIVWASRELERFAVDPGLLETSEGCRQILGQLQPSLQTGSEELRSLYNT
VATLYCVHQKIEVKDTKEALEKIEEEQNKSKKKAQQAAADTGNSSQVSQNYPIVQNLQGQMVHQAISPRTLNAWVKVVEE
KAFSPEVIPMFSALSEGATPQDLNTMLNTVGGHQAAMQMLKETINEEAAEWDRLHPVHAGPIAPGQMREPRGSDIAGTTS
TLQEQIGWMTNNPPIPVGEIYKRWIILGLNKIVRMYSPTSILDIRQGPKEPFRDYVDRFYKTLRAEQASQEVKNWMTETL
LVQNANPDCKTILKALGPAATLEEMMTACQGVGGPGHKARVLAEAMSQVTNSATIMMQRGNFRNQRKTVKCFNCGKEGHI
AKNCRAPRKKGCWKCGKEGHQMKDCTERQANFLGKIWPSHKGRPGNFLQSRPEPTAPSEESVRFGEETTTPSQKQEPIDK
ELYPLASLRSLFGSDPSSQ
;
? 
# 
loop_
_struct_ref_seq.align_id 
_struct_ref_seq.ref_id 
_struct_ref_seq.pdbx_PDB_id_code 
_struct_ref_seq.pdbx_strand_id 
_struct_ref_seq.seq_align_beg 
_struct_ref_seq.pdbx_seq_align_beg_ins_code 
_struct_ref_seq.seq_align_end 
_struct_ref_seq.pdbx_seq_align_end_ins_code 
_struct_ref_seq.pdbx_db_accession 
_struct_ref_seq.db_align_beg 
_struct_ref_seq.pdbx_db_align_beg_ins_code 
_struct_ref_seq.db_align_end 
_struct_ref_seq.pdbx_db_align_end_ins_code 
_struct_ref_seq.pdbx_auth_seq_align_beg 
_struct_ref_seq.pdbx_auth_seq_align_end 
1 1 1NCP N 1 ? 17 ? P04585 389 ? 405 ? 1  17 
2 2 1NCP C 1 ? 18 ? P24740 410 ? 427 ? 22 39 
# 
_pdbx_struct_assembly.id                   1 
_pdbx_struct_assembly.details              author_defined_assembly 
_pdbx_struct_assembly.method_details       ? 
_pdbx_struct_assembly.oligomeric_details   dimeric 
_pdbx_struct_assembly.oligomeric_count     2 
# 
_pdbx_struct_assembly_gen.assembly_id       1 
_pdbx_struct_assembly_gen.oper_expression   1 
_pdbx_struct_assembly_gen.asym_id_list      A,B,C,D 
# 
_pdbx_struct_oper_list.id                   1 
_pdbx_struct_oper_list.type                 'identity operation' 
_pdbx_struct_oper_list.name                 1_555 
_pdbx_struct_oper_list.symmetry_operation   ? 
_pdbx_struct_oper_list.matrix[1][1]         1.0000000000 
_pdbx_struct_oper_list.matrix[1][2]         0.0000000000 
_pdbx_struct_oper_list.matrix[1][3]         0.0000000000 
_pdbx_struct_oper_list.vector[1]            0.0000000000 
_pdbx_struct_oper_list.matrix[2][1]         0.0000000000 
_pdbx_struct_oper_list.matrix[2][2]         1.0000000000 
_pdbx_struct_oper_list.matrix[2][3]         0.0000000000 
_pdbx_struct_oper_list.vector[2]            0.0000000000 
_pdbx_struct_oper_list.matrix[3][1]         0.0000000000 
_pdbx_struct_oper_list.matrix[3][2]         0.0000000000 
_pdbx_struct_oper_list.matrix[3][3]         1.0000000000 
_pdbx_struct_oper_list.vector[3]            0.0000000000 
# 
loop_
_struct_conn.id 
_struct_conn.conn_type_id 
_struct_conn.pdbx_leaving_atom_flag 
_struct_conn.pdbx_PDB_id 
_struct_conn.ptnr1_label_asym_id 
_struct_conn.ptnr1_label_comp_id 
_struct_conn.ptnr1_label_seq_id 
_struct_conn.ptnr1_label_atom_id 
_struct_conn.pdbx_ptnr1_label_alt_id 
_struct_conn.pdbx_ptnr1_PDB_ins_code 
_struct_conn.pdbx_ptnr1_standard_comp_id 
_struct_conn.ptnr1_symmetry 
_struct_conn.ptnr2_label_asym_id 
_struct_conn.ptnr2_label_comp_id 
_struct_conn.ptnr2_label_seq_id 
_struct_conn.ptnr2_label_atom_id 
_struct_conn.pdbx_ptnr2_label_alt_id 
_struct_conn.pdbx_ptnr2_PDB_ins_code 
_struct_conn.ptnr1_auth_asym_id 
_struct_conn.ptnr1_auth_comp_id 
_struct_conn.ptnr1_auth_seq_id 
_struct_conn.ptnr2_auth_asym_id 
_struct_conn.ptnr2_auth_comp_id 
_struct_conn.ptnr2_auth_seq_id 
_struct_conn.ptnr2_symmetry 
_struct_conn.pdbx_ptnr3_label_atom_id 
_struct_conn.pdbx_ptnr3_label_seq_id 
_struct_conn.pdbx_ptnr3_label_comp_id 
_struct_conn.pdbx_ptnr3_label_asym_id 
_struct_conn.pdbx_ptnr3_label_alt_id 
_struct_conn.pdbx_ptnr3_PDB_ins_code 
_struct_conn.details 
_struct_conn.pdbx_dist_value 
_struct_conn.pdbx_value_order 
_struct_conn.pdbx_role 
metalc1  metalc ? ? A CYS 3  SG  ? ? ? 1_555 C ZN  .  ZN  ? ? N CYS 3  N ZN  60 1_555 ? ? ? ? ? ? ? 2.297 ? ? 
metalc2  metalc ? ? A CYS 3  SG  ? ? ? 1_555 D ZN  .  ZN  ? ? N CYS 3  C ZN  61 1_555 ? ? ? ? ? ? ? 2.418 ? ? 
metalc3  metalc ? ? A CYS 6  SG  ? ? ? 1_555 C ZN  .  ZN  ? ? N CYS 6  N ZN  60 1_555 ? ? ? ? ? ? ? 2.301 ? ? 
metalc4  metalc ? ? A CYS 6  SG  ? ? ? 1_555 D ZN  .  ZN  ? ? N CYS 6  C ZN  61 1_555 ? ? ? ? ? ? ? 2.451 ? ? 
metalc5  metalc ? ? A HIS 11 NE2 ? ? ? 1_555 C ZN  .  ZN  ? ? N HIS 11 N ZN  60 1_555 ? ? ? ? ? ? ? 2.002 ? ? 
metalc6  metalc ? ? A HIS 11 NE2 ? ? ? 1_555 D ZN  .  ZN  ? ? N HIS 11 C ZN  61 1_555 ? ? ? ? ? ? ? 2.101 ? ? 
metalc7  metalc ? ? A CYS 16 SG  ? ? ? 1_555 C ZN  .  ZN  ? ? N CYS 16 N ZN  60 1_555 ? ? ? ? ? ? ? 2.299 ? ? 
metalc8  metalc ? ? A CYS 16 SG  ? ? ? 1_555 D ZN  .  ZN  ? ? N CYS 16 C ZN  61 1_555 ? ? ? ? ? ? ? 1.984 ? ? 
metalc9  metalc ? ? C ZN  .  ZN  ? ? ? 1_555 B CYS 3  SG  ? ? N ZN  60 C CYS 24 1_555 ? ? ? ? ? ? ? 2.185 ? ? 
metalc10 metalc ? ? C ZN  .  ZN  ? ? ? 1_555 B CYS 6  SG  ? ? N ZN  60 C CYS 27 1_555 ? ? ? ? ? ? ? 2.197 ? ? 
metalc11 metalc ? ? C ZN  .  ZN  ? ? ? 1_555 B HIS 11 NE2 ? ? N ZN  60 C HIS 32 1_555 ? ? ? ? ? ? ? 1.943 ? ? 
metalc12 metalc ? ? C ZN  .  ZN  ? ? ? 1_555 B CYS 16 SG  ? ? N ZN  60 C CYS 37 1_555 ? ? ? ? ? ? ? 2.617 ? ? 
metalc13 metalc ? ? B CYS 3  SG  ? ? ? 1_555 D ZN  .  ZN  ? ? C CYS 24 C ZN  61 1_555 ? ? ? ? ? ? ? 2.288 ? ? 
metalc14 metalc ? ? B CYS 6  SG  ? ? ? 1_555 D ZN  .  ZN  ? ? C CYS 27 C ZN  61 1_555 ? ? ? ? ? ? ? 2.300 ? ? 
metalc15 metalc ? ? B HIS 11 NE2 ? ? ? 1_555 D ZN  .  ZN  ? ? C HIS 32 C ZN  61 1_555 ? ? ? ? ? ? ? 2.000 ? ? 
metalc16 metalc ? ? B CYS 16 SG  ? ? ? 1_555 D ZN  .  ZN  ? ? C CYS 37 C ZN  61 1_555 ? ? ? ? ? ? ? 2.301 ? ? 
# 
_struct_conn_type.id          metalc 
_struct_conn_type.criteria    ? 
_struct_conn_type.reference   ? 
# 
loop_
_pdbx_struct_conn_angle.id 
_pdbx_struct_conn_angle.ptnr1_label_atom_id 
_pdbx_struct_conn_angle.ptnr1_label_alt_id 
_pdbx_struct_conn_angle.ptnr1_label_asym_id 
_pdbx_struct_conn_angle.ptnr1_label_comp_id 
_pdbx_struct_conn_angle.ptnr1_label_seq_id 
_pdbx_struct_conn_angle.ptnr1_auth_atom_id 
_pdbx_struct_conn_angle.ptnr1_auth_asym_id 
_pdbx_struct_conn_angle.ptnr1_auth_comp_id 
_pdbx_struct_conn_angle.ptnr1_auth_seq_id 
_pdbx_struct_conn_angle.ptnr1_PDB_ins_code 
_pdbx_struct_conn_angle.ptnr1_symmetry 
_pdbx_struct_conn_angle.ptnr2_label_atom_id 
_pdbx_struct_conn_angle.ptnr2_label_alt_id 
_pdbx_struct_conn_angle.ptnr2_label_asym_id 
_pdbx_struct_conn_angle.ptnr2_label_comp_id 
_pdbx_struct_conn_angle.ptnr2_label_seq_id 
_pdbx_struct_conn_angle.ptnr2_auth_atom_id 
_pdbx_struct_conn_angle.ptnr2_auth_asym_id 
_pdbx_struct_conn_angle.ptnr2_auth_comp_id 
_pdbx_struct_conn_angle.ptnr2_auth_seq_id 
_pdbx_struct_conn_angle.ptnr2_PDB_ins_code 
_pdbx_struct_conn_angle.ptnr2_symmetry 
_pdbx_struct_conn_angle.ptnr3_label_atom_id 
_pdbx_struct_conn_angle.ptnr3_label_alt_id 
_pdbx_struct_conn_angle.ptnr3_label_asym_id 
_pdbx_struct_conn_angle.ptnr3_label_comp_id 
_pdbx_struct_conn_angle.ptnr3_label_seq_id 
_pdbx_struct_conn_angle.ptnr3_auth_atom_id 
_pdbx_struct_conn_angle.ptnr3_auth_asym_id 
_pdbx_struct_conn_angle.ptnr3_auth_comp_id 
_pdbx_struct_conn_angle.ptnr3_auth_seq_id 
_pdbx_struct_conn_angle.ptnr3_PDB_ins_code 
_pdbx_struct_conn_angle.ptnr3_symmetry 
_pdbx_struct_conn_angle.value 
_pdbx_struct_conn_angle.value_esd 
1  SG  ? A CYS 3  ? N CYS 3  ? 1_555 ZN ? C ZN . ? N ZN 60 ? 1_555 SG  ? A CYS 6  ? N CYS 6  ? 1_555 109.4 ? 
2  SG  ? A CYS 3  ? N CYS 3  ? 1_555 ZN ? C ZN . ? N ZN 60 ? 1_555 NE2 ? A HIS 11 ? N HIS 11 ? 1_555 110.5 ? 
3  SG  ? A CYS 6  ? N CYS 6  ? 1_555 ZN ? C ZN . ? N ZN 60 ? 1_555 NE2 ? A HIS 11 ? N HIS 11 ? 1_555 109.3 ? 
4  SG  ? A CYS 3  ? N CYS 3  ? 1_555 ZN ? C ZN . ? N ZN 60 ? 1_555 SG  ? A CYS 16 ? N CYS 16 ? 1_555 108.6 ? 
5  SG  ? A CYS 6  ? N CYS 6  ? 1_555 ZN ? C ZN . ? N ZN 60 ? 1_555 SG  ? A CYS 16 ? N CYS 16 ? 1_555 110.3 ? 
6  NE2 ? A HIS 11 ? N HIS 11 ? 1_555 ZN ? C ZN . ? N ZN 60 ? 1_555 SG  ? A CYS 16 ? N CYS 16 ? 1_555 108.7 ? 
7  SG  ? A CYS 3  ? N CYS 3  ? 1_555 ZN ? C ZN . ? N ZN 60 ? 1_555 SG  ? B CYS 3  ? C CYS 24 ? 1_555 3.7   ? 
8  SG  ? A CYS 6  ? N CYS 6  ? 1_555 ZN ? C ZN . ? N ZN 60 ? 1_555 SG  ? B CYS 3  ? C CYS 24 ? 1_555 112.4 ? 
9  NE2 ? A HIS 11 ? N HIS 11 ? 1_555 ZN ? C ZN . ? N ZN 60 ? 1_555 SG  ? B CYS 3  ? C CYS 24 ? 1_555 110.8 ? 
10 SG  ? A CYS 16 ? N CYS 16 ? 1_555 ZN ? C ZN . ? N ZN 60 ? 1_555 SG  ? B CYS 3  ? C CYS 24 ? 1_555 105.2 ? 
11 SG  ? A CYS 3  ? N CYS 3  ? 1_555 ZN ? C ZN . ? N ZN 60 ? 1_555 SG  ? B CYS 6  ? C CYS 27 ? 1_555 114.4 ? 
12 SG  ? A CYS 6  ? N CYS 6  ? 1_555 ZN ? C ZN . ? N ZN 60 ? 1_555 SG  ? B CYS 6  ? C CYS 27 ? 1_555 9.7   ? 
13 NE2 ? A HIS 11 ? N HIS 11 ? 1_555 ZN ? C ZN . ? N ZN 60 ? 1_555 SG  ? B CYS 6  ? C CYS 27 ? 1_555 113.3 ? 
14 SG  ? A CYS 16 ? N CYS 16 ? 1_555 ZN ? C ZN . ? N ZN 60 ? 1_555 SG  ? B CYS 6  ? C CYS 27 ? 1_555 100.6 ? 
15 SG  ? B CYS 3  ? C CYS 24 ? 1_555 ZN ? C ZN . ? N ZN 60 ? 1_555 SG  ? B CYS 6  ? C CYS 27 ? 1_555 116.9 ? 
16 SG  ? A CYS 3  ? N CYS 3  ? 1_555 ZN ? C ZN . ? N ZN 60 ? 1_555 NE2 ? B HIS 11 ? C HIS 32 ? 1_555 114.4 ? 
17 SG  ? A CYS 6  ? N CYS 6  ? 1_555 ZN ? C ZN . ? N ZN 60 ? 1_555 NE2 ? B HIS 11 ? C HIS 32 ? 1_555 113.2 ? 
18 NE2 ? A HIS 11 ? N HIS 11 ? 1_555 ZN ? C ZN . ? N ZN 60 ? 1_555 NE2 ? B HIS 11 ? C HIS 32 ? 1_555 8.1   ? 
19 SG  ? A CYS 16 ? N CYS 16 ? 1_555 ZN ? C ZN . ? N ZN 60 ? 1_555 NE2 ? B HIS 11 ? C HIS 32 ? 1_555 100.6 ? 
20 SG  ? B CYS 3  ? C CYS 24 ? 1_555 ZN ? C ZN . ? N ZN 60 ? 1_555 NE2 ? B HIS 11 ? C HIS 32 ? 1_555 114.2 ? 
21 SG  ? B CYS 6  ? C CYS 27 ? 1_555 ZN ? C ZN . ? N ZN 60 ? 1_555 NE2 ? B HIS 11 ? C HIS 32 ? 1_555 115.9 ? 
22 SG  ? A CYS 3  ? N CYS 3  ? 1_555 ZN ? C ZN . ? N ZN 60 ? 1_555 SG  ? B CYS 16 ? C CYS 37 ? 1_555 106.2 ? 
23 SG  ? A CYS 6  ? N CYS 6  ? 1_555 ZN ? C ZN . ? N ZN 60 ? 1_555 SG  ? B CYS 16 ? C CYS 37 ? 1_555 112.7 ? 
24 NE2 ? A HIS 11 ? N HIS 11 ? 1_555 ZN ? C ZN . ? N ZN 60 ? 1_555 SG  ? B CYS 16 ? C CYS 37 ? 1_555 108.7 ? 
25 SG  ? A CYS 16 ? N CYS 16 ? 1_555 ZN ? C ZN . ? N ZN 60 ? 1_555 SG  ? B CYS 16 ? C CYS 37 ? 1_555 2.8   ? 
26 SG  ? B CYS 3  ? C CYS 24 ? 1_555 ZN ? C ZN . ? N ZN 60 ? 1_555 SG  ? B CYS 16 ? C CYS 37 ? 1_555 102.8 ? 
27 SG  ? B CYS 6  ? C CYS 27 ? 1_555 ZN ? C ZN . ? N ZN 60 ? 1_555 SG  ? B CYS 16 ? C CYS 37 ? 1_555 103.0 ? 
28 NE2 ? B HIS 11 ? C HIS 32 ? 1_555 ZN ? C ZN . ? N ZN 60 ? 1_555 SG  ? B CYS 16 ? C CYS 37 ? 1_555 100.6 ? 
29 SG  ? A CYS 3  ? N CYS 3  ? 1_555 ZN ? D ZN . ? C ZN 61 ? 1_555 SG  ? A CYS 6  ? N CYS 6  ? 1_555 100.9 ? 
30 SG  ? A CYS 3  ? N CYS 3  ? 1_555 ZN ? D ZN . ? C ZN 61 ? 1_555 NE2 ? A HIS 11 ? N HIS 11 ? 1_555 102.8 ? 
31 SG  ? A CYS 6  ? N CYS 6  ? 1_555 ZN ? D ZN . ? C ZN 61 ? 1_555 NE2 ? A HIS 11 ? N HIS 11 ? 1_555 100.8 ? 
32 SG  ? A CYS 3  ? N CYS 3  ? 1_555 ZN ? D ZN . ? C ZN 61 ? 1_555 SG  ? A CYS 16 ? N CYS 16 ? 1_555 115.6 ? 
33 SG  ? A CYS 6  ? N CYS 6  ? 1_555 ZN ? D ZN . ? C ZN 61 ? 1_555 SG  ? A CYS 16 ? N CYS 16 ? 1_555 116.3 ? 
34 NE2 ? A HIS 11 ? N HIS 11 ? 1_555 ZN ? D ZN . ? C ZN 61 ? 1_555 SG  ? A CYS 16 ? N CYS 16 ? 1_555 117.9 ? 
35 SG  ? A CYS 3  ? N CYS 3  ? 1_555 ZN ? D ZN . ? C ZN 61 ? 1_555 SG  ? B CYS 3  ? C CYS 24 ? 1_555 3.1   ? 
36 SG  ? A CYS 6  ? N CYS 6  ? 1_555 ZN ? D ZN . ? C ZN 61 ? 1_555 SG  ? B CYS 3  ? C CYS 24 ? 1_555 103.7 ? 
37 NE2 ? A HIS 11 ? N HIS 11 ? 1_555 ZN ? D ZN . ? C ZN 61 ? 1_555 SG  ? B CYS 3  ? C CYS 24 ? 1_555 103.5 ? 
38 SG  ? A CYS 16 ? N CYS 16 ? 1_555 ZN ? D ZN . ? C ZN 61 ? 1_555 SG  ? B CYS 3  ? C CYS 24 ? 1_555 112.8 ? 
39 SG  ? A CYS 3  ? N CYS 3  ? 1_555 ZN ? D ZN . ? C ZN 61 ? 1_555 SG  ? B CYS 6  ? C CYS 27 ? 1_555 106.4 ? 
40 SG  ? A CYS 6  ? N CYS 6  ? 1_555 ZN ? D ZN . ? C ZN 61 ? 1_555 SG  ? B CYS 6  ? C CYS 27 ? 1_555 8.8   ? 
41 NE2 ? A HIS 11 ? N HIS 11 ? 1_555 ZN ? D ZN . ? C ZN 61 ? 1_555 SG  ? B CYS 6  ? C CYS 27 ? 1_555 105.7 ? 
42 SG  ? A CYS 16 ? N CYS 16 ? 1_555 ZN ? D ZN . ? C ZN 61 ? 1_555 SG  ? B CYS 6  ? C CYS 27 ? 1_555 107.5 ? 
43 SG  ? B CYS 3  ? C CYS 24 ? 1_555 ZN ? D ZN . ? C ZN 61 ? 1_555 SG  ? B CYS 6  ? C CYS 27 ? 1_555 109.0 ? 
44 SG  ? A CYS 3  ? N CYS 3  ? 1_555 ZN ? D ZN . ? C ZN 61 ? 1_555 NE2 ? B HIS 11 ? C HIS 32 ? 1_555 107.4 ? 
45 SG  ? A CYS 6  ? N CYS 6  ? 1_555 ZN ? D ZN . ? C ZN 61 ? 1_555 NE2 ? B HIS 11 ? C HIS 32 ? 1_555 105.3 ? 
46 NE2 ? A HIS 11 ? N HIS 11 ? 1_555 ZN ? D ZN . ? C ZN 61 ? 1_555 NE2 ? B HIS 11 ? C HIS 32 ? 1_555 7.5   ? 
47 SG  ? A CYS 16 ? N CYS 16 ? 1_555 ZN ? D ZN . ? C ZN 61 ? 1_555 NE2 ? B HIS 11 ? C HIS 32 ? 1_555 110.4 ? 
48 SG  ? B CYS 3  ? C CYS 24 ? 1_555 ZN ? D ZN . ? C ZN 61 ? 1_555 NE2 ? B HIS 11 ? C HIS 32 ? 1_555 107.8 ? 
49 SG  ? B CYS 6  ? C CYS 27 ? 1_555 ZN ? D ZN . ? C ZN 61 ? 1_555 NE2 ? B HIS 11 ? C HIS 32 ? 1_555 109.3 ? 
50 SG  ? A CYS 3  ? N CYS 3  ? 1_555 ZN ? D ZN . ? C ZN 61 ? 1_555 SG  ? B CYS 16 ? C CYS 37 ? 1_555 112.9 ? 
51 SG  ? A CYS 6  ? N CYS 6  ? 1_555 ZN ? D ZN . ? C ZN 61 ? 1_555 SG  ? B CYS 16 ? C CYS 37 ? 1_555 119.1 ? 
52 NE2 ? A HIS 11 ? N HIS 11 ? 1_555 ZN ? D ZN . ? C ZN 61 ? 1_555 SG  ? B CYS 16 ? C CYS 37 ? 1_555 117.8 ? 
53 SG  ? A CYS 16 ? N CYS 16 ? 1_555 ZN ? D ZN . ? C ZN 61 ? 1_555 SG  ? B CYS 16 ? C CYS 37 ? 1_555 3.2   ? 
54 SG  ? B CYS 3  ? C CYS 24 ? 1_555 ZN ? D ZN . ? C ZN 61 ? 1_555 SG  ? B CYS 16 ? C CYS 37 ? 1_555 110.1 ? 
55 SG  ? B CYS 6  ? C CYS 27 ? 1_555 ZN ? D ZN . ? C ZN 61 ? 1_555 SG  ? B CYS 16 ? C CYS 37 ? 1_555 110.3 ? 
56 NE2 ? B HIS 11 ? C HIS 32 ? 1_555 ZN ? D ZN . ? C ZN 61 ? 1_555 SG  ? B CYS 16 ? C CYS 37 ? 1_555 110.3 ? 
# 
_struct_sheet.id               A 
_struct_sheet.type             ? 
_struct_sheet.number_strands   2 
_struct_sheet.details          ? 
# 
_struct_sheet_order.sheet_id     A 
_struct_sheet_order.range_id_1   1 
_struct_sheet_order.range_id_2   2 
_struct_sheet_order.offset       ? 
_struct_sheet_order.sense        parallel 
# 
loop_
_struct_sheet_range.sheet_id 
_struct_sheet_range.id 
_struct_sheet_range.beg_label_comp_id 
_struct_sheet_range.beg_label_asym_id 
_struct_sheet_range.beg_label_seq_id 
_struct_sheet_range.pdbx_beg_PDB_ins_code 
_struct_sheet_range.end_label_comp_id 
_struct_sheet_range.end_label_asym_id 
_struct_sheet_range.end_label_seq_id 
_struct_sheet_range.pdbx_end_PDB_ins_code 
_struct_sheet_range.beg_auth_comp_id 
_struct_sheet_range.beg_auth_asym_id 
_struct_sheet_range.beg_auth_seq_id 
_struct_sheet_range.end_auth_comp_id 
_struct_sheet_range.end_auth_asym_id 
_struct_sheet_range.end_auth_seq_id 
A 1 LYS A 2 ? CYS A 16 ? LYS N 2  CYS N 16 
A 2 CYS B 3 ? CYS B 16 ? CYS C 24 CYS C 37 
# 
_pdbx_struct_sheet_hbond.sheet_id                A 
_pdbx_struct_sheet_hbond.range_id_1              1 
_pdbx_struct_sheet_hbond.range_id_2              2 
_pdbx_struct_sheet_hbond.range_1_label_atom_id   O 
_pdbx_struct_sheet_hbond.range_1_label_comp_id   LYS 
_pdbx_struct_sheet_hbond.range_1_label_asym_id   A 
_pdbx_struct_sheet_hbond.range_1_label_seq_id    2 
_pdbx_struct_sheet_hbond.range_1_PDB_ins_code    ? 
_pdbx_struct_sheet_hbond.range_1_auth_atom_id    O 
_pdbx_struct_sheet_hbond.range_1_auth_comp_id    LYS 
_pdbx_struct_sheet_hbond.range_1_auth_asym_id    N 
_pdbx_struct_sheet_hbond.range_1_auth_seq_id     2 
_pdbx_struct_sheet_hbond.range_2_label_atom_id   N 
_pdbx_struct_sheet_hbond.range_2_label_comp_id   CYS 
_pdbx_struct_sheet_hbond.range_2_label_asym_id   B 
_pdbx_struct_sheet_hbond.range_2_label_seq_id    3 
_pdbx_struct_sheet_hbond.range_2_PDB_ins_code    ? 
_pdbx_struct_sheet_hbond.range_2_auth_atom_id    N 
_pdbx_struct_sheet_hbond.range_2_auth_comp_id    CYS 
_pdbx_struct_sheet_hbond.range_2_auth_asym_id    C 
_pdbx_struct_sheet_hbond.range_2_auth_seq_id     24 
# 
loop_
_struct_site.id 
_struct_site.pdbx_evidence_code 
_struct_site.pdbx_auth_asym_id 
_struct_site.pdbx_auth_comp_id 
_struct_site.pdbx_auth_seq_id 
_struct_site.pdbx_auth_ins_code 
_struct_site.pdbx_num_residues 
_struct_site.details 
AC1 Software N ZN 60 ? 8 'BINDING SITE FOR RESIDUE ZN N 60' 
AC2 Software C ZN 61 ? 8 'BINDING SITE FOR RESIDUE ZN C 61' 
# 
loop_
_struct_site_gen.id 
_struct_site_gen.site_id 
_struct_site_gen.pdbx_num_res 
_struct_site_gen.label_comp_id 
_struct_site_gen.label_asym_id 
_struct_site_gen.label_seq_id 
_struct_site_gen.pdbx_auth_ins_code 
_struct_site_gen.auth_comp_id 
_struct_site_gen.auth_asym_id 
_struct_site_gen.auth_seq_id 
_struct_site_gen.label_atom_id 
_struct_site_gen.label_alt_id 
_struct_site_gen.symmetry 
_struct_site_gen.details 
1  AC1 8 CYS B 3  ? CYS C 24 . ? 1_555 ? 
2  AC1 8 CYS B 6  ? CYS C 27 . ? 1_555 ? 
3  AC1 8 HIS B 11 ? HIS C 32 . ? 1_555 ? 
4  AC1 8 CYS B 16 ? CYS C 37 . ? 1_555 ? 
5  AC1 8 CYS A 3  ? CYS N 3  . ? 1_555 ? 
6  AC1 8 CYS A 6  ? CYS N 6  . ? 1_555 ? 
7  AC1 8 HIS A 11 ? HIS N 11 . ? 1_555 ? 
8  AC1 8 CYS A 16 ? CYS N 16 . ? 1_555 ? 
9  AC2 8 CYS B 3  ? CYS C 24 . ? 1_555 ? 
10 AC2 8 CYS B 6  ? CYS C 27 . ? 1_555 ? 
11 AC2 8 HIS B 11 ? HIS C 32 . ? 1_555 ? 
12 AC2 8 CYS B 16 ? CYS C 37 . ? 1_555 ? 
13 AC2 8 CYS A 3  ? CYS N 3  . ? 1_555 ? 
14 AC2 8 CYS A 6  ? CYS N 6  . ? 1_555 ? 
15 AC2 8 HIS A 11 ? HIS N 11 . ? 1_555 ? 
16 AC2 8 CYS A 16 ? CYS N 16 . ? 1_555 ? 
# 
loop_
_pdbx_validate_close_contact.id 
_pdbx_validate_close_contact.PDB_model_num 
_pdbx_validate_close_contact.auth_atom_id_1 
_pdbx_validate_close_contact.auth_asym_id_1 
_pdbx_validate_close_contact.auth_comp_id_1 
_pdbx_validate_close_contact.auth_seq_id_1 
_pdbx_validate_close_contact.PDB_ins_code_1 
_pdbx_validate_close_contact.label_alt_id_1 
_pdbx_validate_close_contact.auth_atom_id_2 
_pdbx_validate_close_contact.auth_asym_id_2 
_pdbx_validate_close_contact.auth_comp_id_2 
_pdbx_validate_close_contact.auth_seq_id_2 
_pdbx_validate_close_contact.PDB_ins_code_2 
_pdbx_validate_close_contact.label_alt_id_2 
_pdbx_validate_close_contact.dist 
1   1 HD2  N LYS 8  ? ? HD3 C LYS 29 ? ? 0.10 
2   1 CA   N CYS 6  ? ? CA  C CYS 27 ? ? 0.11 
3   1 ND1  N HIS 11 ? ? ND1 C HIS 32 ? ? 0.14 
4   1 N    N ASN 15 ? ? N   C ASP 36 ? ? 0.14 
5   1 C    N GLY 7  ? ? C   C GLY 28 ? ? 0.15 
6   1 CE1  N HIS 11 ? ? CE1 C HIS 32 ? ? 0.16 
7   1 C    N CYS 6  ? ? C   C CYS 27 ? ? 0.16 
8   1 SG   N CYS 3  ? ? SG  C CYS 24 ? ? 0.18 
9   1 C    N ARG 14 ? ? C   C LYS 35 ? ? 0.19 
10  1 HG2  N LYS 8  ? ? HG3 C LYS 29 ? ? 0.20 
11  1 N    N GLY 7  ? ? N   C GLY 28 ? ? 0.20 
12  1 HA   N CYS 6  ? ? HA  C CYS 27 ? ? 0.21 
13  1 N    N THR 12 ? ? N   C GLN 33 ? ? 0.23 
14  1 HG2  N ARG 17 ? ? HA  C THR 38 ? ? 0.23 
15  1 CA   N THR 12 ? ? CA  C GLN 33 ? ? 0.23 
16  1 CA   N ALA 13 ? ? CA  C MET 34 ? ? 0.25 
17  1 HB3  N HIS 11 ? ? HB3 C HIS 32 ? ? 0.27 
18  1 H    N ASN 15 ? ? H   C ASP 36 ? ? 0.27 
19  1 N    N CYS 6  ? ? N   C CYS 27 ? ? 0.28 
20  1 HB3  N GLU 9  ? ? CG  C GLU 30 ? ? 0.28 
21  1 CB   N ALA 13 ? ? CB  C MET 34 ? ? 0.28 
22  1 N    N ARG 14 ? ? N   C LYS 35 ? ? 0.28 
23  1 NE2  N HIS 11 ? ? NE2 C HIS 32 ? ? 0.29 
24  1 C    N ALA 13 ? ? C   C MET 34 ? ? 0.29 
25  1 N    N HIS 11 ? ? N   C HIS 32 ? ? 0.29 
26  1 CB   N CYS 6  ? ? CB  C CYS 27 ? ? 0.29 
27  1 H    N CYS 6  ? ? H   C CYS 27 ? ? 0.29 
28  1 CG   N HIS 11 ? ? CG  C HIS 32 ? ? 0.30 
29  1 CB   N HIS 11 ? ? CB  C HIS 32 ? ? 0.30 
30  1 CB   N THR 12 ? ? CB  C GLN 33 ? ? 0.30 
31  1 CB   N CYS 16 ? ? CB  C CYS 37 ? ? 0.31 
32  1 HB2  N CYS 3  ? ? HB2 C CYS 24 ? ? 0.31 
33  1 CA   N GLY 7  ? ? CA  C GLY 28 ? ? 0.31 
34  1 CA   N HIS 11 ? ? CA  C HIS 32 ? ? 0.31 
35  1 ZN   N ZN  60 ? ? ZN  C ZN  61 ? ? 0.32 
36  1 HB2  N HIS 11 ? ? HB2 C HIS 32 ? ? 0.32 
37  1 C    N HIS 11 ? ? C   C HIS 32 ? ? 0.32 
38  1 CB   N CYS 3  ? ? CB  C CYS 24 ? ? 0.32 
39  1 HA   N ALA 13 ? ? HA  C MET 34 ? ? 0.33 
40  1 HA   N HIS 11 ? ? HA  C HIS 32 ? ? 0.33 
41  1 CB   N LYS 8  ? ? CB  C LYS 29 ? ? 0.34 
42  1 SG   N CYS 16 ? ? SG  C CYS 37 ? ? 0.34 
43  1 H    N ARG 14 ? ? H   C LYS 35 ? ? 0.34 
44  1 HA   N LYS 8  ? ? HA  C LYS 29 ? ? 0.34 
45  1 HD1  N HIS 11 ? ? HD1 C HIS 32 ? ? 0.35 
46  1 CA   N LYS 8  ? ? CA  C LYS 29 ? ? 0.35 
47  1 O    N ARG 14 ? ? O   C LYS 35 ? ? 0.37 
48  1 CZ   N ARG 14 ? ? HE3 C LYS 35 ? ? 0.37 
49  1 HB   N THR 12 ? ? HB3 C GLN 33 ? ? 0.37 
50  1 HB2  N CYS 6  ? ? HB2 C CYS 27 ? ? 0.37 
51  1 C    N LYS 8  ? ? C   C LYS 29 ? ? 0.38 
52  1 HA   N CYS 3  ? ? HA  C CYS 24 ? ? 0.39 
53  1 SG   N CYS 6  ? ? SG  C CYS 27 ? ? 0.39 
54  1 HD2  N ARG 17 ? ? O   C THR 38 ? ? 0.41 
55  1 HE1  N HIS 11 ? ? HE1 C HIS 32 ? ? 0.41 
56  1 HB3  N CYS 6  ? ? HB3 C CYS 27 ? ? 0.41 
57  1 HB2  N CYS 16 ? ? HB2 C CYS 37 ? ? 0.41 
58  1 CA   N ARG 14 ? ? CA  C LYS 35 ? ? 0.42 
59  1 O    N ASN 5  ? ? O   C LYS 26 ? ? 0.42 
60  1 CA   N ASN 15 ? ? CA  C ASP 36 ? ? 0.43 
61  1 HA   N THR 12 ? ? HA  C GLN 33 ? ? 0.43 
62  1 H    N CYS 16 ? ? H   C CYS 37 ? ? 0.43 
63  1 CD   N ARG 14 ? ? HD2 C LYS 35 ? ? 0.44 
64  1 C    N ASN 5  ? ? C   C LYS 26 ? ? 0.44 
65  1 N    N CYS 16 ? ? N   C CYS 37 ? ? 0.44 
66  1 N    N ALA 13 ? ? N   C MET 34 ? ? 0.44 
67  1 CA   N CYS 3  ? ? CA  C CYS 24 ? ? 0.44 
68  1 H    N GLY 7  ? ? H   C GLY 28 ? ? 0.45 
69  1 CG2  N THR 12 ? ? HG2 C GLN 33 ? ? 0.46 
70  1 CG   N ASN 15 ? ? HB2 C ASP 36 ? ? 0.47 
71  1 N    N GLU 9  ? ? N   C GLU 30 ? ? 0.47 
72  1 HZ1  N LYS 8  ? ? HZ2 C LYS 29 ? ? 0.47 
73  1 HB3  N CYS 3  ? ? HB3 C CYS 24 ? ? 0.49 
74  1 HA   N ASN 15 ? ? HA  C ASP 36 ? ? 0.50 
75  1 C    N CYS 3  ? ? C   C CYS 24 ? ? 0.51 
76  1 O    N ALA 13 ? ? O   C MET 34 ? ? 0.51 
77  1 CG   N GLU 9  ? ? HB3 C GLU 30 ? ? 0.52 
78  1 H    N GLY 10 ? ? N   C GLY 31 ? ? 0.52 
79  1 H    N HIS 11 ? ? H   C HIS 32 ? ? 0.52 
80  1 CD2  N HIS 11 ? ? CD2 C HIS 32 ? ? 0.54 
81  1 HH21 N ARG 17 ? ? OG1 C THR 38 ? ? 0.54 
82  1 HA3  N GLY 10 ? ? HA3 C GLY 31 ? ? 0.54 
83  1 O    N CYS 6  ? ? O   C CYS 27 ? ? 0.55 
84  1 NH2  N ARG 17 ? ? OG1 C THR 38 ? ? 0.55 
85  1 CA   N CYS 16 ? ? CA  C CYS 37 ? ? 0.56 
86  1 C    N ASN 15 ? ? C   C ASP 36 ? ? 0.56 
87  1 HG2  N ARG 14 ? ? CG  C LYS 35 ? ? 0.56 
88  1 C    N GLY 10 ? ? C   C GLY 31 ? ? 0.56 
89  1 H    N THR 12 ? ? H   C GLN 33 ? ? 0.57 
90  1 CA   N GLY 10 ? ? CA  C GLY 31 ? ? 0.57 
91  1 OE1  N GLU 9  ? ? OE1 C GLU 30 ? ? 0.58 
92  1 C    N THR 12 ? ? C   C GLN 33 ? ? 0.58 
93  1 N    N GLY 10 ? ? N   C GLY 31 ? ? 0.59 
94  1 HE2  N LYS 8  ? ? HE3 C LYS 29 ? ? 0.60 
95  1 HA   N ARG 14 ? ? HA  C LYS 35 ? ? 0.61 
96  1 C    N GLU 9  ? ? C   C GLU 30 ? ? 0.62 
97  1 HA3  N GLY 7  ? ? HA3 C GLY 28 ? ? 0.62 
98  1 C    N GLU 9  ? ? O   C GLU 30 ? ? 0.62 
99  1 CB   N LYS 2  ? ? H   C GLY 23 ? ? 0.62 
100 1 HA   N PHE 4  ? ? CA  C TRP 25 ? ? 0.63 
101 1 CB   N ARG 14 ? ? HB2 C LYS 35 ? ? 0.63 
102 1 H    N GLU 9  ? ? H   C GLU 30 ? ? 0.63 
103 1 NZ   N LYS 8  ? ? NZ  C LYS 29 ? ? 0.63 
104 1 HA2  N GLY 7  ? ? HA2 C GLY 28 ? ? 0.63 
105 1 H    N GLY 10 ? ? H   C GLY 31 ? ? 0.63 
106 1 HA2  N GLY 10 ? ? HA2 C GLY 31 ? ? 0.64 
107 1 O    N GLU 9  ? ? O   C GLU 30 ? ? 0.64 
108 1 N    N LYS 8  ? ? N   C LYS 29 ? ? 0.64 
109 1 HA   N GLU 9  ? ? CA  C GLU 30 ? ? 0.64 
110 1 H    N CYS 3  ? ? N   C CYS 24 ? ? 0.64 
111 1 C    N VAL 1  ? ? HA2 C GLY 23 ? ? 0.65 
112 1 CA   N ASN 5  ? ? CA  C LYS 26 ? ? 0.65 
113 1 CA   N GLY 10 ? ? HA3 C GLY 31 ? ? 0.66 
114 1 CE   N LYS 8  ? ? HE3 C LYS 29 ? ? 0.66 
115 1 HB2  N GLU 9  ? ? HG2 C GLU 30 ? ? 0.66 
116 1 HD22 N ASN 5  ? ? CE  C LYS 26 ? ? 0.67 
117 1 HB3  N LYS 8  ? ? HB3 C LYS 29 ? ? 0.67 
118 1 N    N PHE 4  ? ? N   C TRP 25 ? ? 0.67 
119 1 CG   N LYS 8  ? ? CG  C LYS 29 ? ? 0.67 
120 1 CB   N ASN 15 ? ? CB  C ASP 36 ? ? 0.68 
121 1 HB3  N ARG 14 ? ? HB3 C LYS 35 ? ? 0.68 
122 1 CB   N ARG 14 ? ? CB  C LYS 35 ? ? 0.69 
123 1 O    N LYS 8  ? ? O   C LYS 29 ? ? 0.69 
124 1 N    N CYS 3  ? ? N   C CYS 24 ? ? 0.70 
125 1 CB   N ASN 5  ? ? HB3 C LYS 26 ? ? 0.70 
126 1 CB   N PHE 4  ? ? HB3 C TRP 25 ? ? 0.70 
127 1 N    N ASN 5  ? ? N   C LYS 26 ? ? 0.71 
128 1 CA   N GLU 9  ? ? CA  C GLU 30 ? ? 0.72 
129 1 N    N ARG 17 ? ? O   C CYS 37 ? ? 0.72 
130 1 N    N CYS 16 ? ? H   C CYS 37 ? ? 0.72 
131 1 HB2  N ASN 15 ? ? HB3 C ASP 36 ? ? 0.72 
132 1 HA   N CYS 16 ? ? CA  C CYS 37 ? ? 0.72 
133 1 CB   N ASN 5  ? ? CB  C LYS 26 ? ? 0.73 
134 1 HB3  N ASN 5  ? ? HB3 C LYS 26 ? ? 0.74 
135 1 HD3  N ARG 14 ? ? HD2 C LYS 35 ? ? 0.74 
136 1 C    N PHE 4  ? ? C   C TRP 25 ? ? 0.74 
137 1 C    N LYS 2  ? ? O   C GLY 23 ? ? 0.74 
138 1 O    N PHE 4  ? ? O   C TRP 25 ? ? 0.74 
139 1 HB1  N ALA 13 ? ? HB2 C MET 34 ? ? 0.74 
140 1 N    N ARG 14 ? ? H   C LYS 35 ? ? 0.74 
141 1 H    N CYS 3  ? ? H   C CYS 24 ? ? 0.75 
142 1 CG   N ASN 5  ? ? CG  C LYS 26 ? ? 0.75 
143 1 HB2  N ARG 14 ? ? HB2 C LYS 35 ? ? 0.75 
144 1 O    N HIS 11 ? ? O   C HIS 32 ? ? 0.75 
145 1 HB3  N CYS 16 ? ? HB3 C CYS 37 ? ? 0.76 
146 1 H    N ASN 5  ? ? H   C LYS 26 ? ? 0.76 
147 1 HA   N ASN 5  ? ? HA  C LYS 26 ? ? 0.76 
148 1 HB2  N LYS 8  ? ? HB2 C LYS 29 ? ? 0.79 
149 1 C    N CYS 3  ? ? N   C TRP 25 ? ? 0.79 
150 1 HG3  N ARG 14 ? ? HG3 C LYS 35 ? ? 0.80 
151 1 HG23 N THR 12 ? ? HG2 C GLN 33 ? ? 0.80 
152 1 HZ1  N LYS 8  ? ? NZ  C LYS 29 ? ? 0.81 
153 1 HB2  N ASN 5  ? ? HB2 C LYS 26 ? ? 0.81 
154 1 CG2  N THR 12 ? ? CG  C GLN 33 ? ? 0.81 
155 1 HA   N CYS 16 ? ? HA  C CYS 37 ? ? 0.82 
156 1 HB3  N ASN 15 ? ? OD1 C ASP 36 ? ? 0.82 
157 1 O    N CYS 3  ? ? O   C CYS 24 ? ? 0.82 
158 1 HB   N THR 12 ? ? CB  C GLN 33 ? ? 0.83 
159 1 HB3  N ASN 15 ? ? CG  C ASP 36 ? ? 0.83 
160 1 HG1  N THR 12 ? ? HG3 C GLN 33 ? ? 0.83 
161 1 CA   N CYS 3  ? ? HA  C CYS 24 ? ? 0.83 
162 1 N    N GLY 7  ? ? H   C GLY 28 ? ? 0.84 
163 1 CD1  N PHE 4  ? ? CG  C TRP 25 ? ? 0.84 
164 1 CA   N PHE 4  ? ? CA  C TRP 25 ? ? 0.84 
165 1 HD22 N ASN 5  ? ? HE2 C LYS 26 ? ? 0.85 
166 1 HG2  N GLU 9  ? ? HB3 C GLU 30 ? ? 0.86 
167 1 HA   N ARG 14 ? ? CA  C LYS 35 ? ? 0.86 
168 1 O    N ASN 15 ? ? O   C ASP 36 ? ? 0.86 
169 1 HA   N GLU 9  ? ? HA  C GLU 30 ? ? 0.86 
170 1 NE   N ARG 17 ? ? HB  C THR 38 ? ? 0.87 
171 1 HA3  N GLY 7  ? ? CA  C GLY 28 ? ? 0.87 
172 1 HB3  N CYS 6  ? ? CB  C CYS 27 ? ? 0.88 
173 1 CA   N ASN 15 ? ? HA  C ASP 36 ? ? 0.88 
174 1 O    N LYS 2  ? ? O   C GLY 23 ? ? 0.88 
175 1 NZ   N LYS 8  ? ? CE  C LYS 29 ? ? 0.88 
176 1 HA   N PHE 4  ? ? HA  C TRP 25 ? ? 0.88 
177 1 C    N LYS 2  ? ? C   C GLY 23 ? ? 0.89 
178 1 ND1  N HIS 11 ? ? HD1 C HIS 32 ? ? 0.89 
179 1 HB2  N HIS 11 ? ? CB  C HIS 32 ? ? 0.89 
180 1 CD   N LYS 2  ? ? HA  C LYS 22 ? ? 0.90 
181 1 HE   N ARG 17 ? ? HB  C THR 38 ? ? 0.90 
182 1 H    N PHE 4  ? ? H   C TRP 25 ? ? 0.91 
183 1 CG   N PHE 4  ? ? HB3 C TRP 25 ? ? 0.91 
184 1 N    N GLU 9  ? ? H   C GLU 30 ? ? 0.91 
185 1 HA   N THR 12 ? ? CA  C GLN 33 ? ? 0.91 
186 1 C    N ASN 15 ? ? N   C CYS 37 ? ? 0.91 
187 1 CG   N ARG 17 ? ? HA  C THR 38 ? ? 0.92 
188 1 CB   N CYS 16 ? ? HB2 C CYS 37 ? ? 0.92 
189 1 N    N PHE 4  ? ? H   C TRP 25 ? ? 0.93 
190 1 HG3  N LYS 2  ? ? C   C LYS 22 ? ? 0.93 
191 1 CG   N LYS 2  ? ? HA  C LYS 22 ? ? 0.94 
192 1 CB   N LYS 8  ? ? HB3 C LYS 29 ? ? 0.94 
193 1 HH21 N ARG 17 ? ? HG1 C THR 38 ? ? 0.94 
194 1 HD2  N HIS 11 ? ? HD2 C HIS 32 ? ? 0.94 
195 1 H    N ASN 15 ? ? N   C ASP 36 ? ? 0.95 
196 1 HG2  N LYS 8  ? ? CG  C LYS 29 ? ? 0.95 
197 1 CA   N GLY 7  ? ? HA2 C GLY 28 ? ? 0.96 
198 1 CG   N ARG 14 ? ? CG  C LYS 35 ? ? 0.96 
199 1 N    N ASN 5  ? ? CA  C LYS 26 ? ? 0.96 
200 1 HA   N LYS 8  ? ? CA  C LYS 29 ? ? 0.96 
201 1 N    N LYS 2  ? ? HA2 C GLY 23 ? ? 0.97 
202 1 C    N LYS 8  ? ? N   C GLU 30 ? ? 0.98 
203 1 HZ2  N LYS 8  ? ? NZ  C LYS 29 ? ? 0.98 
204 1 HB2  N CYS 3  ? ? CB  C CYS 24 ? ? 0.99 
205 1 HB2  N ASN 5  ? ? CB  C LYS 26 ? ? 0.99 
206 1 HA   N ALA 13 ? ? CA  C MET 34 ? ? 0.99 
207 1 O    N GLY 10 ? ? O   C GLY 31 ? ? 0.99 
208 1 CB   N CYS 6  ? ? HB2 C CYS 27 ? ? 1.00 
209 1 C    N CYS 16 ? ? O   C CYS 37 ? ? 1.00 
210 1 HA   N LYS 2  ? ? CA  C GLY 23 ? ? 1.00 
211 1 N    N HIS 11 ? ? H   C HIS 32 ? ? 1.01 
212 1 HG21 N THR 12 ? ? HG2 C GLN 33 ? ? 1.01 
213 1 H    N CYS 6  ? ? N   C CYS 27 ? ? 1.01 
214 1 HB2  N LYS 8  ? ? CB  C LYS 29 ? ? 1.01 
215 1 CA   N PHE 4  ? ? C   C TRP 25 ? ? 1.01 
216 1 CB   N ALA 13 ? ? HB2 C MET 34 ? ? 1.01 
217 1 N    N THR 12 ? ? H   C GLN 33 ? ? 1.01 
218 1 ND2  N ASN 5  ? ? CD  C LYS 26 ? ? 1.02 
219 1 C    N PHE 4  ? ? N   C LYS 26 ? ? 1.02 
220 1 HG3  N LYS 2  ? ? CA  C LYS 22 ? ? 1.02 
221 1 N    N CYS 6  ? ? H   C CYS 27 ? ? 1.03 
222 1 CB   N GLU 9  ? ? CG  C GLU 30 ? ? 1.03 
223 1 CD   N ARG 17 ? ? O   C THR 38 ? ? 1.04 
224 1 CG   N ASN 5  ? ? CD  C LYS 26 ? ? 1.04 
225 1 N    N ASN 15 ? ? H   C ASP 36 ? ? 1.04 
226 1 CD   N LYS 8  ? ? CD  C LYS 29 ? ? 1.04 
227 1 HB3  N CYS 3  ? ? CB  C CYS 24 ? ? 1.05 
228 1 H    N HIS 11 ? ? N   C HIS 32 ? ? 1.05 
229 1 HZ2  N LYS 8  ? ? HZ3 C LYS 29 ? ? 1.06 
230 1 CA   N HIS 11 ? ? HA  C HIS 32 ? ? 1.06 
231 1 O    N ARG 14 ? ? C   C LYS 35 ? ? 1.07 
232 1 CA   N LYS 2  ? ? N   C GLY 23 ? ? 1.07 
233 1 CD   N LYS 8  ? ? HD3 C LYS 29 ? ? 1.07 
234 1 OG1  N THR 12 ? ? HB2 C GLN 33 ? ? 1.07 
235 1 HD2  N ARG 17 ? ? C   C THR 38 ? ? 1.07 
236 1 H    N THR 12 ? ? N   C GLN 33 ? ? 1.07 
237 1 HB3  N ALA 13 ? ? HB3 C MET 34 ? ? 1.08 
238 1 HB2  N ASN 15 ? ? CB  C ASP 36 ? ? 1.08 
239 1 HG2  N ARG 14 ? ? HG2 C LYS 35 ? ? 1.08 
240 1 HG22 N THR 12 ? ? CD  C GLN 33 ? ? 1.08 
241 1 N    N HIS 11 ? ? C   C GLY 31 ? ? 1.08 
242 1 CE1  N HIS 11 ? ? HE1 C HIS 32 ? ? 1.08 
243 1 HB2  N PHE 4  ? ? HB2 C TRP 25 ? ? 1.08 
244 1 CG   N ASN 15 ? ? CB  C ASP 36 ? ? 1.09 
245 1 CA   N CYS 6  ? ? HA  C CYS 27 ? ? 1.09 
246 1 HA   N CYS 6  ? ? CA  C CYS 27 ? ? 1.09 
247 1 O    N CYS 3  ? ? C   C CYS 24 ? ? 1.09 
248 1 HD1  N HIS 11 ? ? ND1 C HIS 32 ? ? 1.10 
249 1 CE   N LYS 8  ? ? CE  C LYS 29 ? ? 1.10 
250 1 HA   N LYS 2  ? ? N   C GLY 23 ? ? 1.10 
251 1 HB1  N ALA 13 ? ? CB  C MET 34 ? ? 1.11 
252 1 H    N ASN 5  ? ? N   C LYS 26 ? ? 1.11 
253 1 CB   N HIS 11 ? ? HB3 C HIS 32 ? ? 1.11 
254 1 CB   N GLU 9  ? ? CB  C GLU 30 ? ? 1.11 
255 1 HG3  N LYS 8  ? ? HD2 C LYS 29 ? ? 1.11 
256 1 NH1  N ARG 14 ? ? HE2 C LYS 35 ? ? 1.12 
257 1 HH21 N ARG 17 ? ? CB  C THR 38 ? ? 1.12 
258 1 HE1  N PHE 4  ? ? NE1 C TRP 25 ? ? 1.12 
259 1 CA   N GLY 10 ? ? HA2 C GLY 31 ? ? 1.12 
260 1 CB   N GLU 9  ? ? HG2 C GLU 30 ? ? 1.12 
261 1 HB3  N CYS 16 ? ? CB  C CYS 37 ? ? 1.12 
262 1 HB3  N HIS 11 ? ? CB  C HIS 32 ? ? 1.12 
263 1 HD22 N ASN 5  ? ? HE3 C LYS 26 ? ? 1.12 
264 1 HD3  N LYS 2  ? ? HG2 C LYS 22 ? ? 1.13 
265 1 HG2  N ARG 17 ? ? CA  C THR 38 ? ? 1.13 
266 1 HZ3  N LYS 8  ? ? CE  C LYS 29 ? ? 1.13 
267 1 HG23 N THR 12 ? ? CG  C GLN 33 ? ? 1.13 
268 1 HE1  N HIS 11 ? ? CE1 C HIS 32 ? ? 1.13 
269 1 NE   N ARG 14 ? ? HE3 C LYS 35 ? ? 1.14 
270 1 O    N GLY 7  ? ? O   C GLY 28 ? ? 1.14 
271 1 HB2  N ALA 13 ? ? CG  C MET 34 ? ? 1.14 
272 1 CG   N ASN 5  ? ? HG2 C LYS 26 ? ? 1.15 
273 1 HD2  N LYS 8  ? ? CD  C LYS 29 ? ? 1.15 
274 1 HB3  N GLU 9  ? ? HG3 C GLU 30 ? ? 1.15 
275 1 C    N THR 12 ? ? N   C MET 34 ? ? 1.15 
276 1 N    N CYS 3  ? ? C   C GLY 23 ? ? 1.16 
277 1 CA   N LYS 2  ? ? CA  C GLY 23 ? ? 1.16 
278 1 O    N ALA 13 ? ? C   C MET 34 ? ? 1.16 
279 1 HB3  N ALA 13 ? ? CB  C MET 34 ? ? 1.16 
280 1 N    N THR 12 ? ? C   C HIS 32 ? ? 1.17 
281 1 CB   N PHE 4  ? ? CB  C TRP 25 ? ? 1.17 
282 1 H    N GLY 7  ? ? N   C GLY 28 ? ? 1.17 
283 1 O    N ASN 15 ? ? C   C ASP 36 ? ? 1.17 
284 1 O    N CYS 6  ? ? C   C CYS 27 ? ? 1.17 
285 1 CZ   N ARG 14 ? ? CE  C LYS 35 ? ? 1.18 
286 1 HB2  N LYS 8  ? ? HB3 C LYS 29 ? ? 1.18 
287 1 CB   N ALA 13 ? ? HB3 C MET 34 ? ? 1.18 
288 1 CB   N ARG 14 ? ? HB3 C LYS 35 ? ? 1.18 
289 1 HA   N HIS 11 ? ? CA  C HIS 32 ? ? 1.18 
290 1 CA   N ASN 5  ? ? CB  C LYS 26 ? ? 1.19 
291 1 NH1  N ARG 14 ? ? HE3 C LYS 35 ? ? 1.19 
292 1 HD2  N LYS 2  ? ? HG3 C LYS 22 ? ? 1.20 
293 1 N    N GLY 10 ? ? C   C GLU 30 ? ? 1.20 
294 1 CE1  N HIS 11 ? ? ND1 C HIS 32 ? ? 1.20 
295 1 HH22 N ARG 17 ? ? OG1 C THR 38 ? ? 1.20 
296 1 CB   N CYS 3  ? ? CA  C CYS 24 ? ? 1.20 
297 1 CG   N HIS 11 ? ? ND1 C HIS 32 ? ? 1.20 
298 1 CA   N LYS 2  ? ? H   C GLY 23 ? ? 1.21 
299 1 CG   N PHE 4  ? ? CB  C TRP 25 ? ? 1.21 
300 1 HB2  N ASN 5  ? ? HB3 C LYS 26 ? ? 1.21 
301 1 CA   N LYS 8  ? ? C   C LYS 29 ? ? 1.21 
302 1 N    N ALA 13 ? ? H   C MET 34 ? ? 1.21 
303 1 HH22 N ARG 14 ? ? HZ3 C LYS 35 ? ? 1.21 
304 1 CA   N ALA 13 ? ? HA  C MET 34 ? ? 1.21 
305 1 HD2  N HIS 11 ? ? CD2 C HIS 32 ? ? 1.21 
306 1 HD3  N ARG 14 ? ? CD  C LYS 35 ? ? 1.22 
307 1 C    N CYS 16 ? ? C   C CYS 37 ? ? 1.22 
308 1 NE2  N HIS 11 ? ? CE1 C HIS 32 ? ? 1.22 
309 1 OD1  N ASN 5  ? ? HG2 C LYS 26 ? ? 1.22 
310 1 HG23 N THR 12 ? ? HG3 C GLN 33 ? ? 1.22 
311 1 CB   N ASN 15 ? ? CA  C ASP 36 ? ? 1.23 
312 1 N    N LYS 8  ? ? C   C GLY 28 ? ? 1.23 
313 1 H    N ARG 14 ? ? N   C LYS 35 ? ? 1.23 
314 1 HB3  N ALA 13 ? ? CG  C MET 34 ? ? 1.23 
315 1 ND2  N ASN 15 ? ? HB2 C ASP 36 ? ? 1.23 
316 1 HA3  N GLY 7  ? ? HA2 C GLY 28 ? ? 1.23 
317 1 CA   N GLU 9  ? ? C   C GLU 30 ? ? 1.24 
318 1 CB   N CYS 16 ? ? HB3 C CYS 37 ? ? 1.24 
319 1 C    N HIS 11 ? ? O   C HIS 32 ? ? 1.24 
320 1 CA   N CYS 16 ? ? CB  C CYS 37 ? ? 1.24 
321 1 CA   N LYS 8  ? ? HA  C LYS 29 ? ? 1.24 
322 1 CB   N CYS 3  ? ? HB3 C CYS 24 ? ? 1.24 
323 1 HB1  N ALA 13 ? ? HB3 C MET 34 ? ? 1.25 
324 1 HB2  N CYS 6  ? ? CB  C CYS 27 ? ? 1.25 
325 1 CB   N CYS 3  ? ? HB2 C CYS 24 ? ? 1.25 
326 1 C    N CYS 6  ? ? N   C GLY 28 ? ? 1.25 
327 1 HH21 N ARG 14 ? ? HZ2 C LYS 35 ? ? 1.25 
328 1 HB2  N ALA 13 ? ? HG3 C MET 34 ? ? 1.25 
329 1 HB2  N CYS 16 ? ? CB  C CYS 37 ? ? 1.25 
330 1 CA   N ASN 5  ? ? HA  C LYS 26 ? ? 1.26 
331 1 CA   N HIS 11 ? ? N   C HIS 32 ? ? 1.26 
332 1 O    N GLY 7  ? ? C   C GLY 28 ? ? 1.26 
333 1 CZ   N ARG 17 ? ? HB  C THR 38 ? ? 1.26 
334 1 HG2  N ARG 14 ? ? CD  C LYS 35 ? ? 1.26 
335 1 H    N GLU 9  ? ? N   C GLU 30 ? ? 1.26 
336 1 N    N ALA 13 ? ? C   C GLN 33 ? ? 1.26 
337 1 CB   N THR 12 ? ? HB2 C GLN 33 ? ? 1.26 
338 1 CG   N ARG 14 ? ? CB  C LYS 35 ? ? 1.26 
339 1 CG   N LYS 8  ? ? HG3 C LYS 29 ? ? 1.27 
340 1 HG22 N THR 12 ? ? CG  C GLN 33 ? ? 1.27 
341 1 H    N ALA 13 ? ? N   C MET 34 ? ? 1.27 
342 1 C    N ASN 5  ? ? N   C CYS 27 ? ? 1.27 
343 1 N    N GLY 10 ? ? CA  C GLY 31 ? ? 1.28 
344 1 C    N ASN 5  ? ? O   C LYS 26 ? ? 1.28 
345 1 HG3  N GLU 9  ? ? HB3 C GLU 30 ? ? 1.28 
346 1 CA   N THR 12 ? ? HA  C GLN 33 ? ? 1.28 
347 1 C    N PHE 4  ? ? O   C TRP 25 ? ? 1.28 
348 1 CB   N HIS 11 ? ? CA  C HIS 32 ? ? 1.28 
349 1 ND2  N ASN 5  ? ? CE  C LYS 26 ? ? 1.28 
350 1 CB   N THR 12 ? ? HB3 C GLN 33 ? ? 1.28 
351 1 HB3  N LYS 8  ? ? CB  C LYS 29 ? ? 1.29 
352 1 C    N ARG 14 ? ? N   C ASP 36 ? ? 1.29 
353 1 ND1  N HIS 11 ? ? CG  C HIS 32 ? ? 1.29 
354 1 CA   N ALA 13 ? ? CB  C MET 34 ? ? 1.29 
355 1 HG3  N LYS 2  ? ? HA  C LYS 22 ? ? 1.29 
356 1 CG   N LYS 8  ? ? CB  C LYS 29 ? ? 1.29 
357 1 HD1  N PHE 4  ? ? CD1 C TRP 25 ? ? 1.29 
358 1 HB2  N ALA 13 ? ? HB2 C MET 34 ? ? 1.29 
359 1 HA   N LYS 2  ? ? HA3 C GLY 23 ? ? 1.30 
360 1 CA   N ARG 14 ? ? N   C LYS 35 ? ? 1.30 
361 1 C    N ALA 13 ? ? N   C LYS 35 ? ? 1.30 
362 1 O    N ASN 5  ? ? C   C LYS 26 ? ? 1.30 
363 1 HZ1  N LYS 8  ? ? HZ3 C LYS 29 ? ? 1.30 
364 1 HZ3  N LYS 8  ? ? NZ  C LYS 29 ? ? 1.30 
365 1 CB   N THR 12 ? ? CG  C GLN 33 ? ? 1.30 
366 1 C    N GLY 7  ? ? O   C GLY 28 ? ? 1.30 
367 1 HZ2  N LYS 8  ? ? HZ1 C LYS 29 ? ? 1.30 
368 1 HG3  N ARG 14 ? ? CG  C LYS 35 ? ? 1.30 
369 1 NZ   N LYS 8  ? ? HZ2 C LYS 29 ? ? 1.30 
370 1 H    N CYS 16 ? ? N   C CYS 37 ? ? 1.30 
371 1 HB2  N ALA 13 ? ? CB  C MET 34 ? ? 1.30 
372 1 O    N LYS 8  ? ? C   C LYS 29 ? ? 1.30 
373 1 HD2  N LYS 2  ? ? HA  C LYS 22 ? ? 1.31 
374 1 CD   N LYS 8  ? ? CG  C LYS 29 ? ? 1.31 
375 1 CB   N HIS 11 ? ? HB2 C HIS 32 ? ? 1.31 
376 1 CB   N LYS 8  ? ? HB2 C LYS 29 ? ? 1.31 
377 1 C    N GLY 7  ? ? N   C LYS 29 ? ? 1.32 
378 1 C    N CYS 6  ? ? O   C CYS 27 ? ? 1.32 
379 1 HD2  N ARG 14 ? ? HD2 C LYS 35 ? ? 1.32 
380 1 HA   N ASN 5  ? ? CA  C LYS 26 ? ? 1.32 
381 1 C    N LYS 8  ? ? O   C LYS 29 ? ? 1.32 
382 1 HD1  N PHE 4  ? ? HD1 C TRP 25 ? ? 1.32 
383 1 HB3  N PHE 4  ? ? HB3 C TRP 25 ? ? 1.32 
384 1 HG22 N THR 12 ? ? HG2 C GLN 33 ? ? 1.32 
385 1 N    N ASN 5  ? ? H   C LYS 26 ? ? 1.32 
386 1 C    N GLY 10 ? ? CA  C GLY 31 ? ? 1.32 
387 1 CD2  N PHE 4  ? ? HE3 C TRP 25 ? ? 1.32 
388 1 NH2  N ARG 14 ? ? HZ2 C LYS 35 ? ? 1.32 
389 1 O    N VAL 1  ? ? HA2 C GLY 23 ? ? 1.32 
390 1 HH12 N ARG 14 ? ? HE2 C LYS 35 ? ? 1.33 
391 1 ND2  N ASN 5  ? ? CG  C LYS 26 ? ? 1.33 
392 1 HB3  N GLU 9  ? ? HG2 C GLU 30 ? ? 1.33 
393 1 HA2  N GLY 7  ? ? CA  C GLY 28 ? ? 1.33 
394 1 CD2  N HIS 11 ? ? CG  C HIS 32 ? ? 1.33 
395 1 CB   N ASN 15 ? ? CG  C ASP 36 ? ? 1.33 
396 1 H    N LYS 8  ? ? N   C LYS 29 ? ? 1.34 
397 1 N    N ASN 15 ? ? C   C LYS 35 ? ? 1.34 
398 1 CB   N CYS 6  ? ? HB3 C CYS 27 ? ? 1.34 
399 1 HD2  N PHE 4  ? ? HE3 C TRP 25 ? ? 1.34 
400 1 HA   N CYS 16 ? ? C   C CYS 37 ? ? 1.34 
401 1 HA2  N GLY 10 ? ? CA  C GLY 31 ? ? 1.34 
402 1 CB   N ALA 13 ? ? CG  C MET 34 ? ? 1.35 
403 1 ND1  N HIS 11 ? ? CE1 C HIS 32 ? ? 1.35 
404 1 CD2  N HIS 11 ? ? HD2 C HIS 32 ? ? 1.35 
405 1 H    N ARG 17 ? ? O   C CYS 37 ? ? 1.36 
406 1 N    N ARG 14 ? ? C   C MET 34 ? ? 1.36 
407 1 CA   N ARG 14 ? ? CB  C LYS 35 ? ? 1.36 
408 1 CD   N ARG 17 ? ? C   C THR 38 ? ? 1.36 
409 1 HB3  N ARG 14 ? ? CB  C LYS 35 ? ? 1.36 
410 1 CA   N THR 12 ? ? N   C GLN 33 ? ? 1.36 
411 1 CD   N ARG 14 ? ? CD  C LYS 35 ? ? 1.37 
412 1 NZ   N LYS 8  ? ? HZ3 C LYS 29 ? ? 1.37 
413 1 O    N VAL 1  ? ? HA3 C GLY 23 ? ? 1.37 
414 1 CB   N LYS 8  ? ? CA  C LYS 29 ? ? 1.37 
415 1 O    N HIS 11 ? ? C   C HIS 32 ? ? 1.37 
416 1 C    N ALA 13 ? ? O   C MET 34 ? ? 1.37 
417 1 HB3  N GLU 9  ? ? CB  C GLU 30 ? ? 1.37 
418 1 CA   N GLY 7  ? ? HA3 C GLY 28 ? ? 1.37 
419 1 N    N GLY 7  ? ? C   C CYS 27 ? ? 1.37 
420 1 CG   N LYS 2  ? ? H   C GLY 23 ? ? 1.37 
421 1 NH1  N ARG 14 ? ? CE  C LYS 35 ? ? 1.37 
422 1 ND2  N ASN 5  ? ? HG3 C LYS 26 ? ? 1.38 
423 1 CG   N ARG 17 ? ? CA  C THR 38 ? ? 1.38 
424 1 O    N GLY 10 ? ? C   C GLY 31 ? ? 1.38 
425 1 OD1  N ASN 15 ? ? HB2 C ASP 36 ? ? 1.39 
426 1 HA   N ASN 15 ? ? CA  C ASP 36 ? ? 1.39 
427 1 C    N ARG 14 ? ? O   C LYS 35 ? ? 1.39 
428 1 C    N ARG 14 ? ? CA  C LYS 35 ? ? 1.39 
429 1 CA   N CYS 3  ? ? C   C CYS 24 ? ? 1.39 
430 1 NE2  N HIS 11 ? ? CD2 C HIS 32 ? ? 1.39 
431 1 CA   N GLY 7  ? ? N   C GLY 28 ? ? 1.39 
432 1 HA   N CYS 3  ? ? CA  C CYS 24 ? ? 1.39 
433 1 N    N LYS 8  ? ? H   C LYS 29 ? ? 1.40 
434 1 CB   N GLU 9  ? ? HB3 C GLU 30 ? ? 1.40 
435 1 HD2  N LYS 2  ? ? CA  C LYS 22 ? ? 1.41 
436 1 N    N LYS 2  ? ? CA  C GLY 23 ? ? 1.41 
437 1 NH2  N ARG 17 ? ? HG1 C THR 38 ? ? 1.41 
438 1 C    N HIS 11 ? ? N   C GLN 33 ? ? 1.41 
439 1 N    N CYS 6  ? ? CA  C CYS 27 ? ? 1.41 
440 1 CG   N ASN 5  ? ? HD3 C LYS 26 ? ? 1.42 
441 1 CD1  N PHE 4  ? ? CD1 C TRP 25 ? ? 1.42 
442 1 CE1  N HIS 11 ? ? NE2 C HIS 32 ? ? 1.42 
443 1 CA   N CYS 16 ? ? C   C CYS 37 ? ? 1.42 
444 1 N    N CYS 3  ? ? CA  C CYS 24 ? ? 1.42 
445 1 CD2  N HIS 11 ? ? NE2 C HIS 32 ? ? 1.42 
446 1 HA   N PHE 4  ? ? C   C TRP 25 ? ? 1.42 
447 1 N    N CYS 6  ? ? C   C LYS 26 ? ? 1.43 
448 1 CB   N LYS 2  ? ? N   C GLY 23 ? ? 1.43 
449 1 CA   N ARG 14 ? ? HA  C LYS 35 ? ? 1.43 
450 1 N    N ASN 15 ? ? CA  C ASP 36 ? ? 1.43 
451 1 OG1  N THR 12 ? ? HG3 C GLN 33 ? ? 1.43 
452 1 CA   N ASN 15 ? ? C   C ASP 36 ? ? 1.44 
453 1 CG   N ARG 14 ? ? CD  C LYS 35 ? ? 1.44 
454 1 CB   N ASN 5  ? ? CG  C LYS 26 ? ? 1.45 
455 1 CD   N LYS 8  ? ? HG2 C LYS 29 ? ? 1.45 
456 1 CA   N CYS 6  ? ? CB  C CYS 27 ? ? 1.45 
457 1 C    N ALA 13 ? ? CA  C MET 34 ? ? 1.45 
458 1 HD1  N PHE 4  ? ? CG  C TRP 25 ? ? 1.45 
459 1 CA   N THR 12 ? ? C   C GLN 33 ? ? 1.45 
460 1 CG   N ARG 14 ? ? HB2 C LYS 35 ? ? 1.45 
461 1 CG   N LYS 8  ? ? CD  C LYS 29 ? ? 1.45 
462 1 HZ2  N LYS 8  ? ? CE  C LYS 29 ? ? 1.45 
463 1 HG2  N GLU 9  ? ? CB  C GLU 30 ? ? 1.45 
464 1 HB3  N GLU 9  ? ? CD  C GLU 30 ? ? 1.46 
465 1 CB   N THR 12 ? ? CA  C GLN 33 ? ? 1.46 
466 1 C    N GLY 7  ? ? CA  C GLY 28 ? ? 1.46 
467 1 HE2  N LYS 8  ? ? CE  C LYS 29 ? ? 1.46 
468 1 C    N GLY 10 ? ? O   C GLY 31 ? ? 1.46 
469 1 N    N CYS 16 ? ? CA  C CYS 37 ? ? 1.47 
470 1 CB   N ASN 15 ? ? HB3 C ASP 36 ? ? 1.47 
471 1 OG1  N THR 12 ? ? CB  C GLN 33 ? ? 1.47 
472 1 N    N GLU 9  ? ? CA  C GLU 30 ? ? 1.47 
473 1 NZ   N LYS 8  ? ? HZ1 C LYS 29 ? ? 1.47 
474 1 CG   N ARG 14 ? ? HG3 C LYS 35 ? ? 1.47 
475 1 CE1  N PHE 4  ? ? NE1 C TRP 25 ? ? 1.48 
476 1 HG22 N THR 12 ? ? NE2 C GLN 33 ? ? 1.48 
477 1 H    N PHE 4  ? ? N   C TRP 25 ? ? 1.48 
478 1 CE2  N PHE 4  ? ? CE3 C TRP 25 ? ? 1.49 
479 1 CG   N GLU 9  ? ? CB  C GLU 30 ? ? 1.49 
480 1 H    N CYS 3  ? ? C   C GLY 23 ? ? 1.50 
481 1 CA   N LYS 2  ? ? C   C GLY 23 ? ? 1.50 
482 1 HD2  N LYS 2  ? ? CG  C LYS 22 ? ? 1.50 
483 1 CG   N HIS 11 ? ? CB  C HIS 32 ? ? 1.50 
484 1 N    N ALA 13 ? ? CA  C MET 34 ? ? 1.50 
485 1 CG   N PHE 4  ? ? CG  C TRP 25 ? ? 1.50 
486 1 NH2  N ARG 17 ? ? CB  C THR 38 ? ? 1.50 
487 1 OD1  N ASN 5  ? ? HD3 C LYS 26 ? ? 1.51 
488 1 HG3  N ARG 17 ? ? C   C THR 38 ? ? 1.51 
489 1 CA   N GLU 9  ? ? CB  C GLU 30 ? ? 1.51 
490 1 C    N HIS 11 ? ? CA  C HIS 32 ? ? 1.51 
491 1 C    N CYS 3  ? ? H   C TRP 25 ? ? 1.52 
492 1 CG   N LYS 2  ? ? CA  C LYS 22 ? ? 1.52 
493 1 HA   N GLU 9  ? ? CB  C GLU 30 ? ? 1.52 
494 1 CG   N ARG 14 ? ? HD2 C LYS 35 ? ? 1.52 
495 1 CB   N PHE 4  ? ? HB2 C TRP 25 ? ? 1.52 
496 1 CA   N ASN 5  ? ? C   C LYS 26 ? ? 1.53 
497 1 C    N CYS 6  ? ? CA  C CYS 27 ? ? 1.53 
498 1 N    N PHE 4  ? ? CA  C TRP 25 ? ? 1.53 
499 1 HD2  N LYS 2  ? ? CB  C LYS 22 ? ? 1.53 
500 1 CG   N HIS 11 ? ? CD2 C HIS 32 ? ? 1.53 
501 1 ND2  N ASN 5  ? ? HE3 C LYS 26 ? ? 1.53 
502 1 NE   N ARG 17 ? ? CB  C THR 38 ? ? 1.54 
503 1 CA   N ALA 13 ? ? N   C MET 34 ? ? 1.54 
504 1 C    N GLY 10 ? ? N   C HIS 32 ? ? 1.54 
505 1 O    N PHE 4  ? ? C   C TRP 25 ? ? 1.54 
506 1 CA   N CYS 6  ? ? C   C CYS 27 ? ? 1.54 
507 1 N    N GLY 10 ? ? H   C GLY 31 ? ? 1.54 
508 1 C    N THR 12 ? ? O   C GLN 33 ? ? 1.55 
509 1 HB2  N GLU 9  ? ? CG  C GLU 30 ? ? 1.56 
510 1 CD2  N PHE 4  ? ? CE3 C TRP 25 ? ? 1.56 
511 1 HG3  N LYS 8  ? ? CD  C LYS 29 ? ? 1.56 
512 1 CA   N LYS 8  ? ? N   C LYS 29 ? ? 1.56 
513 1 NZ   N LYS 8  ? ? HE3 C LYS 29 ? ? 1.56 
514 1 HG3  N ARG 17 ? ? CA  C THR 38 ? ? 1.57 
515 1 N    N LYS 8  ? ? CA  C LYS 29 ? ? 1.57 
516 1 NH2  N ARG 14 ? ? NZ  C LYS 35 ? ? 1.58 
517 1 C    N CYS 3  ? ? O   C CYS 24 ? ? 1.58 
518 1 OXT  N ARG 17 ? ? HD3 C LYS 26 ? ? 1.58 
519 1 CA   N CYS 16 ? ? HA  C CYS 37 ? ? 1.58 
520 1 CZ   N PHE 4  ? ? CE2 C TRP 25 ? ? 1.58 
521 1 CA   N CYS 6  ? ? N   C CYS 27 ? ? 1.59 
522 1 H    N GLY 10 ? ? C   C GLU 30 ? ? 1.59 
523 1 C    N ASN 15 ? ? O   C ASP 36 ? ? 1.59 
524 1 HA3  N GLY 10 ? ? CA  C GLY 31 ? ? 1.59 
525 1 CA   N GLY 7  ? ? C   C GLY 28 ? ? 1.59 
526 1 CB   N ASN 5  ? ? HB2 C LYS 26 ? ? 1.59 
527 1 C    N ASN 15 ? ? H   C CYS 37 ? ? 1.59 
528 1 CA   N ASN 15 ? ? N   C ASP 36 ? ? 1.59 
529 1 HB2  N PHE 4  ? ? CB  C TRP 25 ? ? 1.59 
530 1 N    N CYS 3  ? ? H   C CYS 24 ? ? 1.59 
531 1 CA   N THR 12 ? ? CB  C GLN 33 ? ? 1.60 
532 1 CD   N GLU 9  ? ? OE1 C GLU 30 ? ? 1.60 
533 1 CE1  N PHE 4  ? ? CD1 C TRP 25 ? ? 1.60 
534 1 CE1  N PHE 4  ? ? CE2 C TRP 25 ? ? 1.61 
535 1 CB   N HIS 11 ? ? CG  C HIS 32 ? ? 1.62 
536 1 CA   N HIS 11 ? ? C   C HIS 32 ? ? 1.62 
537 1 N    N GLU 9  ? ? C   C LYS 29 ? ? 1.62 
538 1 CB   N CYS 6  ? ? CA  C CYS 27 ? ? 1.62 
539 1 CA   N PHE 4  ? ? CB  C TRP 25 ? ? 1.62 
540 1 N    N GLY 7  ? ? CA  C GLY 28 ? ? 1.63 
541 1 O    N THR 12 ? ? C   C GLN 33 ? ? 1.63 
542 1 C    N GLU 9  ? ? N   C GLY 31 ? ? 1.63 
543 1 O    N VAL 1  ? ? CA  C GLY 23 ? ? 1.63 
544 1 C    N VAL 1  ? ? CA  C GLY 23 ? ? 1.64 
545 1 CE1  N PHE 4  ? ? CD2 C TRP 25 ? ? 1.64 
546 1 CA   N ALA 13 ? ? C   C MET 34 ? ? 1.64 
547 1 CE1  N PHE 4  ? ? CG  C TRP 25 ? ? 1.64 
548 1 CB   N CYS 6  ? ? SG  C CYS 27 ? ? 1.64 
549 1 N    N THR 12 ? ? CA  C GLN 33 ? ? 1.65 
550 1 OG1  N THR 12 ? ? CG  C GLN 33 ? ? 1.65 
551 1 CD1  N PHE 4  ? ? CB  C TRP 25 ? ? 1.65 
552 1 OE1  N GLU 9  ? ? CD  C GLU 30 ? ? 1.66 
553 1 CB   N CYS 16 ? ? SG  C CYS 37 ? ? 1.66 
554 1 C    N THR 12 ? ? CA  C GLN 33 ? ? 1.67 
555 1 CZ   N ARG 17 ? ? CB  C THR 38 ? ? 1.68 
556 1 CZ   N PHE 4  ? ? CD2 C TRP 25 ? ? 1.68 
557 1 O    N CYS 3  ? ? N   C TRP 25 ? ? 1.68 
558 1 CG   N ARG 17 ? ? C   C THR 38 ? ? 1.68 
559 1 CA   N CYS 16 ? ? N   C CYS 37 ? ? 1.69 
560 1 SG   N CYS 3  ? ? CB  C CYS 24 ? ? 1.70 
561 1 CA   N ARG 14 ? ? C   C LYS 35 ? ? 1.70 
562 1 CA   N GLU 9  ? ? N   C GLU 30 ? ? 1.71 
563 1 CE   N LYS 8  ? ? CD  C LYS 29 ? ? 1.71 
564 1 C    N ASN 5  ? ? CA  C LYS 26 ? ? 1.71 
565 1 CD   N LYS 2  ? ? CA  C LYS 22 ? ? 1.73 
566 1 N    N ARG 14 ? ? CA  C LYS 35 ? ? 1.73 
567 1 N    N CYS 16 ? ? C   C ASP 36 ? ? 1.73 
568 1 CG   N LYS 2  ? ? N   C GLY 23 ? ? 1.73 
569 1 CA   N CYS 3  ? ? N   C CYS 24 ? ? 1.74 
570 1 CB   N LYS 8  ? ? CG  C LYS 29 ? ? 1.75 
571 1 N    N HIS 11 ? ? CA  C HIS 32 ? ? 1.75 
572 1 CA   N LYS 8  ? ? CB  C LYS 29 ? ? 1.75 
573 1 C    N ASN 15 ? ? CA  C ASP 36 ? ? 1.76 
574 1 CB   N CYS 16 ? ? CA  C CYS 37 ? ? 1.77 
575 1 CB   N ALA 13 ? ? CA  C MET 34 ? ? 1.77 
576 1 OD1  N ASN 5  ? ? CG  C LYS 26 ? ? 1.77 
577 1 CG2  N THR 12 ? ? CB  C GLN 33 ? ? 1.77 
578 1 N    N ASN 5  ? ? CB  C LYS 26 ? ? 1.78 
579 1 CZ   N ARG 17 ? ? OG1 C THR 38 ? ? 1.78 
580 1 N    N PHE 4  ? ? C   C CYS 24 ? ? 1.78 
581 1 C    N CYS 3  ? ? CA  C CYS 24 ? ? 1.78 
582 1 N    N LYS 2  ? ? N   C GLY 23 ? ? 1.78 
583 1 N    N CYS 3  ? ? O   C GLY 23 ? ? 1.79 
584 1 CD1  N PHE 4  ? ? CD2 C TRP 25 ? ? 1.79 
585 1 C    N PHE 4  ? ? CA  C LYS 26 ? ? 1.79 
586 1 CA   N HIS 11 ? ? CB  C HIS 32 ? ? 1.80 
587 1 CG   N LYS 2  ? ? C   C LYS 22 ? ? 1.80 
588 1 CA   N PHE 4  ? ? N   C TRP 25 ? ? 1.80 
589 1 CA   N GLU 9  ? ? O   C GLU 30 ? ? 1.80 
590 1 NE   N ARG 17 ? ? O   C THR 38 ? ? 1.81 
591 1 N    N GLY 10 ? ? O   C GLU 30 ? ? 1.81 
592 1 C    N LYS 2  ? ? N   C CYS 24 ? ? 1.82 
593 1 O    N GLU 9  ? ? C   C GLU 30 ? ? 1.82 
594 1 O    N ASN 15 ? ? N   C CYS 37 ? ? 1.83 
595 1 CG   N ASN 15 ? ? CG  C ASP 36 ? ? 1.83 
596 1 O    N THR 12 ? ? O   C GLN 33 ? ? 1.83 
597 1 OD1  N ASN 5  ? ? CD  C LYS 26 ? ? 1.83 
598 1 CB   N ASN 15 ? ? OD1 C ASP 36 ? ? 1.83 
599 1 CB   N ARG 14 ? ? CA  C LYS 35 ? ? 1.83 
600 1 CA   N CYS 3  ? ? CB  C CYS 24 ? ? 1.84 
601 1 C    N LYS 8  ? ? CA  C LYS 29 ? ? 1.85 
602 1 N    N ASN 5  ? ? C   C TRP 25 ? ? 1.85 
603 1 CA   N LYS 2  ? ? O   C GLY 23 ? ? 1.85 
604 1 ND2  N ASN 15 ? ? CB  C ASP 36 ? ? 1.86 
605 1 CA   N GLY 10 ? ? N   C GLY 31 ? ? 1.86 
606 1 CE2  N PHE 4  ? ? CD2 C TRP 25 ? ? 1.87 
607 1 CA   N PHE 4  ? ? N   C LYS 26 ? ? 1.87 
608 1 CG2  N THR 12 ? ? CD  C GLN 33 ? ? 1.87 
609 1 NE   N ARG 14 ? ? CE  C LYS 35 ? ? 1.87 
610 1 N    N ARG 17 ? ? C   C CYS 37 ? ? 1.88 
611 1 CA   N GLY 10 ? ? C   C GLY 31 ? ? 1.89 
612 1 CA   N ARG 17 ? ? O   C CYS 37 ? ? 1.90 
613 1 O    N LYS 8  ? ? N   C GLU 30 ? ? 1.90 
614 1 CD   N ARG 17 ? ? CA  C THR 38 ? ? 1.90 
615 1 CD   N LYS 2  ? ? CG  C LYS 22 ? ? 1.92 
616 1 CG   N ASN 5  ? ? CB  C LYS 26 ? ? 1.92 
617 1 CA   N ASN 15 ? ? CB  C ASP 36 ? ? 1.92 
618 1 CZ   N ARG 14 ? ? NZ  C LYS 35 ? ? 1.92 
619 1 O    N CYS 16 ? ? O   C CYS 37 ? ? 1.93 
620 1 CB   N CYS 3  ? ? SG  C CYS 24 ? ? 1.93 
621 1 CA   N PHE 4  ? ? O   C TRP 25 ? ? 1.95 
622 1 CE2  N PHE 4  ? ? CZ3 C TRP 25 ? ? 1.95 
623 1 NE   N ARG 17 ? ? CA  C THR 38 ? ? 1.95 
624 1 NZ   N LYS 8  ? ? CD  C LYS 29 ? ? 1.96 
625 1 NH2  N ARG 14 ? ? CE  C LYS 35 ? ? 1.97 
626 1 O    N THR 12 ? ? N   C MET 34 ? ? 1.97 
627 1 CD   N LYS 8  ? ? CE  C LYS 29 ? ? 1.98 
628 1 CG   N PHE 4  ? ? CD2 C TRP 25 ? ? 1.98 
629 1 C    N CYS 16 ? ? CA  C CYS 37 ? ? 1.98 
630 1 O    N LYS 2  ? ? C   C GLY 23 ? ? 1.99 
631 1 CD2  N HIS 11 ? ? ND1 C HIS 32 ? ? 1.99 
632 1 N    N LYS 8  ? ? O   C GLY 28 ? ? 1.99 
633 1 CB   N PHE 4  ? ? CA  C TRP 25 ? ? 1.99 
634 1 O    N CYS 16 ? ? C   C CYS 37 ? ? 2.00 
635 1 SG   N CYS 6  ? ? CB  C CYS 27 ? ? 2.00 
636 1 SG   N CYS 16 ? ? CB  C CYS 37 ? ? 2.00 
637 1 CD2  N PHE 4  ? ? CD2 C TRP 25 ? ? 2.00 
638 1 CB   N GLU 9  ? ? CA  C GLU 30 ? ? 2.01 
639 1 CD2  N HIS 11 ? ? CE1 C HIS 32 ? ? 2.02 
640 1 C    N CYS 3  ? ? CA  C TRP 25 ? ? 2.02 
641 1 C    N GLU 9  ? ? CA  C GLU 30 ? ? 2.02 
642 1 C    N LYS 8  ? ? CA  C GLU 30 ? ? 2.03 
643 1 CB   N ASN 5  ? ? CA  C LYS 26 ? ? 2.05 
644 1 CE   N LYS 8  ? ? CG  C LYS 29 ? ? 2.05 
645 1 NE2  N HIS 11 ? ? ND1 C HIS 32 ? ? 2.05 
646 1 CA   N ASN 5  ? ? CG  C LYS 26 ? ? 2.05 
647 1 CE1  N HIS 11 ? ? CG  C HIS 32 ? ? 2.06 
648 1 CE   N LYS 8  ? ? NZ  C LYS 29 ? ? 2.06 
649 1 CA   N CYS 16 ? ? O   C CYS 37 ? ? 2.06 
650 1 CA   N CYS 3  ? ? N   C TRP 25 ? ? 2.07 
651 1 O    N ALA 13 ? ? N   C LYS 35 ? ? 2.07 
652 1 O    N CYS 3  ? ? CA  C TRP 25 ? ? 2.07 
653 1 O    N ARG 14 ? ? CA  C LYS 35 ? ? 2.07 
654 1 O    N CYS 6  ? ? N   C GLY 28 ? ? 2.08 
655 1 ND2  N ASN 15 ? ? OD2 C ASP 36 ? ? 2.08 
656 1 NE   N ARG 17 ? ? C   C THR 38 ? ? 2.08 
657 1 N    N ALA 13 ? ? O   C GLN 33 ? ? 2.08 
658 1 CZ   N PHE 4  ? ? CZ2 C TRP 25 ? ? 2.09 
659 1 CA   N LYS 8  ? ? O   C LYS 29 ? ? 2.09 
660 1 CB   N ARG 14 ? ? CG  C LYS 35 ? ? 2.09 
661 1 N    N HIS 11 ? ? O   C GLY 31 ? ? 2.10 
662 1 O    N GLY 7  ? ? N   C LYS 29 ? ? 2.10 
663 1 CG   N HIS 11 ? ? CE1 C HIS 32 ? ? 2.10 
664 1 CB   N ASN 5  ? ? CD  C LYS 26 ? ? 2.10 
665 1 CA   N ASN 5  ? ? N   C LYS 26 ? ? 2.10 
666 1 CA   N HIS 11 ? ? C   C GLY 31 ? ? 2.11 
667 1 O    N PHE 4  ? ? N   C LYS 26 ? ? 2.11 
668 1 N    N HIS 11 ? ? CA  C GLY 31 ? ? 2.11 
669 1 CG   N ASN 15 ? ? OD2 C ASP 36 ? ? 2.11 
670 1 C    N LYS 2  ? ? CA  C GLY 23 ? ? 2.11 
671 1 C    N ASN 15 ? ? CA  C CYS 37 ? ? 2.12 
672 1 N    N THR 12 ? ? O   C HIS 32 ? ? 2.12 
673 1 CE1  N HIS 11 ? ? CD2 C HIS 32 ? ? 2.12 
674 1 O    N LYS 8  ? ? CA  C GLU 30 ? ? 2.12 
675 1 CB   N ASN 15 ? ? C   C ASP 36 ? ? 2.13 
676 1 OD1  N ASN 15 ? ? CB  C ASP 36 ? ? 2.13 
677 1 CG   N ASN 15 ? ? CA  C ASP 36 ? ? 2.14 
678 1 CA   N GLU 9  ? ? CG  C GLU 30 ? ? 2.14 
679 1 N    N PHE 4  ? ? C   C TRP 25 ? ? 2.14 
680 1 N    N PHE 4  ? ? N   C LYS 26 ? ? 2.15 
681 1 N    N LYS 8  ? ? C   C LYS 29 ? ? 2.15 
682 1 CA   N LYS 8  ? ? N   C GLU 30 ? ? 2.15 
683 1 CA   N ASN 15 ? ? N   C CYS 37 ? ? 2.16 
684 1 CZ   N ARG 17 ? ? O   C THR 38 ? ? 2.17 
685 1 NE2  N HIS 11 ? ? CG  C HIS 32 ? ? 2.17 
686 1 CB   N HIS 11 ? ? N   C HIS 32 ? ? 2.17 
687 1 NE   N ARG 14 ? ? CD  C LYS 35 ? ? 2.18 
688 1 ND1  N HIS 11 ? ? CD2 C HIS 32 ? ? 2.18 
689 1 CG   N LYS 8  ? ? CA  C LYS 29 ? ? 2.18 
690 1 CB   N LYS 8  ? ? C   C LYS 29 ? ? 2.18 
691 1 N    N LYS 2  ? ? C   C GLY 23 ? ? 2.19 
692 1 CD   N LYS 2  ? ? CB  C LYS 22 ? ? 2.19 
693 1 CG   N ASN 5  ? ? CE  C LYS 26 ? ? 2.19 
# 
loop_
_pdbx_validate_rmsd_bond.id 
_pdbx_validate_rmsd_bond.PDB_model_num 
_pdbx_validate_rmsd_bond.auth_atom_id_1 
_pdbx_validate_rmsd_bond.auth_asym_id_1 
_pdbx_validate_rmsd_bond.auth_comp_id_1 
_pdbx_validate_rmsd_bond.auth_seq_id_1 
_pdbx_validate_rmsd_bond.PDB_ins_code_1 
_pdbx_validate_rmsd_bond.label_alt_id_1 
_pdbx_validate_rmsd_bond.auth_atom_id_2 
_pdbx_validate_rmsd_bond.auth_asym_id_2 
_pdbx_validate_rmsd_bond.auth_comp_id_2 
_pdbx_validate_rmsd_bond.auth_seq_id_2 
_pdbx_validate_rmsd_bond.PDB_ins_code_2 
_pdbx_validate_rmsd_bond.label_alt_id_2 
_pdbx_validate_rmsd_bond.bond_value 
_pdbx_validate_rmsd_bond.bond_target_value 
_pdbx_validate_rmsd_bond.bond_deviation 
_pdbx_validate_rmsd_bond.bond_standard_deviation 
_pdbx_validate_rmsd_bond.linker_flag 
1 1 CG N HIS 11 ? ? ND1 N HIS 11 ? ? 1.251 1.369 -0.118 0.015 N 
2 1 CG C TRP 25 ? ? CD2 C TRP 25 ? ? 1.321 1.432 -0.111 0.017 N 
3 1 CG C HIS 32 ? ? ND1 C HIS 32 ? ? 1.254 1.369 -0.115 0.015 N 
# 
loop_
_pdbx_validate_rmsd_angle.id 
_pdbx_validate_rmsd_angle.PDB_model_num 
_pdbx_validate_rmsd_angle.auth_atom_id_1 
_pdbx_validate_rmsd_angle.auth_asym_id_1 
_pdbx_validate_rmsd_angle.auth_comp_id_1 
_pdbx_validate_rmsd_angle.auth_seq_id_1 
_pdbx_validate_rmsd_angle.PDB_ins_code_1 
_pdbx_validate_rmsd_angle.label_alt_id_1 
_pdbx_validate_rmsd_angle.auth_atom_id_2 
_pdbx_validate_rmsd_angle.auth_asym_id_2 
_pdbx_validate_rmsd_angle.auth_comp_id_2 
_pdbx_validate_rmsd_angle.auth_seq_id_2 
_pdbx_validate_rmsd_angle.PDB_ins_code_2 
_pdbx_validate_rmsd_angle.label_alt_id_2 
_pdbx_validate_rmsd_angle.auth_atom_id_3 
_pdbx_validate_rmsd_angle.auth_asym_id_3 
_pdbx_validate_rmsd_angle.auth_comp_id_3 
_pdbx_validate_rmsd_angle.auth_seq_id_3 
_pdbx_validate_rmsd_angle.PDB_ins_code_3 
_pdbx_validate_rmsd_angle.label_alt_id_3 
_pdbx_validate_rmsd_angle.angle_value 
_pdbx_validate_rmsd_angle.angle_target_value 
_pdbx_validate_rmsd_angle.angle_deviation 
_pdbx_validate_rmsd_angle.angle_standard_deviation 
_pdbx_validate_rmsd_angle.linker_flag 
1 1 CD  N LYS 2  ? ? CE  N LYS 2  ? ? NZ  N LYS 2  ? ? 131.30 111.70 19.60 2.30 N 
2 1 CG  C TRP 25 ? ? CD1 C TRP 25 ? ? NE1 C TRP 25 ? ? 103.77 110.10 -6.33 1.00 N 
3 1 NE1 C TRP 25 ? ? CE2 C TRP 25 ? ? CZ2 C TRP 25 ? ? 139.50 130.40 9.10  1.10 N 
4 1 NE1 C TRP 25 ? ? CE2 C TRP 25 ? ? CD2 C TRP 25 ? ? 100.30 107.30 -7.00 1.00 N 
# 
loop_
_pdbx_validate_torsion.id 
_pdbx_validate_torsion.PDB_model_num 
_pdbx_validate_torsion.auth_comp_id 
_pdbx_validate_torsion.auth_asym_id 
_pdbx_validate_torsion.auth_seq_id 
_pdbx_validate_torsion.PDB_ins_code 
_pdbx_validate_torsion.label_alt_id 
_pdbx_validate_torsion.phi 
_pdbx_validate_torsion.psi 
1 1 ASN N 5  ? ? -90.41  -69.35  
2 1 ALA N 13 ? ? -68.45  29.33   
3 1 ASN N 15 ? ? -108.62 43.71   
4 1 LYS C 26 ? ? -99.73  -70.52  
5 1 GLN C 33 ? ? -79.02  -127.62 
6 1 ASP C 36 ? ? -109.02 48.46   
7 1 CYS C 37 ? ? -102.76 51.92   
# 
loop_
_pdbx_validate_planes.id 
_pdbx_validate_planes.PDB_model_num 
_pdbx_validate_planes.auth_comp_id 
_pdbx_validate_planes.auth_asym_id 
_pdbx_validate_planes.auth_seq_id 
_pdbx_validate_planes.PDB_ins_code 
_pdbx_validate_planes.label_alt_id 
_pdbx_validate_planes.rmsd 
_pdbx_validate_planes.type 
1 1 ARG N 14 ? ? 0.312 'SIDE CHAIN' 
2 1 ARG N 17 ? ? 0.313 'SIDE CHAIN' 
# 
_pdbx_nmr_ensemble.entry_id                             1NCP 
_pdbx_nmr_ensemble.conformers_calculated_total_number   ? 
_pdbx_nmr_ensemble.conformers_submitted_total_number    1 
_pdbx_nmr_ensemble.conformer_selection_criteria         ? 
# 
_pdbx_nmr_refine.entry_id           1NCP 
_pdbx_nmr_refine.method             ? 
_pdbx_nmr_refine.details            
;THIS ENTRY CONTAINS SOLUTION NMR STRUCTURE OF A 39 RESIDUE
SYNTHETIC PEPTIDE CONTAINING THE TWO ZINC BINDING DOMAINS
FROM THE HIV-1 P7 NUCLEOCAPSID PROTEIN.  THE TWO DOMAINS
ARE COMPLETELY INDEPENDENT AND WERE SOLVED SEPARATELY.  THE
FIRST DOMAIN (CHAIN *N*, RESIDUES 1 - 17) WAS BASED ON 147
APPROXIMATE INTERPROTON DISTANCE RESTRAINTS.  THE SECOND
DOMAIN (CHAIN *C*, RESIDUES 22 - 39) WAS BASED ON 148
APPROXIMATE INTERPROTON DISTANCE RESTRAINTS.  THE LINKER
REGION IS HIGHLY FLEXIBLE AND CANNOT BE DEFINED FROM THE
NMR DATA.

THE METHOD USED TO DETERMINE THE STRUCTURES IS THE HYBRID
METRIC MATRIX DISTANCE GEOMETRY-DYNAMICAL SIMULATED
ANNEALING METHOD (NILGES, CLORE, AND GRONENBORN, FEBS
LETT. 229, 317 (1988)).

A TOTAL OF 15 SIMULATED ANNEALING STRUCTURES WAS CALCULATED
FOR EACH DOMAIN.  THE COORDINATES OF THE DOMAINS WERE THEN
AVERAGED AND SUBJECTED TO RESTRAINED REGULARIZATION TO
YIELD THE RESTRAINED MINIMIZED STRUCTURES.  ONLY THESE
COORDINATES ARE LISTED.  THE FIRST CHAIN IS THE N-TERMINAL
DOMAIN, AND THE SECOND IS THE C-TERMINAL DOMAIN.

THE FIELD PRESENTED IN COLUMNS 61 - 66 IN THIS COORDINATE
FILE REPRESENTS THE ATOMIC RMS DEVIATION OF THE INDIVIDUAL
STRUCTURES ABOUT THE MEAN COORDINATE POSITIONS FOR EACH
DOMAIN.

THE COORDINATES OF THE TWO DOMAINS HAVE BEEN BEST FITTED TO
EACH OTHER.
;
_pdbx_nmr_refine.software_ordinal   1 
# 
loop_
_chem_comp_atom.comp_id 
_chem_comp_atom.atom_id 
_chem_comp_atom.type_symbol 
_chem_comp_atom.pdbx_aromatic_flag 
_chem_comp_atom.pdbx_stereo_config 
_chem_comp_atom.pdbx_ordinal 
ALA N    N  N N 1   
ALA CA   C  N S 2   
ALA C    C  N N 3   
ALA O    O  N N 4   
ALA CB   C  N N 5   
ALA OXT  O  N N 6   
ALA H    H  N N 7   
ALA H2   H  N N 8   
ALA HA   H  N N 9   
ALA HB1  H  N N 10  
ALA HB2  H  N N 11  
ALA HB3  H  N N 12  
ALA HXT  H  N N 13  
ARG N    N  N N 14  
ARG CA   C  N S 15  
ARG C    C  N N 16  
ARG O    O  N N 17  
ARG CB   C  N N 18  
ARG CG   C  N N 19  
ARG CD   C  N N 20  
ARG NE   N  N N 21  
ARG CZ   C  N N 22  
ARG NH1  N  N N 23  
ARG NH2  N  N N 24  
ARG OXT  O  N N 25  
ARG H    H  N N 26  
ARG H2   H  N N 27  
ARG HA   H  N N 28  
ARG HB2  H  N N 29  
ARG HB3  H  N N 30  
ARG HG2  H  N N 31  
ARG HG3  H  N N 32  
ARG HD2  H  N N 33  
ARG HD3  H  N N 34  
ARG HE   H  N N 35  
ARG HH11 H  N N 36  
ARG HH12 H  N N 37  
ARG HH21 H  N N 38  
ARG HH22 H  N N 39  
ARG HXT  H  N N 40  
ASN N    N  N N 41  
ASN CA   C  N S 42  
ASN C    C  N N 43  
ASN O    O  N N 44  
ASN CB   C  N N 45  
ASN CG   C  N N 46  
ASN OD1  O  N N 47  
ASN ND2  N  N N 48  
ASN OXT  O  N N 49  
ASN H    H  N N 50  
ASN H2   H  N N 51  
ASN HA   H  N N 52  
ASN HB2  H  N N 53  
ASN HB3  H  N N 54  
ASN HD21 H  N N 55  
ASN HD22 H  N N 56  
ASN HXT  H  N N 57  
ASP N    N  N N 58  
ASP CA   C  N S 59  
ASP C    C  N N 60  
ASP O    O  N N 61  
ASP CB   C  N N 62  
ASP CG   C  N N 63  
ASP OD1  O  N N 64  
ASP OD2  O  N N 65  
ASP OXT  O  N N 66  
ASP H    H  N N 67  
ASP H2   H  N N 68  
ASP HA   H  N N 69  
ASP HB2  H  N N 70  
ASP HB3  H  N N 71  
ASP HD2  H  N N 72  
ASP HXT  H  N N 73  
CYS N    N  N N 74  
CYS CA   C  N R 75  
CYS C    C  N N 76  
CYS O    O  N N 77  
CYS CB   C  N N 78  
CYS SG   S  N N 79  
CYS OXT  O  N N 80  
CYS H    H  N N 81  
CYS H2   H  N N 82  
CYS HA   H  N N 83  
CYS HB2  H  N N 84  
CYS HB3  H  N N 85  
CYS HG   H  N N 86  
CYS HXT  H  N N 87  
GLN N    N  N N 88  
GLN CA   C  N S 89  
GLN C    C  N N 90  
GLN O    O  N N 91  
GLN CB   C  N N 92  
GLN CG   C  N N 93  
GLN CD   C  N N 94  
GLN OE1  O  N N 95  
GLN NE2  N  N N 96  
GLN OXT  O  N N 97  
GLN H    H  N N 98  
GLN H2   H  N N 99  
GLN HA   H  N N 100 
GLN HB2  H  N N 101 
GLN HB3  H  N N 102 
GLN HG2  H  N N 103 
GLN HG3  H  N N 104 
GLN HE21 H  N N 105 
GLN HE22 H  N N 106 
GLN HXT  H  N N 107 
GLU N    N  N N 108 
GLU CA   C  N S 109 
GLU C    C  N N 110 
GLU O    O  N N 111 
GLU CB   C  N N 112 
GLU CG   C  N N 113 
GLU CD   C  N N 114 
GLU OE1  O  N N 115 
GLU OE2  O  N N 116 
GLU OXT  O  N N 117 
GLU H    H  N N 118 
GLU H2   H  N N 119 
GLU HA   H  N N 120 
GLU HB2  H  N N 121 
GLU HB3  H  N N 122 
GLU HG2  H  N N 123 
GLU HG3  H  N N 124 
GLU HE2  H  N N 125 
GLU HXT  H  N N 126 
GLY N    N  N N 127 
GLY CA   C  N N 128 
GLY C    C  N N 129 
GLY O    O  N N 130 
GLY OXT  O  N N 131 
GLY H    H  N N 132 
GLY H2   H  N N 133 
GLY HA2  H  N N 134 
GLY HA3  H  N N 135 
GLY HXT  H  N N 136 
HIS N    N  N N 137 
HIS CA   C  N S 138 
HIS C    C  N N 139 
HIS O    O  N N 140 
HIS CB   C  N N 141 
HIS CG   C  Y N 142 
HIS ND1  N  Y N 143 
HIS CD2  C  Y N 144 
HIS CE1  C  Y N 145 
HIS NE2  N  Y N 146 
HIS OXT  O  N N 147 
HIS H    H  N N 148 
HIS H2   H  N N 149 
HIS HA   H  N N 150 
HIS HB2  H  N N 151 
HIS HB3  H  N N 152 
HIS HD1  H  N N 153 
HIS HD2  H  N N 154 
HIS HE1  H  N N 155 
HIS HE2  H  N N 156 
HIS HXT  H  N N 157 
LYS N    N  N N 158 
LYS CA   C  N S 159 
LYS C    C  N N 160 
LYS O    O  N N 161 
LYS CB   C  N N 162 
LYS CG   C  N N 163 
LYS CD   C  N N 164 
LYS CE   C  N N 165 
LYS NZ   N  N N 166 
LYS OXT  O  N N 167 
LYS H    H  N N 168 
LYS H2   H  N N 169 
LYS HA   H  N N 170 
LYS HB2  H  N N 171 
LYS HB3  H  N N 172 
LYS HG2  H  N N 173 
LYS HG3  H  N N 174 
LYS HD2  H  N N 175 
LYS HD3  H  N N 176 
LYS HE2  H  N N 177 
LYS HE3  H  N N 178 
LYS HZ1  H  N N 179 
LYS HZ2  H  N N 180 
LYS HZ3  H  N N 181 
LYS HXT  H  N N 182 
MET N    N  N N 183 
MET CA   C  N S 184 
MET C    C  N N 185 
MET O    O  N N 186 
MET CB   C  N N 187 
MET CG   C  N N 188 
MET SD   S  N N 189 
MET CE   C  N N 190 
MET OXT  O  N N 191 
MET H    H  N N 192 
MET H2   H  N N 193 
MET HA   H  N N 194 
MET HB2  H  N N 195 
MET HB3  H  N N 196 
MET HG2  H  N N 197 
MET HG3  H  N N 198 
MET HE1  H  N N 199 
MET HE2  H  N N 200 
MET HE3  H  N N 201 
MET HXT  H  N N 202 
PHE N    N  N N 203 
PHE CA   C  N S 204 
PHE C    C  N N 205 
PHE O    O  N N 206 
PHE CB   C  N N 207 
PHE CG   C  Y N 208 
PHE CD1  C  Y N 209 
PHE CD2  C  Y N 210 
PHE CE1  C  Y N 211 
PHE CE2  C  Y N 212 
PHE CZ   C  Y N 213 
PHE OXT  O  N N 214 
PHE H    H  N N 215 
PHE H2   H  N N 216 
PHE HA   H  N N 217 
PHE HB2  H  N N 218 
PHE HB3  H  N N 219 
PHE HD1  H  N N 220 
PHE HD2  H  N N 221 
PHE HE1  H  N N 222 
PHE HE2  H  N N 223 
PHE HZ   H  N N 224 
PHE HXT  H  N N 225 
THR N    N  N N 226 
THR CA   C  N S 227 
THR C    C  N N 228 
THR O    O  N N 229 
THR CB   C  N R 230 
THR OG1  O  N N 231 
THR CG2  C  N N 232 
THR OXT  O  N N 233 
THR H    H  N N 234 
THR H2   H  N N 235 
THR HA   H  N N 236 
THR HB   H  N N 237 
THR HG1  H  N N 238 
THR HG21 H  N N 239 
THR HG22 H  N N 240 
THR HG23 H  N N 241 
THR HXT  H  N N 242 
TRP N    N  N N 243 
TRP CA   C  N S 244 
TRP C    C  N N 245 
TRP O    O  N N 246 
TRP CB   C  N N 247 
TRP CG   C  Y N 248 
TRP CD1  C  Y N 249 
TRP CD2  C  Y N 250 
TRP NE1  N  Y N 251 
TRP CE2  C  Y N 252 
TRP CE3  C  Y N 253 
TRP CZ2  C  Y N 254 
TRP CZ3  C  Y N 255 
TRP CH2  C  Y N 256 
TRP OXT  O  N N 257 
TRP H    H  N N 258 
TRP H2   H  N N 259 
TRP HA   H  N N 260 
TRP HB2  H  N N 261 
TRP HB3  H  N N 262 
TRP HD1  H  N N 263 
TRP HE1  H  N N 264 
TRP HE3  H  N N 265 
TRP HZ2  H  N N 266 
TRP HZ3  H  N N 267 
TRP HH2  H  N N 268 
TRP HXT  H  N N 269 
VAL N    N  N N 270 
VAL CA   C  N S 271 
VAL C    C  N N 272 
VAL O    O  N N 273 
VAL CB   C  N N 274 
VAL CG1  C  N N 275 
VAL CG2  C  N N 276 
VAL OXT  O  N N 277 
VAL H    H  N N 278 
VAL H2   H  N N 279 
VAL HA   H  N N 280 
VAL HB   H  N N 281 
VAL HG11 H  N N 282 
VAL HG12 H  N N 283 
VAL HG13 H  N N 284 
VAL HG21 H  N N 285 
VAL HG22 H  N N 286 
VAL HG23 H  N N 287 
VAL HXT  H  N N 288 
ZN  ZN   ZN N N 289 
# 
loop_
_chem_comp_bond.comp_id 
_chem_comp_bond.atom_id_1 
_chem_comp_bond.atom_id_2 
_chem_comp_bond.value_order 
_chem_comp_bond.pdbx_aromatic_flag 
_chem_comp_bond.pdbx_stereo_config 
_chem_comp_bond.pdbx_ordinal 
ALA N   CA   sing N N 1   
ALA N   H    sing N N 2   
ALA N   H2   sing N N 3   
ALA CA  C    sing N N 4   
ALA CA  CB   sing N N 5   
ALA CA  HA   sing N N 6   
ALA C   O    doub N N 7   
ALA C   OXT  sing N N 8   
ALA CB  HB1  sing N N 9   
ALA CB  HB2  sing N N 10  
ALA CB  HB3  sing N N 11  
ALA OXT HXT  sing N N 12  
ARG N   CA   sing N N 13  
ARG N   H    sing N N 14  
ARG N   H2   sing N N 15  
ARG CA  C    sing N N 16  
ARG CA  CB   sing N N 17  
ARG CA  HA   sing N N 18  
ARG C   O    doub N N 19  
ARG C   OXT  sing N N 20  
ARG CB  CG   sing N N 21  
ARG CB  HB2  sing N N 22  
ARG CB  HB3  sing N N 23  
ARG CG  CD   sing N N 24  
ARG CG  HG2  sing N N 25  
ARG CG  HG3  sing N N 26  
ARG CD  NE   sing N N 27  
ARG CD  HD2  sing N N 28  
ARG CD  HD3  sing N N 29  
ARG NE  CZ   sing N N 30  
ARG NE  HE   sing N N 31  
ARG CZ  NH1  sing N N 32  
ARG CZ  NH2  doub N N 33  
ARG NH1 HH11 sing N N 34  
ARG NH1 HH12 sing N N 35  
ARG NH2 HH21 sing N N 36  
ARG NH2 HH22 sing N N 37  
ARG OXT HXT  sing N N 38  
ASN N   CA   sing N N 39  
ASN N   H    sing N N 40  
ASN N   H2   sing N N 41  
ASN CA  C    sing N N 42  
ASN CA  CB   sing N N 43  
ASN CA  HA   sing N N 44  
ASN C   O    doub N N 45  
ASN C   OXT  sing N N 46  
ASN CB  CG   sing N N 47  
ASN CB  HB2  sing N N 48  
ASN CB  HB3  sing N N 49  
ASN CG  OD1  doub N N 50  
ASN CG  ND2  sing N N 51  
ASN ND2 HD21 sing N N 52  
ASN ND2 HD22 sing N N 53  
ASN OXT HXT  sing N N 54  
ASP N   CA   sing N N 55  
ASP N   H    sing N N 56  
ASP N   H2   sing N N 57  
ASP CA  C    sing N N 58  
ASP CA  CB   sing N N 59  
ASP CA  HA   sing N N 60  
ASP C   O    doub N N 61  
ASP C   OXT  sing N N 62  
ASP CB  CG   sing N N 63  
ASP CB  HB2  sing N N 64  
ASP CB  HB3  sing N N 65  
ASP CG  OD1  doub N N 66  
ASP CG  OD2  sing N N 67  
ASP OD2 HD2  sing N N 68  
ASP OXT HXT  sing N N 69  
CYS N   CA   sing N N 70  
CYS N   H    sing N N 71  
CYS N   H2   sing N N 72  
CYS CA  C    sing N N 73  
CYS CA  CB   sing N N 74  
CYS CA  HA   sing N N 75  
CYS C   O    doub N N 76  
CYS C   OXT  sing N N 77  
CYS CB  SG   sing N N 78  
CYS CB  HB2  sing N N 79  
CYS CB  HB3  sing N N 80  
CYS SG  HG   sing N N 81  
CYS OXT HXT  sing N N 82  
GLN N   CA   sing N N 83  
GLN N   H    sing N N 84  
GLN N   H2   sing N N 85  
GLN CA  C    sing N N 86  
GLN CA  CB   sing N N 87  
GLN CA  HA   sing N N 88  
GLN C   O    doub N N 89  
GLN C   OXT  sing N N 90  
GLN CB  CG   sing N N 91  
GLN CB  HB2  sing N N 92  
GLN CB  HB3  sing N N 93  
GLN CG  CD   sing N N 94  
GLN CG  HG2  sing N N 95  
GLN CG  HG3  sing N N 96  
GLN CD  OE1  doub N N 97  
GLN CD  NE2  sing N N 98  
GLN NE2 HE21 sing N N 99  
GLN NE2 HE22 sing N N 100 
GLN OXT HXT  sing N N 101 
GLU N   CA   sing N N 102 
GLU N   H    sing N N 103 
GLU N   H2   sing N N 104 
GLU CA  C    sing N N 105 
GLU CA  CB   sing N N 106 
GLU CA  HA   sing N N 107 
GLU C   O    doub N N 108 
GLU C   OXT  sing N N 109 
GLU CB  CG   sing N N 110 
GLU CB  HB2  sing N N 111 
GLU CB  HB3  sing N N 112 
GLU CG  CD   sing N N 113 
GLU CG  HG2  sing N N 114 
GLU CG  HG3  sing N N 115 
GLU CD  OE1  doub N N 116 
GLU CD  OE2  sing N N 117 
GLU OE2 HE2  sing N N 118 
GLU OXT HXT  sing N N 119 
GLY N   CA   sing N N 120 
GLY N   H    sing N N 121 
GLY N   H2   sing N N 122 
GLY CA  C    sing N N 123 
GLY CA  HA2  sing N N 124 
GLY CA  HA3  sing N N 125 
GLY C   O    doub N N 126 
GLY C   OXT  sing N N 127 
GLY OXT HXT  sing N N 128 
HIS N   CA   sing N N 129 
HIS N   H    sing N N 130 
HIS N   H2   sing N N 131 
HIS CA  C    sing N N 132 
HIS CA  CB   sing N N 133 
HIS CA  HA   sing N N 134 
HIS C   O    doub N N 135 
HIS C   OXT  sing N N 136 
HIS CB  CG   sing N N 137 
HIS CB  HB2  sing N N 138 
HIS CB  HB3  sing N N 139 
HIS CG  ND1  sing Y N 140 
HIS CG  CD2  doub Y N 141 
HIS ND1 CE1  doub Y N 142 
HIS ND1 HD1  sing N N 143 
HIS CD2 NE2  sing Y N 144 
HIS CD2 HD2  sing N N 145 
HIS CE1 NE2  sing Y N 146 
HIS CE1 HE1  sing N N 147 
HIS NE2 HE2  sing N N 148 
HIS OXT HXT  sing N N 149 
LYS N   CA   sing N N 150 
LYS N   H    sing N N 151 
LYS N   H2   sing N N 152 
LYS CA  C    sing N N 153 
LYS CA  CB   sing N N 154 
LYS CA  HA   sing N N 155 
LYS C   O    doub N N 156 
LYS C   OXT  sing N N 157 
LYS CB  CG   sing N N 158 
LYS CB  HB2  sing N N 159 
LYS CB  HB3  sing N N 160 
LYS CG  CD   sing N N 161 
LYS CG  HG2  sing N N 162 
LYS CG  HG3  sing N N 163 
LYS CD  CE   sing N N 164 
LYS CD  HD2  sing N N 165 
LYS CD  HD3  sing N N 166 
LYS CE  NZ   sing N N 167 
LYS CE  HE2  sing N N 168 
LYS CE  HE3  sing N N 169 
LYS NZ  HZ1  sing N N 170 
LYS NZ  HZ2  sing N N 171 
LYS NZ  HZ3  sing N N 172 
LYS OXT HXT  sing N N 173 
MET N   CA   sing N N 174 
MET N   H    sing N N 175 
MET N   H2   sing N N 176 
MET CA  C    sing N N 177 
MET CA  CB   sing N N 178 
MET CA  HA   sing N N 179 
MET C   O    doub N N 180 
MET C   OXT  sing N N 181 
MET CB  CG   sing N N 182 
MET CB  HB2  sing N N 183 
MET CB  HB3  sing N N 184 
MET CG  SD   sing N N 185 
MET CG  HG2  sing N N 186 
MET CG  HG3  sing N N 187 
MET SD  CE   sing N N 188 
MET CE  HE1  sing N N 189 
MET CE  HE2  sing N N 190 
MET CE  HE3  sing N N 191 
MET OXT HXT  sing N N 192 
PHE N   CA   sing N N 193 
PHE N   H    sing N N 194 
PHE N   H2   sing N N 195 
PHE CA  C    sing N N 196 
PHE CA  CB   sing N N 197 
PHE CA  HA   sing N N 198 
PHE C   O    doub N N 199 
PHE C   OXT  sing N N 200 
PHE CB  CG   sing N N 201 
PHE CB  HB2  sing N N 202 
PHE CB  HB3  sing N N 203 
PHE CG  CD1  doub Y N 204 
PHE CG  CD2  sing Y N 205 
PHE CD1 CE1  sing Y N 206 
PHE CD1 HD1  sing N N 207 
PHE CD2 CE2  doub Y N 208 
PHE CD2 HD2  sing N N 209 
PHE CE1 CZ   doub Y N 210 
PHE CE1 HE1  sing N N 211 
PHE CE2 CZ   sing Y N 212 
PHE CE2 HE2  sing N N 213 
PHE CZ  HZ   sing N N 214 
PHE OXT HXT  sing N N 215 
THR N   CA   sing N N 216 
THR N   H    sing N N 217 
THR N   H2   sing N N 218 
THR CA  C    sing N N 219 
THR CA  CB   sing N N 220 
THR CA  HA   sing N N 221 
THR C   O    doub N N 222 
THR C   OXT  sing N N 223 
THR CB  OG1  sing N N 224 
THR CB  CG2  sing N N 225 
THR CB  HB   sing N N 226 
THR OG1 HG1  sing N N 227 
THR CG2 HG21 sing N N 228 
THR CG2 HG22 sing N N 229 
THR CG2 HG23 sing N N 230 
THR OXT HXT  sing N N 231 
TRP N   CA   sing N N 232 
TRP N   H    sing N N 233 
TRP N   H2   sing N N 234 
TRP CA  C    sing N N 235 
TRP CA  CB   sing N N 236 
TRP CA  HA   sing N N 237 
TRP C   O    doub N N 238 
TRP C   OXT  sing N N 239 
TRP CB  CG   sing N N 240 
TRP CB  HB2  sing N N 241 
TRP CB  HB3  sing N N 242 
TRP CG  CD1  doub Y N 243 
TRP CG  CD2  sing Y N 244 
TRP CD1 NE1  sing Y N 245 
TRP CD1 HD1  sing N N 246 
TRP CD2 CE2  doub Y N 247 
TRP CD2 CE3  sing Y N 248 
TRP NE1 CE2  sing Y N 249 
TRP NE1 HE1  sing N N 250 
TRP CE2 CZ2  sing Y N 251 
TRP CE3 CZ3  doub Y N 252 
TRP CE3 HE3  sing N N 253 
TRP CZ2 CH2  doub Y N 254 
TRP CZ2 HZ2  sing N N 255 
TRP CZ3 CH2  sing Y N 256 
TRP CZ3 HZ3  sing N N 257 
TRP CH2 HH2  sing N N 258 
TRP OXT HXT  sing N N 259 
VAL N   CA   sing N N 260 
VAL N   H    sing N N 261 
VAL N   H2   sing N N 262 
VAL CA  C    sing N N 263 
VAL CA  CB   sing N N 264 
VAL CA  HA   sing N N 265 
VAL C   O    doub N N 266 
VAL C   OXT  sing N N 267 
VAL CB  CG1  sing N N 268 
VAL CB  CG2  sing N N 269 
VAL CB  HB   sing N N 270 
VAL CG1 HG11 sing N N 271 
VAL CG1 HG12 sing N N 272 
VAL CG1 HG13 sing N N 273 
VAL CG2 HG21 sing N N 274 
VAL CG2 HG22 sing N N 275 
VAL CG2 HG23 sing N N 276 
VAL OXT HXT  sing N N 277 
# 
_atom_sites.entry_id                    1NCP 
_atom_sites.fract_transf_matrix[1][1]   1.000000 
_atom_sites.fract_transf_matrix[1][2]   0.000000 
_atom_sites.fract_transf_matrix[1][3]   0.000000 
_atom_sites.fract_transf_matrix[2][1]   0.000000 
_atom_sites.fract_transf_matrix[2][2]   1.000000 
_atom_sites.fract_transf_matrix[2][3]   0.000000 
_atom_sites.fract_transf_matrix[3][1]   0.000000 
_atom_sites.fract_transf_matrix[3][2]   0.000000 
_atom_sites.fract_transf_matrix[3][3]   1.000000 
_atom_sites.fract_transf_vector[1]      0.00000 
_atom_sites.fract_transf_vector[2]      0.00000 
_atom_sites.fract_transf_vector[3]      0.00000 
# 
loop_
_atom_type.symbol 
C  
H  
N  
O  
S  
ZN 
# 
loop_
_atom_site.group_PDB 
_atom_site.id 
_atom_site.type_symbol 
_atom_site.label_atom_id 
_atom_site.label_alt_id 
_atom_site.label_comp_id 
_atom_site.label_asym_id 
_atom_site.label_entity_id 
_atom_site.label_seq_id 
_atom_site.pdbx_PDB_ins_code 
_atom_site.Cartn_x 
_atom_site.Cartn_y 
_atom_site.Cartn_z 
_atom_site.occupancy 
_atom_site.B_iso_or_equiv 
_atom_site.pdbx_formal_charge 
_atom_site.auth_seq_id 
_atom_site.auth_comp_id 
_atom_site.auth_asym_id 
_atom_site.auth_atom_id 
_atom_site.pdbx_PDB_model_num 
ATOM   1   N  N    . VAL A 1 1  ? -1.090 2.961  6.018   1.00 1.36 ? 1  VAL N N    1 
ATOM   2   C  CA   . VAL A 1 1  ? -0.357 4.112  5.406   1.00 0.77 ? 1  VAL N CA   1 
ATOM   3   C  C    . VAL A 1 1  ? 0.975  3.619  4.840   1.00 0.64 ? 1  VAL N C    1 
ATOM   4   O  O    . VAL A 1 1  ? 1.558  4.255  3.983   1.00 0.95 ? 1  VAL N O    1 
ATOM   5   C  CB   . VAL A 1 1  ? -0.082 5.216  6.441   1.00 0.80 ? 1  VAL N CB   1 
ATOM   6   C  CG1  . VAL A 1 1  ? -0.830 6.487  6.023   1.00 1.55 ? 1  VAL N CG1  1 
ATOM   7   C  CG2  . VAL A 1 1  ? -0.577 4.779  7.826   1.00 1.36 ? 1  VAL N CG2  1 
ATOM   8   H  H1   . VAL A 1 1  ? -1.632 3.290  6.838   1.00 1.80 ? 1  VAL N H1   1 
ATOM   9   H  H2   . VAL A 1 1  ? -0.406 2.238  6.321   1.00 1.76 ? 1  VAL N H2   1 
ATOM   10  H  H3   . VAL A 1 1  ? -1.740 2.553  5.315   1.00 1.88 ? 1  VAL N H3   1 
ATOM   11  H  HA   . VAL A 1 1  ? -0.952 4.519  4.605   1.00 1.13 ? 1  VAL N HA   1 
ATOM   12  H  HB   . VAL A 1 1  ? 0.978  5.416  6.480   1.00 1.41 ? 1  VAL N HB   1 
ATOM   13  H  HG11 . VAL A 1 1  ? -0.733 7.236  6.796   1.00 1.98 ? 1  VAL N HG11 1 
ATOM   14  H  HG12 . VAL A 1 1  ? -0.413 6.869  5.102   1.00 2.05 ? 1  VAL N HG12 1 
ATOM   15  H  HG13 . VAL A 1 1  ? -1.876 6.262  5.874   1.00 2.14 ? 1  VAL N HG13 1 
ATOM   16  H  HG21 . VAL A 1 1  ? -1.656 4.751  7.837   1.00 1.90 ? 1  VAL N HG21 1 
ATOM   17  H  HG22 . VAL A 1 1  ? -0.235 5.482  8.571   1.00 1.85 ? 1  VAL N HG22 1 
ATOM   18  H  HG23 . VAL A 1 1  ? -0.190 3.798  8.062   1.00 1.78 ? 1  VAL N HG23 1 
ATOM   19  N  N    . LYS A 1 2  ? 1.426  2.493  5.331   1.00 0.52 ? 2  LYS N N    1 
ATOM   20  C  CA   . LYS A 1 2  ? 2.722  1.933  4.838   1.00 0.50 ? 2  LYS N CA   1 
ATOM   21  C  C    . LYS A 1 2  ? 2.469  0.720  3.942   1.00 0.47 ? 2  LYS N C    1 
ATOM   22  O  O    . LYS A 1 2  ? 2.123  -0.344 4.416   1.00 0.69 ? 2  LYS N O    1 
ATOM   23  C  CB   . LYS A 1 2  ? 3.568  1.508  6.037   1.00 0.67 ? 2  LYS N CB   1 
ATOM   24  C  CG   . LYS A 1 2  ? 4.679  2.535  6.256   1.00 1.53 ? 2  LYS N CG   1 
ATOM   25  C  CD   . LYS A 1 2  ? 5.391  2.228  7.574   1.00 1.99 ? 2  LYS N CD   1 
ATOM   26  C  CE   . LYS A 1 2  ? 6.904  2.291  7.350   1.00 2.87 ? 2  LYS N CE   1 
ATOM   27  N  NZ   . LYS A 1 2  ? 8.025  2.598  8.284   1.00 3.55 ? 2  LYS N NZ   1 
ATOM   28  H  H    . LYS A 1 2  ? 0.916  2.018  6.021   1.00 0.69 ? 2  LYS N H    1 
ATOM   29  H  HA   . LYS A 1 2  ? 3.252  2.684  4.281   1.00 0.57 ? 2  LYS N HA   1 
ATOM   30  H  HB2  . LYS A 1 2  ? 2.945  1.453  6.919   1.00 1.27 ? 2  LYS N HB2  1 
ATOM   31  H  HB3  . LYS A 1 2  ? 4.001  0.537  5.850   1.00 1.14 ? 2  LYS N HB3  1 
ATOM   32  H  HG2  . LYS A 1 2  ? 5.384  2.483  5.441   1.00 2.16 ? 2  LYS N HG2  1 
ATOM   33  H  HG3  . LYS A 1 2  ? 4.254  3.526  6.294   1.00 2.20 ? 2  LYS N HG3  1 
ATOM   34  H  HD2  . LYS A 1 2  ? 5.103  2.955  8.319   1.00 2.37 ? 2  LYS N HD2  1 
ATOM   35  H  HD3  . LYS A 1 2  ? 5.116  1.241  7.914   1.00 2.15 ? 2  LYS N HD3  1 
ATOM   36  H  HE2  . LYS A 1 2  ? 6.852  1.442  8.015   1.00 3.39 ? 2  LYS N HE2  1 
ATOM   37  H  HE3  . LYS A 1 2  ? 6.707  3.331  7.569   1.00 3.19 ? 2  LYS N HE3  1 
ATOM   38  H  HZ1  . LYS A 1 2  ? 8.701  3.233  7.816   1.00 3.88 ? 2  LYS N HZ1  1 
ATOM   39  H  HZ2  . LYS A 1 2  ? 8.503  1.715  8.551   1.00 3.72 ? 2  LYS N HZ2  1 
ATOM   40  H  HZ3  . LYS A 1 2  ? 7.648  3.060  9.137   1.00 4.04 ? 2  LYS N HZ3  1 
ATOM   41  N  N    . CYS A 1 3  ? 2.650  0.908  2.661   1.00 0.32 ? 3  CYS N N    1 
ATOM   42  C  CA   . CYS A 1 3  ? 2.423  -0.224 1.714   1.00 0.26 ? 3  CYS N CA   1 
ATOM   43  C  C    . CYS A 1 3  ? 3.760  -0.872 1.331   1.00 0.31 ? 3  CYS N C    1 
ATOM   44  O  O    . CYS A 1 3  ? 4.780  -0.211 1.284   1.00 0.53 ? 3  CYS N O    1 
ATOM   45  C  CB   . CYS A 1 3  ? 1.737  0.303  0.461   1.00 0.25 ? 3  CYS N CB   1 
ATOM   46  S  SG   . CYS A 1 3  ? 1.787  -0.755 -0.999  1.00 0.23 ? 3  CYS N SG   1 
ATOM   47  H  H    . CYS A 1 3  ? 2.929  1.785  2.324   1.00 0.40 ? 3  CYS N H    1 
ATOM   48  H  HA   . CYS A 1 3  ? 1.791  -0.961 2.180   1.00 0.27 ? 3  CYS N HA   1 
ATOM   49  H  HB2  . CYS A 1 3  ? 0.701  0.490  0.696   1.00 0.34 ? 3  CYS N HB2  1 
ATOM   50  H  HB3  . CYS A 1 3  ? 2.191  1.248  0.198   1.00 0.35 ? 3  CYS N HB3  1 
ATOM   51  N  N    . PHE A 1 4  ? 3.722  -2.155 1.061   1.00 0.35 ? 4  PHE N N    1 
ATOM   52  C  CA   . PHE A 1 4  ? 4.981  -2.873 0.685   1.00 0.41 ? 4  PHE N CA   1 
ATOM   53  C  C    . PHE A 1 4  ? 5.009  -3.178 -0.821  1.00 0.38 ? 4  PHE N C    1 
ATOM   54  O  O    . PHE A 1 4  ? 6.026  -3.575 -1.355  1.00 0.49 ? 4  PHE N O    1 
ATOM   55  C  CB   . PHE A 1 4  ? 5.048  -4.188 1.461   1.00 0.57 ? 4  PHE N CB   1 
ATOM   56  C  CG   . PHE A 1 4  ? 6.338  -4.231 2.280   1.00 1.23 ? 4  PHE N CG   1 
ATOM   57  C  CD1  . PHE A 1 4  ? 6.414  -3.595 3.506   1.00 2.11 ? 4  PHE N CD1  1 
ATOM   58  C  CD2  . PHE A 1 4  ? 7.449  -4.909 1.804   1.00 2.16 ? 4  PHE N CD2  1 
ATOM   59  C  CE1  . PHE A 1 4  ? 7.578  -3.636 4.245   1.00 3.13 ? 4  PHE N CE1  1 
ATOM   60  C  CE2  . PHE A 1 4  ? 8.614  -4.948 2.544   1.00 3.11 ? 4  PHE N CE2  1 
ATOM   61  C  CZ   . PHE A 1 4  ? 8.676  -4.311 3.765   1.00 3.44 ? 4  PHE N CZ   1 
ATOM   62  H  H    . PHE A 1 4  ? 2.872  -2.640 1.105   1.00 0.49 ? 4  PHE N H    1 
ATOM   63  H  HA   . PHE A 1 4  ? 5.833  -2.268 0.942   1.00 0.45 ? 4  PHE N HA   1 
ATOM   64  H  HB2  . PHE A 1 4  ? 4.201  -4.262 2.125   1.00 1.38 ? 4  PHE N HB2  1 
ATOM   65  H  HB3  . PHE A 1 4  ? 5.035  -5.021 0.771   1.00 0.99 ? 4  PHE N HB3  1 
ATOM   66  H  HD1  . PHE A 1 4  ? 5.554  -3.063 3.890   1.00 2.46 ? 4  PHE N HD1  1 
ATOM   67  H  HD2  . PHE A 1 4  ? 7.405  -5.409 0.848   1.00 2.57 ? 4  PHE N HD2  1 
ATOM   68  H  HE1  . PHE A 1 4  ? 7.628  -3.138 5.202   1.00 3.98 ? 4  PHE N HE1  1 
ATOM   69  H  HE2  . PHE A 1 4  ? 9.475  -5.478 2.168   1.00 3.93 ? 4  PHE N HE2  1 
ATOM   70  H  HZ   . PHE A 1 4  ? 9.587  -4.344 4.343   1.00 4.33 ? 4  PHE N HZ   1 
ATOM   71  N  N    . ASN A 1 5  ? 3.895  -2.986 -1.475  1.00 0.34 ? 5  ASN N N    1 
ATOM   72  C  CA   . ASN A 1 5  ? 3.852  -3.280 -2.939  1.00 0.36 ? 5  ASN N CA   1 
ATOM   73  C  C    . ASN A 1 5  ? 4.224  -2.038 -3.755  1.00 0.29 ? 5  ASN N C    1 
ATOM   74  O  O    . ASN A 1 5  ? 5.271  -1.988 -4.370  1.00 0.48 ? 5  ASN N O    1 
ATOM   75  C  CB   . ASN A 1 5  ? 2.445  -3.736 -3.318  1.00 0.43 ? 5  ASN N CB   1 
ATOM   76  C  CG   . ASN A 1 5  ? 2.500  -5.184 -3.813  1.00 0.95 ? 5  ASN N CG   1 
ATOM   77  O  OD1  . ASN A 1 5  ? 2.878  -5.456 -4.936  1.00 1.79 ? 5  ASN N OD1  1 
ATOM   78  N  ND2  . ASN A 1 5  ? 2.135  -6.142 -3.005  1.00 1.52 ? 5  ASN N ND2  1 
ATOM   79  H  H    . ASN A 1 5  ? 3.099  -2.651 -1.014  1.00 0.37 ? 5  ASN N H    1 
ATOM   80  H  HA   . ASN A 1 5  ? 4.549  -4.069 -3.163  1.00 0.44 ? 5  ASN N HA   1 
ATOM   81  H  HB2  . ASN A 1 5  ? 1.798  -3.677 -2.456  1.00 0.82 ? 5  ASN N HB2  1 
ATOM   82  H  HB3  . ASN A 1 5  ? 2.055  -3.103 -4.104  1.00 0.81 ? 5  ASN N HB3  1 
ATOM   83  H  HD21 . ASN A 1 5  ? 1.832  -5.931 -2.098  1.00 1.93 ? 5  ASN N HD21 1 
ATOM   84  H  HD22 . ASN A 1 5  ? 2.165  -7.076 -3.306  1.00 1.98 ? 5  ASN N HD22 1 
ATOM   85  N  N    . CYS A 1 6  ? 3.362  -1.061 -3.742  1.00 0.22 ? 6  CYS N N    1 
ATOM   86  C  CA   . CYS A 1 6  ? 3.654  0.178  -4.523  1.00 0.25 ? 6  CYS N CA   1 
ATOM   87  C  C    . CYS A 1 6  ? 4.387  1.203  -3.644  1.00 0.26 ? 6  CYS N C    1 
ATOM   88  O  O    . CYS A 1 6  ? 5.346  1.812  -4.071  1.00 0.50 ? 6  CYS N O    1 
ATOM   89  C  CB   . CYS A 1 6  ? 2.344  0.768  -5.044  1.00 0.29 ? 6  CYS N CB   1 
ATOM   90  S  SG   . CYS A 1 6  ? 1.275  1.617  -3.862  1.00 0.23 ? 6  CYS N SG   1 
ATOM   91  H  H    . CYS A 1 6  ? 2.532  -1.137 -3.224  1.00 0.35 ? 6  CYS N H    1 
ATOM   92  H  HA   . CYS A 1 6  ? 4.283  -0.075 -5.360  1.00 0.32 ? 6  CYS N HA   1 
ATOM   93  H  HB2  . CYS A 1 6  ? 2.582  1.470  -5.831  1.00 0.36 ? 6  CYS N HB2  1 
ATOM   94  H  HB3  . CYS A 1 6  ? 1.769  -0.033 -5.485  1.00 0.34 ? 6  CYS N HB3  1 
ATOM   95  N  N    . GLY A 1 7  ? 3.916  1.371  -2.433  1.00 0.25 ? 7  GLY N N    1 
ATOM   96  C  CA   . GLY A 1 7  ? 4.590  2.335  -1.509  1.00 0.35 ? 7  GLY N CA   1 
ATOM   97  C  C    . GLY A 1 7  ? 3.837  3.669  -1.441  1.00 0.35 ? 7  GLY N C    1 
ATOM   98  O  O    . GLY A 1 7  ? 4.436  4.707  -1.234  1.00 0.64 ? 7  GLY N O    1 
ATOM   99  H  H    . GLY A 1 7  ? 3.129  0.869  -2.134  1.00 0.37 ? 7  GLY N H    1 
ATOM   100 H  HA2  . GLY A 1 7  ? 4.630  1.903  -0.520  1.00 0.41 ? 7  GLY N HA2  1 
ATOM   101 H  HA3  . GLY A 1 7  ? 5.597  2.515  -1.855  1.00 0.47 ? 7  GLY N HA3  1 
ATOM   102 N  N    . LYS A 1 8  ? 2.546  3.622  -1.612  1.00 0.29 ? 8  LYS N N    1 
ATOM   103 C  CA   . LYS A 1 8  ? 1.759  4.892  -1.543  1.00 0.34 ? 8  LYS N CA   1 
ATOM   104 C  C    . LYS A 1 8  ? 1.373  5.185  -0.090  1.00 0.30 ? 8  LYS N C    1 
ATOM   105 O  O    . LYS A 1 8  ? 1.165  4.280  0.693   1.00 0.74 ? 8  LYS N O    1 
ATOM   106 C  CB   . LYS A 1 8  ? 0.494  4.758  -2.387  1.00 0.55 ? 8  LYS N CB   1 
ATOM   107 C  CG   . LYS A 1 8  ? 0.720  5.438  -3.741  1.00 0.99 ? 8  LYS N CG   1 
ATOM   108 C  CD   . LYS A 1 8  ? -0.487 5.170  -4.645  1.00 1.17 ? 8  LYS N CD   1 
ATOM   109 C  CE   . LYS A 1 8  ? -0.848 6.456  -5.393  1.00 1.41 ? 8  LYS N CE   1 
ATOM   110 N  NZ   . LYS A 1 8  ? 0.379  7.116  -5.921  1.00 2.30 ? 8  LYS N NZ   1 
ATOM   111 H  H    . LYS A 1 8  ? 2.096  2.768  -1.785  1.00 0.46 ? 8  LYS N H    1 
ATOM   112 H  HA   . LYS A 1 8  ? 2.357  5.703  -1.922  1.00 0.43 ? 8  LYS N HA   1 
ATOM   113 H  HB2  . LYS A 1 8  ? 0.266  3.717  -2.537  1.00 0.75 ? 8  LYS N HB2  1 
ATOM   114 H  HB3  . LYS A 1 8  ? -0.333 5.231  -1.879  1.00 0.74 ? 8  LYS N HB3  1 
ATOM   115 H  HG2  . LYS A 1 8  ? 0.837  6.501  -3.598  1.00 1.41 ? 8  LYS N HG2  1 
ATOM   116 H  HG3  . LYS A 1 8  ? 1.612  5.041  -4.202  1.00 1.48 ? 8  LYS N HG3  1 
ATOM   117 H  HD2  . LYS A 1 8  ? -0.244 4.393  -5.352  1.00 1.84 ? 8  LYS N HD2  1 
ATOM   118 H  HD3  . LYS A 1 8  ? -1.326 4.853  -4.043  1.00 1.57 ? 8  LYS N HD3  1 
ATOM   119 H  HE2  . LYS A 1 8  ? -1.506 6.221  -6.219  1.00 1.62 ? 8  LYS N HE2  1 
ATOM   120 H  HE3  . LYS A 1 8  ? -1.354 7.135  -4.723  1.00 1.79 ? 8  LYS N HE3  1 
ATOM   121 H  HZ1  . LYS A 1 8  ? 0.789  7.726  -5.183  1.00 2.98 ? 8  LYS N HZ1  1 
ATOM   122 H  HZ2  . LYS A 1 8  ? 0.134  7.692  -6.750  1.00 2.59 ? 8  LYS N HZ2  1 
ATOM   123 H  HZ3  . LYS A 1 8  ? 1.072  6.391  -6.195  1.00 2.73 ? 8  LYS N HZ3  1 
ATOM   124 N  N    . GLU A 1 9  ? 1.285  6.444  0.240   1.00 0.31 ? 9  GLU N N    1 
ATOM   125 C  CA   . GLU A 1 9  ? 0.913  6.807  1.638   1.00 0.28 ? 9  GLU N CA   1 
ATOM   126 C  C    . GLU A 1 9  ? -0.598 7.030  1.741   1.00 0.30 ? 9  GLU N C    1 
ATOM   127 O  O    . GLU A 1 9  ? -1.060 8.153  1.786   1.00 0.54 ? 9  GLU N O    1 
ATOM   128 C  CB   . GLU A 1 9  ? 1.641  8.093  2.032   1.00 0.44 ? 9  GLU N CB   1 
ATOM   129 C  CG   . GLU A 1 9  ? 3.094  8.016  1.555   1.00 1.15 ? 9  GLU N CG   1 
ATOM   130 C  CD   . GLU A 1 9  ? 3.852  9.251  2.045   1.00 1.66 ? 9  GLU N CD   1 
ATOM   131 O  OE1  . GLU A 1 9  ? 3.217  10.046 2.717   1.00 2.17 ? 9  GLU N OE1  1 
ATOM   132 O  OE2  . GLU A 1 9  ? 5.023  9.333  1.716   1.00 2.09 ? 9  GLU N OE2  1 
ATOM   133 H  H    . GLU A 1 9  ? 1.462  7.142  -0.424  1.00 0.65 ? 9  GLU N H    1 
ATOM   134 H  HA   . GLU A 1 9  ? 1.204  6.015  2.304   1.00 0.32 ? 9  GLU N HA   1 
ATOM   135 H  HB2  . GLU A 1 9  ? 1.155  8.940  1.575   1.00 1.06 ? 9  GLU N HB2  1 
ATOM   136 H  HB3  . GLU A 1 9  ? 1.619  8.208  3.107   1.00 1.05 ? 9  GLU N HB3  1 
ATOM   137 H  HG2  . GLU A 1 9  ? 3.563  7.128  1.954   1.00 1.73 ? 9  GLU N HG2  1 
ATOM   138 H  HG3  . GLU A 1 9  ? 3.123  7.984  0.476   1.00 1.76 ? 9  GLU N HG3  1 
ATOM   139 N  N    . GLY A 1 10 ? -1.338 5.954  1.776   1.00 0.22 ? 10 GLY N N    1 
ATOM   140 C  CA   . GLY A 1 10 ? -2.816 6.095  1.874   1.00 0.33 ? 10 GLY N CA   1 
ATOM   141 C  C    . GLY A 1 10 ? -3.467 4.760  2.245   1.00 0.33 ? 10 GLY N C    1 
ATOM   142 O  O    . GLY A 1 10 ? -4.360 4.715  3.069   1.00 0.63 ? 10 GLY N O    1 
ATOM   143 H  H    . GLY A 1 10 ? -0.925 5.066  1.737   1.00 0.27 ? 10 GLY N H    1 
ATOM   144 H  HA2  . GLY A 1 10 ? -3.055 6.827  2.630   1.00 0.43 ? 10 GLY N HA2  1 
ATOM   145 H  HA3  . GLY A 1 10 ? -3.206 6.426  0.922   1.00 0.42 ? 10 GLY N HA3  1 
ATOM   146 N  N    . HIS A 1 11 ? -3.003 3.697  1.628   1.00 0.21 ? 11 HIS N N    1 
ATOM   147 C  CA   . HIS A 1 11 ? -3.588 2.349  1.923   1.00 0.23 ? 11 HIS N CA   1 
ATOM   148 C  C    . HIS A 1 11 ? -2.521 1.403  2.487   1.00 0.30 ? 11 HIS N C    1 
ATOM   149 O  O    . HIS A 1 11 ? -1.395 1.800  2.716   1.00 0.69 ? 11 HIS N O    1 
ATOM   150 C  CB   . HIS A 1 11 ? -4.155 1.766  0.632   1.00 0.28 ? 11 HIS N CB   1 
ATOM   151 C  CG   . HIS A 1 11 ? -3.035 1.602  -0.402  1.00 0.25 ? 11 HIS N CG   1 
ATOM   152 N  ND1  . HIS A 1 11 ? -2.886 2.319  -1.417  1.00 0.33 ? 11 HIS N ND1  1 
ATOM   153 C  CD2  . HIS A 1 11 ? -2.033 0.652  -0.476  1.00 0.23 ? 11 HIS N CD2  1 
ATOM   154 C  CE1  . HIS A 1 11 ? -1.907 1.920  -2.124  1.00 0.32 ? 11 HIS N CE1  1 
ATOM   155 N  NE2  . HIS A 1 11 ? -1.302 0.858  -1.597  1.00 0.21 ? 11 HIS N NE2  1 
ATOM   156 H  H    . HIS A 1 11 ? -2.277 3.785  0.976   1.00 0.41 ? 11 HIS N H    1 
ATOM   157 H  HA   . HIS A 1 11 ? -4.383 2.450  2.639   1.00 0.27 ? 11 HIS N HA   1 
ATOM   158 H  HB2  . HIS A 1 11 ? -4.597 0.804  0.832   1.00 0.33 ? 11 HIS N HB2  1 
ATOM   159 H  HB3  . HIS A 1 11 ? -4.909 2.429  0.234   1.00 0.34 ? 11 HIS N HB3  1 
ATOM   160 H  HD1  . HIS A 1 11 ? -3.452 3.087  -1.641  1.00 0.43 ? 11 HIS N HD1  1 
ATOM   161 H  HD2  . HIS A 1 11 ? -1.849 -0.111 0.251   1.00 0.32 ? 11 HIS N HD2  1 
ATOM   162 H  HE1  . HIS A 1 11 ? -1.601 2.390  -3.048  1.00 0.42 ? 11 HIS N HE1  1 
ATOM   163 N  N    . THR A 1 12 ? -2.911 0.166  2.696   1.00 0.28 ? 12 THR N N    1 
ATOM   164 C  CA   . THR A 1 12 ? -1.949 -0.841 3.250   1.00 0.28 ? 12 THR N CA   1 
ATOM   165 C  C    . THR A 1 12 ? -1.749 -1.994 2.256   1.00 0.39 ? 12 THR N C    1 
ATOM   166 O  O    . THR A 1 12 ? -2.435 -2.085 1.259   1.00 1.08 ? 12 THR N O    1 
ATOM   167 C  CB   . THR A 1 12 ? -2.510 -1.393 4.564   1.00 0.37 ? 12 THR N CB   1 
ATOM   168 O  OG1  . THR A 1 12 ? -3.829 -1.825 4.242   1.00 0.69 ? 12 THR N OG1  1 
ATOM   169 C  CG2  . THR A 1 12 ? -2.688 -0.289 5.604   1.00 0.81 ? 12 THR N CG2  1 
ATOM   170 H  H    . THR A 1 12 ? -3.832 -0.100 2.488   1.00 0.57 ? 12 THR N H    1 
ATOM   171 H  HA   . THR A 1 12 ? -1.002 -0.369 3.442   1.00 0.36 ? 12 THR N HA   1 
ATOM   172 H  HB   . THR A 1 12 ? -1.916 -2.201 4.950   1.00 0.51 ? 12 THR N HB   1 
ATOM   173 H  HG1  . THR A 1 12 ? -4.399 -1.052 4.229   1.00 1.11 ? 12 THR N HG1  1 
ATOM   174 H  HG21 . THR A 1 12 ? -1.825 0.361  5.596   1.00 1.38 ? 12 THR N HG21 1 
ATOM   175 H  HG22 . THR A 1 12 ? -2.798 -0.726 6.583   1.00 1.39 ? 12 THR N HG22 1 
ATOM   176 H  HG23 . THR A 1 12 ? -3.570 0.291  5.372   1.00 1.18 ? 12 THR N HG23 1 
ATOM   177 N  N    . ALA A 1 13 ? -0.822 -2.859 2.562   1.00 0.40 ? 13 ALA N N    1 
ATOM   178 C  CA   . ALA A 1 13 ? -0.548 -4.006 1.640   1.00 0.37 ? 13 ALA N CA   1 
ATOM   179 C  C    . ALA A 1 13 ? -1.725 -5.001 1.618   1.00 0.49 ? 13 ALA N C    1 
ATOM   180 O  O    . ALA A 1 13 ? -1.531 -6.178 1.392   1.00 1.04 ? 13 ALA N O    1 
ATOM   181 C  CB   . ALA A 1 13 ? 0.714  -4.726 2.115   1.00 0.45 ? 13 ALA N CB   1 
ATOM   182 H  H    . ALA A 1 13 ? -0.309 -2.759 3.390   1.00 0.91 ? 13 ALA N H    1 
ATOM   183 H  HA   . ALA A 1 13 ? -0.384 -3.631 0.647   1.00 0.36 ? 13 ALA N HA   1 
ATOM   184 H  HB1  . ALA A 1 13 ? 1.377  -4.892 1.279   1.00 0.86 ? 13 ALA N HB1  1 
ATOM   185 H  HB2  . ALA A 1 13 ? 0.450  -5.677 2.553   1.00 1.22 ? 13 ALA N HB2  1 
ATOM   186 H  HB3  . ALA A 1 13 ? 1.221  -4.123 2.855   1.00 1.09 ? 13 ALA N HB3  1 
ATOM   187 N  N    . ARG A 1 14 ? -2.916 -4.508 1.846   1.00 0.39 ? 14 ARG N N    1 
ATOM   188 C  CA   . ARG A 1 14 ? -4.099 -5.418 1.837   1.00 0.47 ? 14 ARG N CA   1 
ATOM   189 C  C    . ARG A 1 14 ? -4.820 -5.359 0.477   1.00 0.43 ? 14 ARG N C    1 
ATOM   190 O  O    . ARG A 1 14 ? -5.024 -6.379 -0.152  1.00 0.71 ? 14 ARG N O    1 
ATOM   191 C  CB   . ARG A 1 14 ? -5.059 -5.001 2.949   1.00 0.69 ? 14 ARG N CB   1 
ATOM   192 C  CG   . ARG A 1 14 ? -5.070 -6.081 4.032   1.00 1.24 ? 14 ARG N CG   1 
ATOM   193 C  CD   . ARG A 1 14 ? -6.033 -5.669 5.147   1.00 1.60 ? 14 ARG N CD   1 
ATOM   194 N  NE   . ARG A 1 14 ? -5.343 -5.819 6.461   1.00 2.06 ? 14 ARG N NE   1 
ATOM   195 C  CZ   . ARG A 1 14 ? -5.166 -7.014 6.958   1.00 2.57 ? 14 ARG N CZ   1 
ATOM   196 N  NH1  . ARG A 1 14 ? -4.204 -7.757 6.485   1.00 3.33 ? 14 ARG N NH1  1 
ATOM   197 N  NH2  . ARG A 1 14 ? -5.955 -7.423 7.913   1.00 2.89 ? 14 ARG N NH2  1 
ATOM   198 H  H    . ARG A 1 14 ? -3.032 -3.560 2.030   1.00 0.74 ? 14 ARG N H    1 
ATOM   199 H  HA   . ARG A 1 14 ? -3.770 -6.427 2.018   1.00 0.57 ? 14 ARG N HA   1 
ATOM   200 H  HB2  . ARG A 1 14 ? -4.735 -4.063 3.376   1.00 1.10 ? 14 ARG N HB2  1 
ATOM   201 H  HB3  . ARG A 1 14 ? -6.050 -4.883 2.546   1.00 1.15 ? 14 ARG N HB3  1 
ATOM   202 H  HG2  . ARG A 1 14 ? -5.389 -7.021 3.604   1.00 1.93 ? 14 ARG N HG2  1 
ATOM   203 H  HG3  . ARG A 1 14 ? -4.074 -6.200 4.435   1.00 1.81 ? 14 ARG N HG3  1 
ATOM   204 H  HD2  . ARG A 1 14 ? -6.329 -4.639 5.014   1.00 2.02 ? 14 ARG N HD2  1 
ATOM   205 H  HD3  . ARG A 1 14 ? -6.909 -6.300 5.128   1.00 2.19 ? 14 ARG N HD3  1 
ATOM   206 H  HE   . ARG A 1 14 ? -5.027 -5.030 6.948   1.00 2.58 ? 14 ARG N HE   1 
ATOM   207 H  HH11 . ARG A 1 14 ? -3.617 -7.410 5.753   1.00 3.54 ? 14 ARG N HH11 1 
ATOM   208 H  HH12 . ARG A 1 14 ? -4.052 -8.675 6.855   1.00 3.95 ? 14 ARG N HH12 1 
ATOM   209 H  HH21 . ARG A 1 14 ? -6.683 -6.826 8.250   1.00 2.91 ? 14 ARG N HH21 1 
ATOM   210 H  HH22 . ARG A 1 14 ? -5.834 -8.334 8.305   1.00 3.52 ? 14 ARG N HH22 1 
ATOM   211 N  N    . ASN A 1 15 ? -5.187 -4.166 0.054   1.00 0.38 ? 15 ASN N N    1 
ATOM   212 C  CA   . ASN A 1 15 ? -5.907 -4.037 -1.262  1.00 0.52 ? 15 ASN N CA   1 
ATOM   213 C  C    . ASN A 1 15 ? -5.014 -3.399 -2.331  1.00 0.46 ? 15 ASN N C    1 
ATOM   214 O  O    . ASN A 1 15 ? -5.459 -2.544 -3.073  1.00 0.72 ? 15 ASN N O    1 
ATOM   215 C  CB   . ASN A 1 15 ? -7.154 -3.169 -1.081  1.00 0.77 ? 15 ASN N CB   1 
ATOM   216 C  CG   . ASN A 1 15 ? -7.761 -3.409 0.299   1.00 1.01 ? 15 ASN N CG   1 
ATOM   217 O  OD1  . ASN A 1 15 ? -7.639 -4.474 0.867   1.00 1.78 ? 15 ASN N OD1  1 
ATOM   218 N  ND2  . ASN A 1 15 ? -8.428 -2.443 0.871   1.00 1.72 ? 15 ASN N ND2  1 
ATOM   219 H  H    . ASN A 1 15 ? -4.992 -3.369 0.590   1.00 0.49 ? 15 ASN N H    1 
ATOM   220 H  HA   . ASN A 1 15 ? -6.210 -5.011 -1.598  1.00 0.61 ? 15 ASN N HA   1 
ATOM   221 H  HB2  . ASN A 1 15 ? -6.887 -2.126 -1.175  1.00 1.49 ? 15 ASN N HB2  1 
ATOM   222 H  HB3  . ASN A 1 15 ? -7.883 -3.419 -1.839  1.00 1.48 ? 15 ASN N HB3  1 
ATOM   223 H  HD21 . ASN A 1 15 ? -8.535 -1.583 0.413   1.00 1.93 ? 15 ASN N HD21 1 
ATOM   224 H  HD22 . ASN A 1 15 ? -8.826 -2.579 1.757   1.00 2.41 ? 15 ASN N HD22 1 
ATOM   225 N  N    . CYS A 1 16 ? -3.778 -3.829 -2.393  1.00 0.30 ? 16 CYS N N    1 
ATOM   226 C  CA   . CYS A 1 16 ? -2.849 -3.262 -3.432  1.00 0.43 ? 16 CYS N CA   1 
ATOM   227 C  C    . CYS A 1 16 ? -2.481 -4.349 -4.442  1.00 0.86 ? 16 CYS N C    1 
ATOM   228 O  O    . CYS A 1 16 ? -2.944 -5.467 -4.348  1.00 1.23 ? 16 CYS N O    1 
ATOM   229 C  CB   . CYS A 1 16 ? -1.577 -2.738 -2.772  1.00 0.32 ? 16 CYS N CB   1 
ATOM   230 S  SG   . CYS A 1 16 ? -0.473 -1.728 -3.805  1.00 0.26 ? 16 CYS N SG   1 
ATOM   231 H  H    . CYS A 1 16 ? -3.466 -4.516 -1.768  1.00 0.42 ? 16 CYS N H    1 
ATOM   232 H  HA   . CYS A 1 16 ? -3.335 -2.456 -3.948  1.00 0.65 ? 16 CYS N HA   1 
ATOM   233 H  HB2  . CYS A 1 16 ? -1.861 -2.145 -1.917  1.00 0.49 ? 16 CYS N HB2  1 
ATOM   234 H  HB3  . CYS A 1 16 ? -1.008 -3.582 -2.412  1.00 0.73 ? 16 CYS N HB3  1 
ATOM   235 N  N    . ARG A 1 17 ? -1.654 -3.998 -5.387  1.00 1.46 ? 17 ARG N N    1 
ATOM   236 C  CA   . ARG A 1 17 ? -1.251 -5.002 -6.414  1.00 1.92 ? 17 ARG N CA   1 
ATOM   237 C  C    . ARG A 1 17 ? 0.204  -4.767 -6.835  1.00 2.24 ? 17 ARG N C    1 
ATOM   238 O  O    . ARG A 1 17 ? 0.454  -4.911 -8.021  1.00 2.70 ? 17 ARG N O    1 
ATOM   239 C  CB   . ARG A 1 17 ? -2.165 -4.870 -7.638  1.00 2.93 ? 17 ARG N CB   1 
ATOM   240 C  CG   . ARG A 1 17 ? -3.570 -4.436 -7.187  1.00 3.51 ? 17 ARG N CG   1 
ATOM   241 C  CD   . ARG A 1 17 ? -4.511 -4.404 -8.396  1.00 4.69 ? 17 ARG N CD   1 
ATOM   242 N  NE   . ARG A 1 17 ? -5.795 -5.062 -8.021  1.00 5.39 ? 17 ARG N NE   1 
ATOM   243 C  CZ   . ARG A 1 17 ? -6.855 -4.329 -7.821  1.00 6.36 ? 17 ARG N CZ   1 
ATOM   244 N  NH1  . ARG A 1 17 ? -7.527 -3.895 -8.855  1.00 7.05 ? 17 ARG N NH1  1 
ATOM   245 N  NH2  . ARG A 1 17 ? -7.212 -4.054 -6.598  1.00 6.86 ? 17 ARG N NH2  1 
ATOM   246 O  OXT  . ARG A 1 17 ? 0.980  -4.456 -5.948  1.00 2.72 ? 17 ARG N OXT  1 
ATOM   247 H  H    . ARG A 1 17 ? -1.301 -3.084 -5.424  1.00 1.81 ? 17 ARG N H    1 
ATOM   248 H  HA   . ARG A 1 17 ? -1.347 -5.991 -6.002  1.00 1.94 ? 17 ARG N HA   1 
ATOM   249 H  HB2  . ARG A 1 17 ? -1.760 -4.134 -8.315  1.00 3.38 ? 17 ARG N HB2  1 
ATOM   250 H  HB3  . ARG A 1 17 ? -2.224 -5.822 -8.145  1.00 3.36 ? 17 ARG N HB3  1 
ATOM   251 H  HG2  . ARG A 1 17 ? -3.946 -5.132 -6.453  1.00 3.61 ? 17 ARG N HG2  1 
ATOM   252 H  HG3  . ARG A 1 17 ? -3.521 -3.451 -6.747  1.00 3.54 ? 17 ARG N HG3  1 
ATOM   253 H  HD2  . ARG A 1 17 ? -4.705 -3.383 -8.684  1.00 4.95 ? 17 ARG N HD2  1 
ATOM   254 H  HD3  . ARG A 1 17 ? -4.069 -4.932 -9.227  1.00 5.16 ? 17 ARG N HD3  1 
ATOM   255 H  HE   . ARG A 1 17 ? -5.841 -6.037 -7.927  1.00 5.35 ? 17 ARG N HE   1 
ATOM   256 H  HH11 . ARG A 1 17 ? -7.224 -4.126 -9.780  1.00 6.91 ? 17 ARG N HH11 1 
ATOM   257 H  HH12 . ARG A 1 17 ? -8.342 -3.332 -8.721  1.00 7.86 ? 17 ARG N HH12 1 
ATOM   258 H  HH21 . ARG A 1 17 ? -6.674 -4.403 -5.830  1.00 6.59 ? 17 ARG N HH21 1 
ATOM   259 H  HH22 . ARG A 1 17 ? -8.022 -3.492 -6.425  1.00 7.67 ? 17 ARG N HH22 1 
ATOM   260 N  N    . LYS B 2 1  ? 4.974  4.887  7.633   1.00 2.57 ? 22 LYS C N    1 
ATOM   261 C  CA   . LYS B 2 1  ? 4.342  3.575  7.311   1.00 1.95 ? 22 LYS C CA   1 
ATOM   262 C  C    . LYS B 2 1  ? 3.358  3.754  6.154   1.00 1.48 ? 22 LYS C C    1 
ATOM   263 O  O    . LYS B 2 1  ? 2.775  4.807  5.986   1.00 1.72 ? 22 LYS C O    1 
ATOM   264 C  CB   . LYS B 2 1  ? 3.589  3.025  8.525   1.00 2.56 ? 22 LYS C CB   1 
ATOM   265 C  CG   . LYS B 2 1  ? 4.443  1.954  9.219   1.00 3.25 ? 22 LYS C CG   1 
ATOM   266 C  CD   . LYS B 2 1  ? 3.964  1.783  10.667  1.00 4.06 ? 22 LYS C CD   1 
ATOM   267 C  CE   . LYS B 2 1  ? 4.351  3.018  11.499  1.00 4.84 ? 22 LYS C CE   1 
ATOM   268 N  NZ   . LYS B 2 1  ? 5.108  2.608  12.713  1.00 5.42 ? 22 LYS C NZ   1 
ATOM   269 H  H1   . LYS B 2 1  ? 5.173  5.402  6.751   1.00 2.97 ? 22 LYS C H1   1 
ATOM   270 H  H2   . LYS B 2 1  ? 5.861  4.726  8.149   1.00 2.82 ? 22 LYS C H2   1 
ATOM   271 H  H3   . LYS B 2 1  ? 4.326  5.448  8.223   1.00 2.92 ? 22 LYS C H3   1 
ATOM   272 H  HA   . LYS B 2 1  ? 5.105  2.876  7.016   1.00 2.08 ? 22 LYS C HA   1 
ATOM   273 H  HB2  . LYS B 2 1  ? 3.378  3.827  9.215   1.00 2.88 ? 22 LYS C HB2  1 
ATOM   274 H  HB3  . LYS B 2 1  ? 2.655  2.586  8.202   1.00 2.89 ? 22 LYS C HB3  1 
ATOM   275 H  HG2  . LYS B 2 1  ? 4.337  1.016  8.694   1.00 3.40 ? 22 LYS C HG2  1 
ATOM   276 H  HG3  . LYS B 2 1  ? 5.483  2.247  9.208   1.00 3.60 ? 22 LYS C HG3  1 
ATOM   277 H  HD2  . LYS B 2 1  ? 2.891  1.664  10.679  1.00 4.25 ? 22 LYS C HD2  1 
ATOM   278 H  HD3  . LYS B 2 1  ? 4.420  0.903  11.096  1.00 4.36 ? 22 LYS C HD3  1 
ATOM   279 H  HE2  . LYS B 2 1  ? 4.964  3.684  10.913  1.00 5.12 ? 22 LYS C HE2  1 
ATOM   280 H  HE3  . LYS B 2 1  ? 3.457  3.541  11.804  1.00 5.15 ? 22 LYS C HE3  1 
ATOM   281 H  HZ1  . LYS B 2 1  ? 5.275  3.440  13.315  1.00 5.90 ? 22 LYS C HZ1  1 
ATOM   282 H  HZ2  . LYS B 2 1  ? 4.559  1.902  13.243  1.00 5.49 ? 22 LYS C HZ2  1 
ATOM   283 H  HZ3  . LYS B 2 1  ? 6.021  2.197  12.431  1.00 5.64 ? 22 LYS C HZ3  1 
ATOM   284 N  N    . GLY B 2 2  ? 3.195  2.719  5.383   1.00 1.14 ? 23 GLY C N    1 
ATOM   285 C  CA   . GLY B 2 2  ? 2.257  2.803  4.235   1.00 0.79 ? 23 GLY C CA   1 
ATOM   286 C  C    . GLY B 2 2  ? 2.139  1.443  3.549   1.00 0.61 ? 23 GLY C C    1 
ATOM   287 O  O    . GLY B 2 2  ? 1.823  0.452  4.179   1.00 0.73 ? 23 GLY C O    1 
ATOM   288 H  H    . GLY B 2 2  ? 3.688  1.890  5.559   1.00 1.43 ? 23 GLY C H    1 
ATOM   289 H  HA2  . GLY B 2 2  ? 1.284  3.110  4.590   1.00 1.00 ? 23 GLY C HA2  1 
ATOM   290 H  HA3  . GLY B 2 2  ? 2.624  3.530  3.526   1.00 0.87 ? 23 GLY C HA3  1 
ATOM   291 N  N    . CYS B 2 3  ? 2.397  1.429  2.271   1.00 0.47 ? 24 CYS C N    1 
ATOM   292 C  CA   . CYS B 2 3  ? 2.307  0.148  1.509   1.00 0.33 ? 24 CYS C CA   1 
ATOM   293 C  C    . CYS B 2 3  ? 3.704  -0.379 1.192   1.00 0.29 ? 24 CYS C C    1 
ATOM   294 O  O    . CYS B 2 3  ? 4.556  0.351  0.728   1.00 0.48 ? 24 CYS C O    1 
ATOM   295 C  CB   . CYS B 2 3  ? 1.559  0.410  0.213   1.00 0.33 ? 24 CYS C CB   1 
ATOM   296 S  SG   . CYS B 2 3  ? 1.654  -0.843 -1.087  1.00 0.32 ? 24 CYS C SG   1 
ATOM   297 H  H    . CYS B 2 3  ? 2.649  2.257  1.811   1.00 0.53 ? 24 CYS C H    1 
ATOM   298 H  HA   . CYS B 2 3  ? 1.770  -0.582 2.089   1.00 0.42 ? 24 CYS C HA   1 
ATOM   299 H  HB2  . CYS B 2 3  ? 0.515  0.549  0.454   1.00 0.45 ? 24 CYS C HB2  1 
ATOM   300 H  HB3  . CYS B 2 3  ? 1.923  1.337  -0.201  1.00 0.41 ? 24 CYS C HB3  1 
ATOM   301 N  N    . TRP B 2 4  ? 3.912  -1.638 1.447   1.00 0.26 ? 25 TRP C N    1 
ATOM   302 C  CA   . TRP B 2 4  ? 5.247  -2.228 1.159   1.00 0.40 ? 25 TRP C CA   1 
ATOM   303 C  C    . TRP B 2 4  ? 5.285  -2.768 -0.273  1.00 0.35 ? 25 TRP C C    1 
ATOM   304 O  O    . TRP B 2 4  ? 6.273  -3.334 -0.699  1.00 0.42 ? 25 TRP C O    1 
ATOM   305 C  CB   . TRP B 2 4  ? 5.515  -3.359 2.140   1.00 0.61 ? 25 TRP C CB   1 
ATOM   306 C  CG   . TRP B 2 4  ? 6.709  -2.978 3.017   1.00 0.88 ? 25 TRP C CG   1 
ATOM   307 C  CD1  . TRP B 2 4  ? 6.601  -2.365 4.188   1.00 1.00 ? 25 TRP C CD1  1 
ATOM   308 C  CD2  . TRP B 2 4  ? 7.975  -3.204 2.718   1.00 1.14 ? 25 TRP C CD2  1 
ATOM   309 N  NE1  . TRP B 2 4  ? 7.872  -2.229 4.596   1.00 1.31 ? 25 TRP C NE1  1 
ATOM   310 C  CE2  . TRP B 2 4  ? 8.804  -2.734 3.722   1.00 1.42 ? 25 TRP C CE2  1 
ATOM   311 C  CE3  . TRP B 2 4  ? 8.529  -3.801 1.598   1.00 1.22 ? 25 TRP C CE3  1 
ATOM   312 C  CZ2  . TRP B 2 4  ? 10.173 -2.863 3.608   1.00 1.74 ? 25 TRP C CZ2  1 
ATOM   313 C  CZ3  . TRP B 2 4  ? 9.898  -3.928 1.487   1.00 1.55 ? 25 TRP C CZ3  1 
ATOM   314 C  CH2  . TRP B 2 4  ? 10.719 -3.460 2.492   1.00 1.80 ? 25 TRP C CH2  1 
ATOM   315 H  H    . TRP B 2 4  ? 3.196  -2.192 1.824   1.00 0.33 ? 25 TRP C H    1 
ATOM   316 H  HA   . TRP B 2 4  ? 6.003  -1.471 1.281   1.00 0.50 ? 25 TRP C HA   1 
ATOM   317 H  HB2  . TRP B 2 4  ? 4.648  -3.513 2.765   1.00 0.60 ? 25 TRP C HB2  1 
ATOM   318 H  HB3  . TRP B 2 4  ? 5.732  -4.269 1.605   1.00 0.75 ? 25 TRP C HB3  1 
ATOM   319 H  HD1  . TRP B 2 4  ? 5.706  -2.003 4.663   1.00 0.92 ? 25 TRP C HD1  1 
ATOM   320 H  HE1  . TRP B 2 4  ? 8.114  -1.807 5.445   1.00 1.49 ? 25 TRP C HE1  1 
ATOM   321 H  HE3  . TRP B 2 4  ? 7.892  -4.161 0.807   1.00 1.07 ? 25 TRP C HE3  1 
ATOM   322 H  HZ2  . TRP B 2 4  ? 10.817 -2.496 4.394   1.00 1.98 ? 25 TRP C HZ2  1 
ATOM   323 H  HZ3  . TRP B 2 4  ? 10.327 -4.394 0.613   1.00 1.64 ? 25 TRP C HZ3  1 
ATOM   324 H  HH2  . TRP B 2 4  ? 11.791 -3.559 2.403   1.00 2.06 ? 25 TRP C HH2  1 
ATOM   325 N  N    . LYS B 2 5  ? 4.204  -2.576 -0.987  1.00 0.35 ? 26 LYS C N    1 
ATOM   326 C  CA   . LYS B 2 5  ? 4.151  -3.076 -2.394  1.00 0.40 ? 26 LYS C CA   1 
ATOM   327 C  C    . LYS B 2 5  ? 4.428  -1.936 -3.383  1.00 0.37 ? 26 LYS C C    1 
ATOM   328 O  O    . LYS B 2 5  ? 5.469  -1.901 -4.009  1.00 0.54 ? 26 LYS C O    1 
ATOM   329 C  CB   . LYS B 2 5  ? 2.767  -3.669 -2.666  1.00 0.47 ? 26 LYS C CB   1 
ATOM   330 C  CG   . LYS B 2 5  ? 2.929  -5.094 -3.201  1.00 0.94 ? 26 LYS C CG   1 
ATOM   331 C  CD   . LYS B 2 5  ? 1.568  -5.615 -3.667  1.00 1.31 ? 26 LYS C CD   1 
ATOM   332 C  CE   . LYS B 2 5  ? 1.550  -7.139 -3.555  1.00 1.52 ? 26 LYS C CE   1 
ATOM   333 N  NZ   . LYS B 2 5  ? 0.409  -7.705 -4.329  1.00 2.16 ? 26 LYS C NZ   1 
ATOM   334 H  H    . LYS B 2 5  ? 3.434  -2.109 -0.601  1.00 0.44 ? 26 LYS C H    1 
ATOM   335 H  HA   . LYS B 2 5  ? 4.894  -3.844 -2.524  1.00 0.46 ? 26 LYS C HA   1 
ATOM   336 H  HB2  . LYS B 2 5  ? 2.195  -3.689 -1.750  1.00 0.87 ? 26 LYS C HB2  1 
ATOM   337 H  HB3  . LYS B 2 5  ? 2.247  -3.065 -3.395  1.00 0.81 ? 26 LYS C HB3  1 
ATOM   338 H  HG2  . LYS B 2 5  ? 3.621  -5.095 -4.032  1.00 1.56 ? 26 LYS C HG2  1 
ATOM   339 H  HG3  . LYS B 2 5  ? 3.313  -5.733 -2.420  1.00 1.47 ? 26 LYS C HG3  1 
ATOM   340 H  HD2  . LYS B 2 5  ? 0.790  -5.199 -3.045  1.00 1.96 ? 26 LYS C HD2  1 
ATOM   341 H  HD3  . LYS B 2 5  ? 1.397  -5.322 -4.693  1.00 1.93 ? 26 LYS C HD3  1 
ATOM   342 H  HE2  . LYS B 2 5  ? 2.475  -7.544 -3.939  1.00 1.90 ? 26 LYS C HE2  1 
ATOM   343 H  HE3  . LYS B 2 5  ? 1.444  -7.423 -2.519  1.00 1.92 ? 26 LYS C HE3  1 
ATOM   344 H  HZ1  . LYS B 2 5  ? 0.428  -8.743 -4.268  1.00 2.53 ? 26 LYS C HZ1  1 
ATOM   345 H  HZ2  . LYS B 2 5  ? 0.487  -7.416 -5.325  1.00 2.55 ? 26 LYS C HZ2  1 
ATOM   346 H  HZ3  . LYS B 2 5  ? -0.486 -7.351 -3.935  1.00 2.62 ? 26 LYS C HZ3  1 
ATOM   347 N  N    . CYS B 2 6  ? 3.494  -1.024 -3.503  1.00 0.34 ? 27 CYS C N    1 
ATOM   348 C  CA   . CYS B 2 6  ? 3.701  0.106  -4.457  1.00 0.38 ? 27 CYS C CA   1 
ATOM   349 C  C    . CYS B 2 6  ? 4.334  1.316  -3.740  1.00 0.39 ? 27 CYS C C    1 
ATOM   350 O  O    . CYS B 2 6  ? 4.998  2.122  -4.363  1.00 0.62 ? 27 CYS C O    1 
ATOM   351 C  CB   . CYS B 2 6  ? 2.362  0.484  -5.100  1.00 0.41 ? 27 CYS C CB   1 
ATOM   352 S  SG   . CYS B 2 6  ? 1.131  1.325  -4.083  1.00 0.38 ? 27 CYS C SG   1 
ATOM   353 H  H    . CYS B 2 6  ? 2.671  -1.083 -2.974  1.00 0.44 ? 27 CYS C H    1 
ATOM   354 H  HA   . CYS B 2 6  ? 4.375  -0.221 -5.233  1.00 0.44 ? 27 CYS C HA   1 
ATOM   355 H  HB2  . CYS B 2 6  ? 2.568  1.118  -5.949  1.00 0.47 ? 27 CYS C HB2  1 
ATOM   356 H  HB3  . CYS B 2 6  ? 1.906  -0.421 -5.476  1.00 0.44 ? 27 CYS C HB3  1 
ATOM   357 N  N    . GLY B 2 7  ? 4.113  1.420  -2.447  1.00 0.37 ? 28 GLY C N    1 
ATOM   358 C  CA   . GLY B 2 7  ? 4.741  2.550  -1.677  1.00 0.43 ? 28 GLY C CA   1 
ATOM   359 C  C    . GLY B 2 7  ? 3.739  3.663  -1.328  1.00 0.40 ? 28 GLY C C    1 
ATOM   360 O  O    . GLY B 2 7  ? 3.884  4.319  -0.315  1.00 0.75 ? 28 GLY C O    1 
ATOM   361 H  H    . GLY B 2 7  ? 3.544  0.767  -1.989  1.00 0.47 ? 28 GLY C H    1 
ATOM   362 H  HA2  . GLY B 2 7  ? 5.155  2.157  -0.760  1.00 0.49 ? 28 GLY C HA2  1 
ATOM   363 H  HA3  . GLY B 2 7  ? 5.543  2.974  -2.263  1.00 0.53 ? 28 GLY C HA3  1 
ATOM   364 N  N    . LYS B 2 8  ? 2.757  3.864  -2.167  1.00 0.42 ? 29 LYS C N    1 
ATOM   365 C  CA   . LYS B 2 8  ? 1.755  4.952  -1.885  1.00 0.39 ? 29 LYS C CA   1 
ATOM   366 C  C    . LYS B 2 8  ? 1.376  4.960  -0.399  1.00 0.37 ? 29 LYS C C    1 
ATOM   367 O  O    . LYS B 2 8  ? 0.912  3.969  0.130   1.00 0.53 ? 29 LYS C O    1 
ATOM   368 C  CB   . LYS B 2 8  ? 0.478  4.689  -2.716  1.00 0.49 ? 29 LYS C CB   1 
ATOM   369 C  CG   . LYS B 2 8  ? 0.172  5.830  -3.728  1.00 0.96 ? 29 LYS C CG   1 
ATOM   370 C  CD   . LYS B 2 8  ? 0.408  5.317  -5.155  1.00 1.43 ? 29 LYS C CD   1 
ATOM   371 C  CE   . LYS B 2 8  ? -0.053 6.381  -6.151  1.00 1.84 ? 29 LYS C CE   1 
ATOM   372 N  NZ   . LYS B 2 8  ? 0.740  7.630  -5.986  1.00 2.80 ? 29 LYS C NZ   1 
ATOM   373 H  H    . LYS B 2 8  ? 2.676  3.314  -2.972  1.00 0.73 ? 29 LYS C H    1 
ATOM   374 H  HA   . LYS B 2 8  ? 2.183  5.893  -2.145  1.00 0.42 ? 29 LYS C HA   1 
ATOM   375 H  HB2  . LYS B 2 8  ? 0.601  3.772  -3.248  1.00 0.58 ? 29 LYS C HB2  1 
ATOM   376 H  HB3  . LYS B 2 8  ? -0.361 4.582  -2.044  1.00 0.60 ? 29 LYS C HB3  1 
ATOM   377 H  HG2  . LYS B 2 8  ? -0.861 6.126  -3.624  1.00 1.65 ? 29 LYS C HG2  1 
ATOM   378 H  HG3  . LYS B 2 8  ? 0.794  6.688  -3.547  1.00 1.48 ? 29 LYS C HG3  1 
ATOM   379 H  HD2  . LYS B 2 8  ? 1.457  5.112  -5.301  1.00 1.91 ? 29 LYS C HD2  1 
ATOM   380 H  HD3  . LYS B 2 8  ? -0.157 4.409  -5.317  1.00 2.02 ? 29 LYS C HD3  1 
ATOM   381 H  HE2  . LYS B 2 8  ? 0.074  6.012  -7.159  1.00 2.06 ? 29 LYS C HE2  1 
ATOM   382 H  HE3  . LYS B 2 8  ? -1.098 6.603  -5.987  1.00 1.92 ? 29 LYS C HE3  1 
ATOM   383 H  HZ1  . LYS B 2 8  ? 1.435  7.703  -6.755  1.00 3.19 ? 29 LYS C HZ1  1 
ATOM   384 H  HZ2  . LYS B 2 8  ? 1.234  7.608  -5.072  1.00 3.26 ? 29 LYS C HZ2  1 
ATOM   385 H  HZ3  . LYS B 2 8  ? 0.103  8.451  -6.015  1.00 3.15 ? 29 LYS C HZ3  1 
ATOM   386 N  N    . GLU B 2 9  ? 1.583  6.078  0.245   1.00 0.41 ? 30 GLU C N    1 
ATOM   387 C  CA   . GLU B 2 9  ? 1.225  6.160  1.679   1.00 0.50 ? 30 GLU C CA   1 
ATOM   388 C  C    . GLU B 2 9  ? -0.275 6.510  1.810   1.00 0.48 ? 30 GLU C C    1 
ATOM   389 O  O    . GLU B 2 9  ? -0.685 7.644  1.692   1.00 0.83 ? 30 GLU C O    1 
ATOM   390 C  CB   . GLU B 2 9  ? 2.175  7.183  2.382   1.00 0.71 ? 30 GLU C CB   1 
ATOM   391 C  CG   . GLU B 2 9  ? 1.421  8.375  3.003   1.00 1.37 ? 30 GLU C CG   1 
ATOM   392 C  CD   . GLU B 2 9  ? 2.398  9.176  3.867   1.00 1.88 ? 30 GLU C CD   1 
ATOM   393 O  OE1  . GLU B 2 9  ? 3.122  9.960  3.278   1.00 2.38 ? 30 GLU C OE1  1 
ATOM   394 O  OE2  . GLU B 2 9  ? 2.364  8.955  5.066   1.00 2.35 ? 30 GLU C OE2  1 
ATOM   395 H  H    . GLU B 2 9  ? 1.972  6.844  -0.207  1.00 0.55 ? 30 GLU C H    1 
ATOM   396 H  HA   . GLU B 2 9  ? 1.384  5.193  2.111   1.00 0.55 ? 30 GLU C HA   1 
ATOM   397 H  HB2  . GLU B 2 9  ? 2.722  6.672  3.160   1.00 1.35 ? 30 GLU C HB2  1 
ATOM   398 H  HB3  . GLU B 2 9  ? 2.884  7.556  1.657   1.00 1.29 ? 30 GLU C HB3  1 
ATOM   399 H  HG2  . GLU B 2 9  ? 1.039  9.017  2.225   1.00 1.99 ? 30 GLU C HG2  1 
ATOM   400 H  HG3  . GLU B 2 9  ? 0.609  8.030  3.624   1.00 2.03 ? 30 GLU C HG3  1 
ATOM   401 N  N    . GLY B 2 10 ? -1.058 5.490  2.011   1.00 0.36 ? 31 GLY C N    1 
ATOM   402 C  CA   . GLY B 2 10 ? -2.529 5.686  2.152   1.00 0.40 ? 31 GLY C CA   1 
ATOM   403 C  C    . GLY B 2 10 ? -3.171 4.342  2.478   1.00 0.44 ? 31 GLY C C    1 
ATOM   404 O  O    . GLY B 2 10 ? -3.704 4.145  3.552   1.00 0.82 ? 31 GLY C O    1 
ATOM   405 H  H    . GLY B 2 10 ? -0.679 4.588  2.069   1.00 0.57 ? 31 GLY C H    1 
ATOM   406 H  HA2  . GLY B 2 10 ? -2.726 6.386  2.951   1.00 0.45 ? 31 GLY C HA2  1 
ATOM   407 H  HA3  . GLY B 2 10 ? -2.935 6.067  1.226   1.00 0.42 ? 31 GLY C HA3  1 
ATOM   408 N  N    . HIS B 2 11 ? -3.105 3.444  1.534   1.00 0.37 ? 32 HIS C N    1 
ATOM   409 C  CA   . HIS B 2 11 ? -3.665 2.087  1.771   1.00 0.41 ? 32 HIS C CA   1 
ATOM   410 C  C    . HIS B 2 11 ? -2.527 1.176  2.259   1.00 0.46 ? 32 HIS C C    1 
ATOM   411 O  O    . HIS B 2 11 ? -1.368 1.465  2.040   1.00 0.83 ? 32 HIS C O    1 
ATOM   412 C  CB   . HIS B 2 11 ? -4.259 1.543  0.462   1.00 0.46 ? 32 HIS C CB   1 
ATOM   413 C  CG   . HIS B 2 11 ? -3.143 1.384  -0.568  1.00 0.44 ? 32 HIS C CG   1 
ATOM   414 N  ND1  . HIS B 2 11 ? -2.764 2.278  -1.361  1.00 0.54 ? 32 HIS C ND1  1 
ATOM   415 C  CD2  . HIS B 2 11 ? -2.303 0.315  -0.792  1.00 0.39 ? 32 HIS C CD2  1 
ATOM   416 C  CE1  . HIS B 2 11 ? -1.772 1.887  -2.053  1.00 0.53 ? 32 HIS C CE1  1 
ATOM   417 N  NE2  . HIS B 2 11 ? -1.408 0.644  -1.754  1.00 0.40 ? 32 HIS C NE2  1 
ATOM   418 H  H    . HIS B 2 11 ? -2.688 3.662  0.674   1.00 0.60 ? 32 HIS C H    1 
ATOM   419 H  HA   . HIS B 2 11 ? -4.433 2.141  2.524   1.00 0.45 ? 32 HIS C HA   1 
ATOM   420 H  HB2  . HIS B 2 11 ? -4.720 0.583  0.640   1.00 0.51 ? 32 HIS C HB2  1 
ATOM   421 H  HB3  . HIS B 2 11 ? -5.001 2.230  0.082   1.00 0.48 ? 32 HIS C HB3  1 
ATOM   422 H  HD1  . HIS B 2 11 ? -3.179 3.162  -1.439  1.00 0.64 ? 32 HIS C HD1  1 
ATOM   423 H  HD2  . HIS B 2 11 ? -2.382 -0.647 -0.317  1.00 0.46 ? 32 HIS C HD2  1 
ATOM   424 H  HE1  . HIS B 2 11 ? -1.289 2.490  -2.804  1.00 0.64 ? 32 HIS C HE1  1 
ATOM   425 N  N    . GLN B 2 12 ? -2.871 0.104  2.910   1.00 0.42 ? 33 GLN C N    1 
ATOM   426 C  CA   . GLN B 2 12 ? -1.802 -0.808 3.431   1.00 0.43 ? 33 GLN C CA   1 
ATOM   427 C  C    . GLN B 2 12 ? -1.252 -1.699 2.309   1.00 0.49 ? 33 GLN C C    1 
ATOM   428 O  O    . GLN B 2 12 ? -0.826 -1.212 1.284   1.00 1.12 ? 33 GLN C O    1 
ATOM   429 C  CB   . GLN B 2 12 ? -2.399 -1.675 4.536   1.00 0.47 ? 33 GLN C CB   1 
ATOM   430 C  CG   . GLN B 2 12 ? -3.291 -0.799 5.417   1.00 1.21 ? 33 GLN C CG   1 
ATOM   431 C  CD   . GLN B 2 12 ? -3.530 -1.501 6.753   1.00 1.57 ? 33 GLN C CD   1 
ATOM   432 O  OE1  . GLN B 2 12 ? -3.680 -2.705 6.817   1.00 1.85 ? 33 GLN C OE1  1 
ATOM   433 N  NE2  . GLN B 2 12 ? -3.577 -0.785 7.843   1.00 2.42 ? 33 GLN C NE2  1 
ATOM   434 H  H    . GLN B 2 12 ? -3.817 -0.106 3.055   1.00 0.70 ? 33 GLN C H    1 
ATOM   435 H  HA   . GLN B 2 12 ? -1.000 -0.218 3.840   1.00 0.48 ? 33 GLN C HA   1 
ATOM   436 H  HB2  . GLN B 2 12 ? -2.988 -2.468 4.101   1.00 0.91 ? 33 GLN C HB2  1 
ATOM   437 H  HB3  . GLN B 2 12 ? -1.608 -2.105 5.131   1.00 1.04 ? 33 GLN C HB3  1 
ATOM   438 H  HG2  . GLN B 2 12 ? -2.811 0.151  5.595   1.00 1.91 ? 33 GLN C HG2  1 
ATOM   439 H  HG3  . GLN B 2 12 ? -4.239 -0.633 4.926   1.00 1.80 ? 33 GLN C HG3  1 
ATOM   440 H  HE21 . GLN B 2 12 ? -3.459 0.186  7.796   1.00 2.84 ? 33 GLN C HE21 1 
ATOM   441 H  HE22 . GLN B 2 12 ? -3.731 -1.220 8.707   1.00 2.88 ? 33 GLN C HE22 1 
ATOM   442 N  N    . MET B 2 13 ? -1.242 -2.982 2.552   1.00 0.52 ? 34 MET C N    1 
ATOM   443 C  CA   . MET B 2 13 ? -0.750 -3.935 1.518   1.00 0.48 ? 34 MET C CA   1 
ATOM   444 C  C    . MET B 2 13 ? -1.781 -5.049 1.341   1.00 0.49 ? 34 MET C C    1 
ATOM   445 O  O    . MET B 2 13 ? -1.469 -6.130 0.883   1.00 0.87 ? 34 MET C O    1 
ATOM   446 C  CB   . MET B 2 13 ? 0.588  -4.523 1.963   1.00 0.52 ? 34 MET C CB   1 
ATOM   447 C  CG   . MET B 2 13 ? 0.511  -4.949 3.432   1.00 1.02 ? 34 MET C CG   1 
ATOM   448 S  SD   . MET B 2 13 ? 1.981  -5.736 4.140   1.00 1.88 ? 34 MET C SD   1 
ATOM   449 C  CE   . MET B 2 13 ? 1.148  -6.615 5.484   1.00 2.04 ? 34 MET C CE   1 
ATOM   450 H  H    . MET B 2 13 ? -1.544 -3.319 3.416   1.00 1.01 ? 34 MET C H    1 
ATOM   451 H  HA   . MET B 2 13 ? -0.622 -3.418 0.582   1.00 0.49 ? 34 MET C HA   1 
ATOM   452 H  HB2  . MET B 2 13 ? 0.824  -5.380 1.352   1.00 0.74 ? 34 MET C HB2  1 
ATOM   453 H  HB3  . MET B 2 13 ? 1.363  -3.782 1.844   1.00 0.87 ? 34 MET C HB3  1 
ATOM   454 H  HG2  . MET B 2 13 ? 0.292  -4.075 4.026   1.00 1.53 ? 34 MET C HG2  1 
ATOM   455 H  HG3  . MET B 2 13 ? -0.315 -5.636 3.541   1.00 1.36 ? 34 MET C HG3  1 
ATOM   456 H  HE1  . MET B 2 13 ? 0.672  -5.902 6.140   1.00 2.28 ? 34 MET C HE1  1 
ATOM   457 H  HE2  . MET B 2 13 ? 1.873  -7.190 6.041   1.00 2.21 ? 34 MET C HE2  1 
ATOM   458 H  HE3  . MET B 2 13 ? 0.403  -7.280 5.072   1.00 2.54 ? 34 MET C HE3  1 
ATOM   459 N  N    . LYS B 2 14 ? -2.995 -4.748 1.717   1.00 0.54 ? 35 LYS C N    1 
ATOM   460 C  CA   . LYS B 2 14 ? -4.086 -5.754 1.590   1.00 0.56 ? 35 LYS C CA   1 
ATOM   461 C  C    . LYS B 2 14 ? -4.938 -5.443 0.355   1.00 0.60 ? 35 LYS C C    1 
ATOM   462 O  O    . LYS B 2 14 ? -5.288 -6.329 -0.401  1.00 0.89 ? 35 LYS C O    1 
ATOM   463 C  CB   . LYS B 2 14 ? -4.981 -5.675 2.837   1.00 0.86 ? 35 LYS C CB   1 
ATOM   464 C  CG   . LYS B 2 14 ? -4.839 -6.944 3.691   1.00 1.50 ? 35 LYS C CG   1 
ATOM   465 C  CD   . LYS B 2 14 ? -5.974 -6.965 4.722   1.00 1.63 ? 35 LYS C CD   1 
ATOM   466 C  CE   . LYS B 2 14 ? -5.488 -7.632 6.011   1.00 2.63 ? 35 LYS C CE   1 
ATOM   467 N  NZ   . LYS B 2 14 ? -6.635 -8.238 6.744   1.00 3.28 ? 35 LYS C NZ   1 
ATOM   468 H  H    . LYS B 2 14 ? -3.188 -3.858 2.080   1.00 0.84 ? 35 LYS C H    1 
ATOM   469 H  HA   . LYS B 2 14 ? -3.663 -6.736 1.502   1.00 0.59 ? 35 LYS C HA   1 
ATOM   470 H  HB2  . LYS B 2 14 ? -4.696 -4.814 3.426   1.00 1.34 ? 35 LYS C HB2  1 
ATOM   471 H  HB3  . LYS B 2 14 ? -6.011 -5.562 2.532   1.00 0.98 ? 35 LYS C HB3  1 
ATOM   472 H  HG2  . LYS B 2 14 ? -4.908 -7.822 3.067   1.00 2.03 ? 35 LYS C HG2  1 
ATOM   473 H  HG3  . LYS B 2 14 ? -3.885 -6.938 4.197   1.00 2.21 ? 35 LYS C HG3  1 
ATOM   474 H  HD2  . LYS B 2 14 ? -6.287 -5.954 4.935   1.00 1.92 ? 35 LYS C HD2  1 
ATOM   475 H  HD3  . LYS B 2 14 ? -6.813 -7.517 4.324   1.00 1.78 ? 35 LYS C HD3  1 
ATOM   476 H  HE2  . LYS B 2 14 ? -4.773 -8.406 5.775   1.00 3.19 ? 35 LYS C HE2  1 
ATOM   477 H  HE3  . LYS B 2 14 ? -5.015 -6.896 6.644   1.00 2.94 ? 35 LYS C HE3  1 
ATOM   478 H  HZ1  . LYS B 2 14 ? -7.300 -8.657 6.062   1.00 3.61 ? 35 LYS C HZ1  1 
ATOM   479 H  HZ2  . LYS B 2 14 ? -7.122 -7.504 7.296   1.00 3.64 ? 35 LYS C HZ2  1 
ATOM   480 H  HZ3  . LYS B 2 14 ? -6.285 -8.979 7.386   1.00 3.54 ? 35 LYS C HZ3  1 
ATOM   481 N  N    . ASP B 2 15 ? -5.247 -4.183 0.182   1.00 0.63 ? 36 ASP C N    1 
ATOM   482 C  CA   . ASP B 2 15 ? -6.089 -3.772 -0.984  1.00 0.84 ? 36 ASP C CA   1 
ATOM   483 C  C    . ASP B 2 15 ? -5.251 -3.004 -2.015  1.00 0.65 ? 36 ASP C C    1 
ATOM   484 O  O    . ASP B 2 15 ? -5.646 -1.952 -2.478  1.00 0.80 ? 36 ASP C O    1 
ATOM   485 C  CB   . ASP B 2 15 ? -7.220 -2.874 -0.476  1.00 1.29 ? 36 ASP C CB   1 
ATOM   486 C  CG   . ASP B 2 15 ? -8.455 -3.062 -1.356  1.00 1.53 ? 36 ASP C CG   1 
ATOM   487 O  OD1  . ASP B 2 15 ? -8.251 -3.227 -2.547  1.00 2.11 ? 36 ASP C OD1  1 
ATOM   488 O  OD2  . ASP B 2 15 ? -9.534 -3.032 -0.787  1.00 2.05 ? 36 ASP C OD2  1 
ATOM   489 H  H    . ASP B 2 15 ? -4.926 -3.508 0.817   1.00 0.76 ? 36 ASP C H    1 
ATOM   490 H  HA   . ASP B 2 15 ? -6.512 -4.644 -1.448  1.00 0.99 ? 36 ASP C HA   1 
ATOM   491 H  HB2  . ASP B 2 15 ? -7.465 -3.139 0.543   1.00 1.82 ? 36 ASP C HB2  1 
ATOM   492 H  HB3  . ASP B 2 15 ? -6.912 -1.840 -0.510  1.00 1.77 ? 36 ASP C HB3  1 
ATOM   493 N  N    . CYS B 2 16 ? -4.114 -3.552 -2.357  1.00 0.51 ? 37 CYS C N    1 
ATOM   494 C  CA   . CYS B 2 16 ? -3.238 -2.868 -3.360  1.00 0.49 ? 37 CYS C CA   1 
ATOM   495 C  C    . CYS B 2 16 ? -3.359 -3.551 -4.726  1.00 0.85 ? 37 CYS C C    1 
ATOM   496 O  O    . CYS B 2 16 ? -2.368 -3.913 -5.330  1.00 1.35 ? 37 CYS C O    1 
ATOM   497 C  CB   . CYS B 2 16 ? -1.786 -2.931 -2.889  1.00 0.64 ? 37 CYS C CB   1 
ATOM   498 S  SG   . CYS B 2 16 ? -0.556 -2.048 -3.882  1.00 0.51 ? 37 CYS C SG   1 
ATOM   499 H  H    . CYS B 2 16 ? -3.839 -4.406 -1.961  1.00 0.62 ? 37 CYS C H    1 
ATOM   500 H  HA   . CYS B 2 16 ? -3.534 -1.837 -3.451  1.00 0.65 ? 37 CYS C HA   1 
ATOM   501 H  HB2  . CYS B 2 16 ? -1.739 -2.539 -1.884  1.00 1.26 ? 37 CYS C HB2  1 
ATOM   502 H  HB3  . CYS B 2 16 ? -1.490 -3.970 -2.849  1.00 1.27 ? 37 CYS C HB3  1 
ATOM   503 N  N    . THR B 2 17 ? -4.570 -3.714 -5.183  1.00 1.38 ? 38 THR C N    1 
ATOM   504 C  CA   . THR B 2 17 ? -4.769 -4.365 -6.510  1.00 1.85 ? 38 THR C CA   1 
ATOM   505 C  C    . THR B 2 17 ? -4.742 -3.310 -7.619  1.00 2.17 ? 38 THR C C    1 
ATOM   506 O  O    . THR B 2 17 ? -5.042 -3.595 -8.762  1.00 2.66 ? 38 THR C O    1 
ATOM   507 C  CB   . THR B 2 17 ? -6.120 -5.086 -6.520  1.00 2.62 ? 38 THR C CB   1 
ATOM   508 O  OG1  . THR B 2 17 ? -7.055 -4.110 -6.069  1.00 3.04 ? 38 THR C OG1  1 
ATOM   509 C  CG2  . THR B 2 17 ? -6.168 -6.202 -5.481  1.00 3.23 ? 38 THR C CG2  1 
ATOM   510 H  H    . THR B 2 17 ? -5.341 -3.410 -4.660  1.00 1.69 ? 38 THR C H    1 
ATOM   511 H  HA   . THR B 2 17 ? -3.982 -5.082 -6.679  1.00 2.02 ? 38 THR C HA   1 
ATOM   512 H  HB   . THR B 2 17 ? -6.377 -5.451 -7.498  1.00 2.98 ? 38 THR C HB   1 
ATOM   513 H  HG1  . THR B 2 17 ? -6.614 -3.552 -5.424  1.00 3.20 ? 38 THR C HG1  1 
ATOM   514 H  HG21 . THR B 2 17 ? -5.618 -5.903 -4.601  1.00 3.41 ? 38 THR C HG21 1 
ATOM   515 H  HG22 . THR B 2 17 ? -5.729 -7.099 -5.888  1.00 3.65 ? 38 THR C HG22 1 
ATOM   516 H  HG23 . THR B 2 17 ? -7.194 -6.401 -5.207  1.00 3.59 ? 38 THR C HG23 1 
ATOM   517 N  N    . GLU B 2 18 ? -4.382 -2.109 -7.254  1.00 2.41 ? 39 GLU C N    1 
ATOM   518 C  CA   . GLU B 2 18 ? -4.328 -1.018 -8.269  1.00 3.24 ? 39 GLU C CA   1 
ATOM   519 C  C    . GLU B 2 18 ? -2.909 -0.893 -8.836  1.00 3.47 ? 39 GLU C C    1 
ATOM   520 O  O    . GLU B 2 18 ? -2.819 -0.748 -10.044 1.00 3.81 ? 39 GLU C O    1 
ATOM   521 C  CB   . GLU B 2 18 ? -4.729 0.300  -7.606  1.00 4.14 ? 39 GLU C CB   1 
ATOM   522 C  CG   . GLU B 2 18 ? -6.166 0.189  -7.091  1.00 4.65 ? 39 GLU C CG   1 
ATOM   523 C  CD   . GLU B 2 18 ? -6.159 0.211  -5.560  1.00 5.58 ? 39 GLU C CD   1 
ATOM   524 O  OE1  . GLU B 2 18 ? -5.526 1.112  -5.034  1.00 6.16 ? 39 GLU C OE1  1 
ATOM   525 O  OE2  . GLU B 2 18 ? -6.788 -0.674 -5.004  1.00 5.89 ? 39 GLU C OE2  1 
ATOM   526 O  OXT  . GLU B 2 18 ? -1.997 -0.950 -8.028  1.00 3.83 ? 39 GLU C OXT  1 
ATOM   527 H  H    . GLU B 2 18 ? -4.149 -1.927 -6.321  1.00 2.33 ? 39 GLU C H    1 
ATOM   528 H  HA   . GLU B 2 18 ? -5.014 -1.237 -9.069  1.00 3.52 ? 39 GLU C HA   1 
ATOM   529 H  HB2  . GLU B 2 18 ? -4.063 0.508  -6.781  1.00 4.84 ? 39 GLU C HB2  1 
ATOM   530 H  HB3  . GLU B 2 18 ? -4.663 1.103  -8.324  1.00 4.11 ? 39 GLU C HB3  1 
ATOM   531 H  HG2  . GLU B 2 18 ? -6.749 1.020  -7.455  1.00 4.94 ? 39 GLU C HG2  1 
ATOM   532 H  HG3  . GLU B 2 18 ? -6.608 -0.735 -7.432  1.00 4.48 ? 39 GLU C HG3  1 
HETATM 533 ZN ZN   . ZN  C 3 .  ? 0.267  0.035  -2.529  1.00 3.98 ? 60 ZN  N ZN   1 
HETATM 534 ZN ZN   . ZN  D 3 .  ? 0.143  -0.210 -2.685  1.00 0.37 ? 61 ZN  C ZN   1 
# 
